data_8DUA
#
_entry.id   8DUA
#
loop_
_entity.id
_entity.type
_entity.pdbx_description
1 polymer 'Envelope glycoprotein gp41'
2 polymer 'Envelope glycoprotein gp120'
3 polymer 'ITS92.02 Heavy Chain'
4 polymer 'ITS92.02 Light Chain'
5 branched beta-D-mannopyranose-(1-4)-2-acetamido-2-deoxy-beta-D-glucopyranose-(1-4)-2-acetamido-2-deoxy-beta-D-glucopyranose
6 branched alpha-D-mannopyranose-(1-3)-[alpha-D-mannopyranose-(1-6)]beta-D-mannopyranose-(1-4)-2-acetamido-2-deoxy-beta-D-glucopyranose-(1-4)-2-acetamido-2-deoxy-beta-D-glucopyranose
7 branched alpha-D-mannopyranose-(1-3)-beta-D-mannopyranose-(1-4)-2-acetamido-2-deoxy-beta-D-glucopyranose-(1-4)-2-acetamido-2-deoxy-beta-D-glucopyranose
8 non-polymer 2-acetamido-2-deoxy-beta-D-glucopyranose
#
loop_
_entity_poly.entity_id
_entity_poly.type
_entity_poly.pdbx_seq_one_letter_code
_entity_poly.pdbx_strand_id
1 'polypeptide(L)'
;GVFVLGFLGFLATAGSAMGAASLTLSAQSRTLLAGIVQQQQQLLDVPKRQQELLRLPVWGTKNLQTRVTAIEKYLKDQAQ
LNSWGCAFRQVCCTTVPWPNETLVPNWSNMTWQEWERQVDFLEANITQLLEEAQIQQEKNMYELQKLN
;
B,A,F
2 'polypeptide(L)'
;IQYVTVFYGVPAWKNATIPLFCATKNRDTWGTTQCLPDNDDYSELAINITEAFDAWNNTVTEQAIEDVWNLFETSIKPCV
KLTPLCIAMRCNKTETDRWGLTRNAGTTTTTTTTTTAATPSVAENVINESNPCIKNNSCAGLEQEPMIGCKFNMTGLKRD
KRIEYNETWYSRDLICEQSANESESKCYMHHCNTSVIQESCDKHYWDAIRFRYCAPPGYALLRCNDSNYSGFAPNCSKVV
VSSCTRMMETQTSTWFGFNGTRAENRTYIYWHGKSNRTIISLNKYYNLTMRCRRPGNKTVLPVTIMSGLVFHSQPINERP
KQAWCWFGGSWKEAIQEVKETLVKHPRYTGTNDTRKINLTAPAGGDPEVTFMWTNCRGEFLYCKMNWFLNWVEDRDQKSS
RWRQQNTRERQKKNYVPCHIRQIINTWHKVGKNVYLPPREGDLTCNSTVTSLIAEIDWTNNNETNITMSAEVAELYRLEL
GDYKLVEITPIGLAPTSCRRYTTTGASRRRRR
;
G,C,I
3 'polypeptide(L)'
;QVQLQESGPGLVKPSETLSLTCAVSGGSVSGNWWSWIRQPPGKGLEYIGRISGSDGTTYYRSSLKVTISRDTSKNQFSLR
LNSVTAADTAVYYCARKPTWDWFDVWGPGLLVTVSSASTKGPSVFPLAPSSKSTSGGTAALGCLVKDYFPEPVTVSWNSG
ALTSGVHTFPAVLQSSGLYSLSSVVTVPSSSLGTQTYICNVNHKPSNTKVDKKVEPKSCDKGLEVLFQ
;
H,D,J
4 'polypeptide(L)'
;DIQMTQSPSSLSASVGDRVTITCRASQGIDNYLNWYQQKPGKAPKRLIFAASSLHNGVPSRFSGSGSGTKFTLTISSLQP
EDLGTYYCLQYYSDPYTFGQGTKVEIKRTVAAPSVFIFPPSEDQVKSGTVSVVCLLNNFYPREASVKWKVDGALKTGNSQ
ESVTEQDSKDNTYSLSSTLTLSSTEYQSHKVYACEVTHQGLSSPVTKSFNRGEC
;
L,E,K
#
loop_
_chem_comp.id
_chem_comp.type
_chem_comp.name
_chem_comp.formula
BMA D-saccharide, beta linking beta-D-mannopyranose 'C6 H12 O6'
MAN D-saccharide, alpha linking alpha-D-mannopyranose 'C6 H12 O6'
NAG D-saccharide, beta linking 2-acetamido-2-deoxy-beta-D-glucopyranose 'C8 H15 N O6'
#
# COMPACT_ATOMS: atom_id res chain seq x y z
N VAL A 58 10.56 24.71 10.31
CA VAL A 58 10.17 25.32 9.05
C VAL A 58 8.81 24.78 8.63
N TRP A 59 7.96 25.68 8.13
CA TRP A 59 6.59 25.27 7.77
C TRP A 59 6.58 24.24 6.66
N GLY A 60 7.58 24.26 5.78
CA GLY A 60 7.65 23.23 4.75
C GLY A 60 7.78 21.85 5.34
N THR A 61 8.65 21.69 6.34
CA THR A 61 8.76 20.40 7.02
C THR A 61 7.49 20.06 7.79
N LYS A 62 6.76 21.08 8.25
CA LYS A 62 5.53 20.83 8.98
C LYS A 62 4.49 20.14 8.09
N ASN A 63 4.30 20.67 6.88
CA ASN A 63 3.31 20.09 5.98
C ASN A 63 3.73 18.68 5.54
N LEU A 64 5.02 18.51 5.20
CA LEU A 64 5.48 17.19 4.75
C LEU A 64 5.34 16.15 5.85
N GLN A 65 5.60 16.54 7.10
CA GLN A 65 5.55 15.58 8.20
C GLN A 65 4.15 15.02 8.37
N THR A 66 3.13 15.87 8.22
CA THR A 66 1.75 15.40 8.36
C THR A 66 1.40 14.38 7.28
N ARG A 67 1.80 14.65 6.04
CA ARG A 67 1.39 13.80 4.93
C ARG A 67 1.98 12.40 5.06
N VAL A 68 3.29 12.30 5.28
CA VAL A 68 3.94 11.00 5.33
C VAL A 68 3.41 10.19 6.50
N THR A 69 3.04 10.85 7.60
CA THR A 69 2.48 10.12 8.74
C THR A 69 1.17 9.45 8.35
N ALA A 70 0.34 10.11 7.54
CA ALA A 70 -0.92 9.52 7.13
C ALA A 70 -0.69 8.24 6.34
N ILE A 71 0.22 8.28 5.36
CA ILE A 71 0.57 7.07 4.63
C ILE A 71 1.21 6.05 5.56
N GLU A 72 2.12 6.50 6.44
CA GLU A 72 2.79 5.58 7.36
C GLU A 72 1.77 4.88 8.25
N LYS A 73 0.72 5.60 8.66
CA LYS A 73 -0.36 4.96 9.41
C LYS A 73 -1.25 4.13 8.50
N TYR A 74 -1.51 4.61 7.28
CA TYR A 74 -2.51 3.98 6.42
C TYR A 74 -2.11 2.55 6.07
N LEU A 75 -0.81 2.27 5.98
CA LEU A 75 -0.35 0.93 5.64
C LEU A 75 -0.01 0.09 6.87
N LYS A 76 0.33 0.72 7.99
CA LYS A 76 0.67 -0.03 9.19
C LYS A 76 -0.50 -0.88 9.65
N ASP A 77 -1.68 -0.27 9.75
CA ASP A 77 -2.88 -1.04 10.08
C ASP A 77 -3.18 -2.04 8.97
N GLN A 78 -3.02 -1.64 7.71
CA GLN A 78 -3.17 -2.56 6.60
C GLN A 78 -1.97 -3.49 6.46
N ALA A 79 -0.89 -3.26 7.20
CA ALA A 79 0.20 -4.22 7.31
C ALA A 79 -0.07 -5.23 8.42
N GLN A 80 -0.54 -4.77 9.57
CA GLN A 80 -0.99 -5.70 10.61
C GLN A 80 -2.14 -6.55 10.07
N LEU A 81 -3.12 -5.91 9.43
CA LEU A 81 -4.08 -6.63 8.63
C LEU A 81 -3.41 -7.07 7.33
N ASN A 82 -4.07 -7.98 6.61
CA ASN A 82 -3.61 -8.60 5.38
C ASN A 82 -2.54 -9.67 5.63
N SER A 83 -2.07 -9.83 6.87
CA SER A 83 -1.21 -10.94 7.24
C SER A 83 -1.95 -12.02 8.01
N TRP A 84 -3.09 -11.68 8.62
CA TRP A 84 -3.91 -12.68 9.31
C TRP A 84 -4.62 -13.59 8.31
N GLY A 85 -4.92 -13.09 7.12
CA GLY A 85 -5.63 -13.86 6.12
C GLY A 85 -6.63 -13.03 5.34
N CYS A 86 -7.11 -11.95 5.94
CA CYS A 86 -8.09 -11.07 5.31
C CYS A 86 -7.39 -9.79 4.85
N ALA A 87 -7.47 -9.52 3.55
CA ALA A 87 -6.76 -8.38 2.98
C ALA A 87 -7.56 -7.09 3.15
N PHE A 88 -8.75 -7.03 2.54
CA PHE A 88 -9.55 -5.82 2.57
C PHE A 88 -11.03 -6.10 2.82
N ARG A 89 -11.41 -7.35 3.11
CA ARG A 89 -12.80 -7.66 3.40
C ARG A 89 -13.22 -6.95 4.69
N GLN A 90 -14.38 -6.28 4.64
CA GLN A 90 -14.82 -5.50 5.79
C GLN A 90 -15.08 -6.39 6.99
N VAL A 91 -15.74 -7.53 6.79
CA VAL A 91 -16.02 -8.49 7.84
C VAL A 91 -15.69 -9.88 7.31
N CYS A 92 -14.95 -10.65 8.10
CA CYS A 92 -14.60 -12.00 7.74
C CYS A 92 -14.39 -12.82 9.01
N CYS A 93 -14.51 -14.14 8.87
CA CYS A 93 -14.45 -15.05 9.99
C CYS A 93 -13.06 -15.68 10.10
N THR A 94 -12.70 -16.07 11.32
CA THR A 94 -11.43 -16.70 11.61
C THR A 94 -11.65 -17.95 12.45
N THR A 95 -10.76 -18.93 12.30
CA THR A 95 -10.90 -20.22 12.96
C THR A 95 -10.58 -20.17 14.44
N VAL A 96 -10.04 -19.07 14.95
CA VAL A 96 -9.65 -18.99 16.36
C VAL A 96 -10.91 -18.92 17.23
N PRO A 97 -11.09 -19.83 18.18
CA PRO A 97 -12.23 -19.68 19.11
C PRO A 97 -12.06 -18.45 20.00
N TRP A 98 -13.20 -17.89 20.40
CA TRP A 98 -13.19 -16.72 21.27
C TRP A 98 -12.94 -17.17 22.71
N PRO A 99 -11.89 -16.70 23.37
CA PRO A 99 -11.67 -17.12 24.77
C PRO A 99 -12.67 -16.47 25.71
N ASN A 100 -12.94 -17.16 26.81
CA ASN A 100 -13.82 -16.68 27.89
C ASN A 100 -15.19 -16.29 27.33
N GLU A 101 -15.92 -17.34 26.92
CA GLU A 101 -17.27 -17.14 26.38
C GLU A 101 -18.18 -16.40 27.35
N THR A 102 -17.89 -16.46 28.66
CA THR A 102 -18.67 -15.71 29.64
C THR A 102 -18.60 -14.20 29.40
N LEU A 103 -17.60 -13.72 28.66
CA LEU A 103 -17.46 -12.31 28.32
C LEU A 103 -18.18 -11.95 27.02
N VAL A 104 -19.23 -12.69 26.66
CA VAL A 104 -19.98 -12.34 25.46
C VAL A 104 -20.58 -10.94 25.63
N PRO A 105 -20.43 -10.02 24.68
CA PRO A 105 -20.95 -8.67 24.88
C PRO A 105 -22.45 -8.59 24.67
N ASN A 106 -23.08 -7.68 25.41
CA ASN A 106 -24.51 -7.42 25.29
C ASN A 106 -24.74 -6.63 24.00
N TRP A 107 -25.18 -7.32 22.94
CA TRP A 107 -25.32 -6.67 21.65
C TRP A 107 -26.36 -5.56 21.67
N SER A 108 -27.31 -5.59 22.61
CA SER A 108 -28.34 -4.56 22.67
C SER A 108 -27.80 -3.26 23.27
N ASN A 109 -27.35 -3.31 24.51
CA ASN A 109 -26.83 -2.13 25.22
C ASN A 109 -25.33 -2.29 25.37
N MET A 110 -24.60 -1.84 24.35
CA MET A 110 -23.15 -1.82 24.38
C MET A 110 -22.65 -1.05 23.18
N THR A 111 -21.48 -0.44 23.32
CA THR A 111 -20.87 0.38 22.27
C THR A 111 -19.47 -0.12 21.98
N TRP A 112 -19.03 0.07 20.73
CA TRP A 112 -17.71 -0.41 20.32
C TRP A 112 -16.60 0.29 21.11
N GLN A 113 -16.75 1.60 21.36
CA GLN A 113 -15.70 2.35 22.02
C GLN A 113 -15.44 1.82 23.43
N GLU A 114 -16.50 1.54 24.19
CA GLU A 114 -16.33 1.09 25.56
C GLU A 114 -15.76 -0.32 25.62
N TRP A 115 -16.28 -1.23 24.78
CA TRP A 115 -15.90 -2.62 24.90
C TRP A 115 -14.46 -2.86 24.47
N GLU A 116 -13.95 -2.07 23.52
CA GLU A 116 -12.59 -2.26 23.04
C GLU A 116 -11.59 -2.08 24.18
N ARG A 117 -11.78 -1.07 25.02
CA ARG A 117 -10.90 -0.85 26.15
C ARG A 117 -11.14 -1.84 27.28
N GLN A 118 -12.26 -2.55 27.28
CA GLN A 118 -12.49 -3.58 28.28
C GLN A 118 -11.62 -4.81 28.03
N VAL A 119 -11.29 -5.06 26.76
CA VAL A 119 -10.47 -6.22 26.37
C VAL A 119 -9.08 -5.78 25.92
N ASP A 120 -8.61 -4.63 26.39
CA ASP A 120 -7.28 -4.17 26.00
C ASP A 120 -6.20 -5.13 26.49
N PHE A 121 -6.33 -5.64 27.72
CA PHE A 121 -5.34 -6.57 28.23
C PHE A 121 -5.30 -7.86 27.43
N LEU A 122 -6.43 -8.26 26.84
CA LEU A 122 -6.53 -9.51 26.10
C LEU A 122 -6.18 -9.38 24.63
N GLU A 123 -6.00 -8.15 24.12
CA GLU A 123 -5.73 -7.98 22.70
C GLU A 123 -4.39 -8.57 22.31
N ALA A 124 -3.37 -8.40 23.16
CA ALA A 124 -2.03 -8.85 22.81
C ALA A 124 -1.92 -10.37 22.71
N ASN A 125 -2.80 -11.11 23.38
CA ASN A 125 -2.74 -12.56 23.35
C ASN A 125 -3.45 -13.15 22.15
N ILE A 126 -4.62 -12.62 21.80
CA ILE A 126 -5.38 -13.18 20.68
C ILE A 126 -4.65 -12.94 19.37
N THR A 127 -3.99 -11.79 19.22
CA THR A 127 -3.35 -11.46 17.95
C THR A 127 -2.19 -12.40 17.63
N GLN A 128 -1.48 -12.87 18.65
CA GLN A 128 -0.33 -13.75 18.40
C GLN A 128 -0.77 -15.07 17.78
N LEU A 129 -1.90 -15.62 18.21
CA LEU A 129 -2.34 -16.91 17.72
C LEU A 129 -2.65 -16.90 16.23
N LEU A 130 -2.86 -15.73 15.64
CA LEU A 130 -3.13 -15.66 14.21
C LEU A 130 -1.93 -16.13 13.40
N GLU A 131 -0.72 -15.79 13.84
CA GLU A 131 0.48 -16.14 13.07
C GLU A 131 0.61 -17.65 12.92
N GLU A 132 0.45 -18.39 14.01
CA GLU A 132 0.53 -19.85 13.93
C GLU A 132 -0.59 -20.43 13.09
N ALA A 133 -1.80 -19.88 13.21
CA ALA A 133 -2.95 -20.44 12.49
C ALA A 133 -2.76 -20.34 10.98
N GLN A 134 -2.29 -19.18 10.50
CA GLN A 134 -2.20 -18.97 9.07
C GLN A 134 -1.17 -19.88 8.42
N ILE A 135 0.05 -19.89 8.98
CA ILE A 135 1.14 -20.62 8.34
C ILE A 135 0.92 -22.13 8.44
N GLN A 136 0.45 -22.61 9.60
CA GLN A 136 0.34 -24.04 9.81
C GLN A 136 -0.71 -24.65 8.89
N GLN A 137 -1.91 -24.07 8.86
CA GLN A 137 -2.98 -24.61 8.02
C GLN A 137 -2.62 -24.51 6.54
N GLU A 138 -2.07 -23.37 6.12
CA GLU A 138 -1.78 -23.16 4.70
C GLU A 138 -0.67 -24.10 4.22
N LYS A 139 0.34 -24.34 5.07
CA LYS A 139 1.50 -25.10 4.63
C LYS A 139 1.11 -26.54 4.27
N ASN A 140 0.24 -27.15 5.05
CA ASN A 140 -0.09 -28.56 4.83
C ASN A 140 -0.74 -28.79 3.46
N MET A 141 -1.42 -27.76 2.92
CA MET A 141 -2.10 -27.94 1.64
C MET A 141 -1.10 -28.21 0.51
N TYR A 142 0.12 -27.69 0.63
CA TYR A 142 1.11 -27.88 -0.44
C TYR A 142 1.45 -29.35 -0.63
N GLU A 143 1.63 -30.08 0.48
CA GLU A 143 2.00 -31.49 0.37
C GLU A 143 0.84 -32.37 -0.08
N LEU A 144 -0.39 -31.97 0.25
CA LEU A 144 -1.55 -32.81 -0.07
C LEU A 144 -1.70 -32.97 -1.58
N GLN A 145 -1.51 -31.90 -2.34
CA GLN A 145 -1.71 -31.94 -3.79
C GLN A 145 -0.58 -32.65 -4.53
N LYS A 146 0.53 -32.96 -3.86
CA LYS A 146 1.68 -33.55 -4.55
C LYS A 146 1.34 -34.92 -5.12
N LEU A 147 0.66 -35.76 -4.34
CA LEU A 147 0.38 -37.13 -4.78
C LEU A 147 -0.52 -37.14 -6.01
N ASN A 148 -1.56 -36.30 -6.02
CA ASN A 148 -2.49 -36.25 -7.14
C ASN A 148 -1.88 -35.51 -8.31
N ILE B 1 -19.96 -23.04 19.12
CA ILE B 1 -18.71 -22.30 19.35
C ILE B 1 -18.79 -20.94 18.67
N GLN B 2 -18.39 -19.90 19.38
CA GLN B 2 -18.29 -18.56 18.83
C GLN B 2 -16.84 -18.26 18.50
N TYR B 3 -16.56 -18.07 17.22
CA TYR B 3 -15.20 -17.82 16.74
C TYR B 3 -14.96 -16.33 16.59
N VAL B 4 -13.69 -15.94 16.70
CA VAL B 4 -13.33 -14.53 16.63
C VAL B 4 -13.59 -14.01 15.21
N THR B 5 -14.25 -12.86 15.13
CA THR B 5 -14.54 -12.20 13.87
C THR B 5 -13.95 -10.79 13.89
N VAL B 6 -13.35 -10.40 12.78
CA VAL B 6 -12.68 -9.11 12.65
C VAL B 6 -13.59 -8.15 11.91
N PHE B 7 -13.74 -6.93 12.45
CA PHE B 7 -14.58 -5.90 11.87
C PHE B 7 -13.72 -4.70 11.51
N TYR B 8 -14.00 -4.11 10.34
CA TYR B 8 -13.25 -2.98 9.82
C TYR B 8 -14.18 -1.77 9.70
N GLY B 9 -13.75 -0.64 10.25
CA GLY B 9 -14.50 0.60 10.15
C GLY B 9 -15.37 0.92 11.34
N VAL B 10 -15.37 0.10 12.39
CA VAL B 10 -16.17 0.36 13.57
C VAL B 10 -15.60 1.59 14.29
N PRO B 11 -16.40 2.33 15.06
CA PRO B 11 -15.90 3.56 15.69
C PRO B 11 -15.08 3.24 16.94
N ALA B 12 -13.80 3.59 16.90
CA ALA B 12 -12.91 3.43 18.04
C ALA B 12 -11.72 4.35 17.87
N TRP B 13 -11.31 5.00 18.95
CA TRP B 13 -10.25 5.98 18.88
C TRP B 13 -9.50 6.05 20.21
N LYS B 14 -8.30 6.61 20.16
CA LYS B 14 -7.44 6.76 21.32
C LYS B 14 -6.75 8.12 21.22
N ASN B 15 -5.89 8.41 22.20
CA ASN B 15 -5.15 9.66 22.19
C ASN B 15 -4.20 9.69 20.98
N ALA B 16 -3.75 10.89 20.64
CA ALA B 16 -2.89 11.07 19.47
C ALA B 16 -2.04 12.31 19.66
N THR B 17 -0.93 12.36 18.89
CA THR B 17 -0.05 13.51 18.90
C THR B 17 0.66 13.54 17.55
N ILE B 18 0.16 14.36 16.63
CA ILE B 18 0.78 14.55 15.32
C ILE B 18 0.57 15.99 14.86
N PRO B 19 1.40 16.51 13.97
CA PRO B 19 1.12 17.86 13.43
C PRO B 19 -0.10 17.86 12.54
N LEU B 20 -0.61 19.06 12.28
CA LEU B 20 -1.85 19.25 11.52
C LEU B 20 -1.56 20.03 10.24
N PHE B 21 -2.53 19.98 9.33
CA PHE B 21 -2.45 20.68 8.05
C PHE B 21 -2.88 22.15 8.22
N CYS B 22 -2.70 22.91 7.15
CA CYS B 22 -3.14 24.30 7.10
C CYS B 22 -4.61 24.38 6.73
N ALA B 23 -5.22 25.50 7.10
CA ALA B 23 -6.54 25.86 6.57
C ALA B 23 -6.76 27.34 6.87
N THR B 24 -6.81 28.15 5.82
CA THR B 24 -6.98 29.60 5.99
C THR B 24 -7.54 30.18 4.70
N LYS B 25 -8.13 31.37 4.83
CA LYS B 25 -8.74 32.07 3.70
C LYS B 25 -7.78 33.06 3.06
N ASN B 26 -7.28 34.02 3.84
CA ASN B 26 -6.43 35.07 3.30
C ASN B 26 -5.12 34.49 2.78
N ARG B 27 -4.65 35.05 1.66
CA ARG B 27 -3.41 34.62 1.02
C ARG B 27 -2.28 35.59 1.37
N ASP B 28 -1.13 35.41 0.72
CA ASP B 28 0.01 36.31 0.87
C ASP B 28 0.51 36.33 2.32
N THR B 29 0.53 35.16 2.95
CA THR B 29 1.05 34.99 4.30
C THR B 29 2.37 34.24 4.19
N TRP B 30 3.46 34.99 4.00
CA TRP B 30 4.80 34.42 3.86
C TRP B 30 4.87 33.49 2.66
N GLY B 31 4.48 34.00 1.50
CA GLY B 31 4.51 33.22 0.28
C GLY B 31 3.57 32.04 0.27
N THR B 32 2.41 32.16 0.91
CA THR B 32 1.35 31.17 1.03
C THR B 32 1.70 30.06 2.01
N THR B 33 2.94 29.98 2.50
CA THR B 33 3.36 29.04 3.54
C THR B 33 3.06 27.59 3.16
N GLN B 34 2.85 27.30 1.87
CA GLN B 34 2.50 25.95 1.42
C GLN B 34 1.26 25.44 2.16
N CYS B 35 0.28 26.30 2.33
CA CYS B 35 -0.92 26.00 3.09
C CYS B 35 -2.06 25.62 2.16
N LEU B 36 -2.82 24.59 2.55
CA LEU B 36 -3.90 24.08 1.72
C LEU B 36 -5.06 25.08 1.67
N PRO B 37 -5.94 24.98 0.67
CA PRO B 37 -7.14 25.82 0.67
C PRO B 37 -8.08 25.43 1.81
N ASP B 38 -8.88 26.40 2.24
CA ASP B 38 -9.80 26.22 3.35
C ASP B 38 -11.20 25.91 2.81
N ASN B 39 -11.89 25.00 3.50
CA ASN B 39 -13.25 24.61 3.15
C ASN B 39 -14.20 25.18 4.20
N ASP B 40 -15.29 25.80 3.74
CA ASP B 40 -16.30 26.37 4.63
C ASP B 40 -17.16 25.23 5.16
N ASP B 41 -16.75 24.69 6.31
CA ASP B 41 -17.47 23.57 6.93
C ASP B 41 -17.29 23.67 8.44
N TYR B 42 -18.37 24.04 9.14
CA TYR B 42 -18.39 24.07 10.60
C TYR B 42 -19.38 23.05 11.16
N SER B 43 -19.70 22.02 10.41
CA SER B 43 -20.68 21.04 10.85
C SER B 43 -20.16 20.26 12.04
N GLU B 44 -21.09 19.81 12.89
CA GLU B 44 -20.76 19.04 14.07
C GLU B 44 -21.88 18.05 14.34
N LEU B 45 -21.51 16.81 14.65
CA LEU B 45 -22.46 15.76 14.93
C LEU B 45 -22.55 15.49 16.43
N ALA B 46 -23.59 14.78 16.84
CA ALA B 46 -23.87 14.50 18.24
C ALA B 46 -23.36 13.11 18.60
N ILE B 47 -22.65 13.01 19.70
CA ILE B 47 -22.15 11.74 20.23
C ILE B 47 -22.59 11.62 21.68
N ASN B 48 -22.85 10.39 22.11
CA ASN B 48 -23.37 10.12 23.45
C ASN B 48 -22.28 9.74 24.44
N ILE B 49 -21.28 8.96 24.01
CA ILE B 49 -20.26 8.47 24.93
C ILE B 49 -19.40 9.63 25.41
N THR B 50 -19.08 9.64 26.70
CA THR B 50 -18.20 10.66 27.26
C THR B 50 -16.76 10.42 26.83
N GLU B 51 -15.97 11.48 26.86
CA GLU B 51 -14.56 11.40 26.51
C GLU B 51 -13.79 12.39 27.38
N ALA B 52 -12.58 11.99 27.77
CA ALA B 52 -11.74 12.85 28.58
C ALA B 52 -11.33 14.10 27.80
N PHE B 53 -11.23 15.22 28.52
CA PHE B 53 -10.88 16.50 27.93
C PHE B 53 -9.84 17.19 28.80
N ASP B 54 -9.01 18.00 28.16
CA ASP B 54 -7.96 18.73 28.85
C ASP B 54 -7.62 19.98 28.05
N ALA B 55 -7.00 20.95 28.72
CA ALA B 55 -6.61 22.21 28.11
C ALA B 55 -5.13 22.54 28.28
N TRP B 56 -4.48 22.05 29.33
CA TRP B 56 -3.07 22.32 29.55
C TRP B 56 -2.15 21.26 28.95
N ASN B 57 -2.59 20.00 28.95
CA ASN B 57 -1.75 18.90 28.48
C ASN B 57 -2.00 18.55 27.02
N ASN B 58 -3.10 19.02 26.43
CA ASN B 58 -3.39 18.68 25.04
C ASN B 58 -2.28 19.15 24.12
N THR B 59 -1.92 18.29 23.16
CA THR B 59 -0.82 18.58 22.25
C THR B 59 -1.22 19.53 21.12
N VAL B 60 -2.51 19.76 20.90
CA VAL B 60 -2.94 20.65 19.82
C VAL B 60 -2.44 22.06 20.06
N THR B 61 -2.53 22.54 21.30
CA THR B 61 -2.09 23.89 21.62
C THR B 61 -0.58 24.02 21.66
N GLU B 62 0.13 22.93 22.00
CA GLU B 62 1.58 23.00 22.11
C GLU B 62 2.21 23.35 20.76
N GLN B 63 1.62 22.92 19.65
CA GLN B 63 2.16 23.26 18.34
C GLN B 63 1.84 24.69 17.96
N ALA B 64 0.68 25.21 18.39
CA ALA B 64 0.31 26.58 18.04
C ALA B 64 1.29 27.58 18.65
N ILE B 65 1.67 27.37 19.90
CA ILE B 65 2.57 28.32 20.56
C ILE B 65 3.94 28.34 19.88
N GLU B 66 4.39 27.18 19.40
CA GLU B 66 5.65 27.14 18.67
C GLU B 66 5.49 27.70 17.26
N ASP B 67 4.37 27.40 16.61
CA ASP B 67 4.14 27.90 15.25
C ASP B 67 4.02 29.42 15.23
N VAL B 68 3.25 29.98 16.17
CA VAL B 68 3.04 31.42 16.18
C VAL B 68 4.35 32.16 16.47
N TRP B 69 5.14 31.64 17.41
CA TRP B 69 6.41 32.28 17.72
C TRP B 69 7.35 32.25 16.52
N ASN B 70 7.37 31.15 15.78
CA ASN B 70 8.22 31.05 14.60
C ASN B 70 7.83 32.08 13.55
N LEU B 71 6.53 32.30 13.36
CA LEU B 71 6.08 33.31 12.40
C LEU B 71 6.58 34.70 12.79
N PHE B 72 6.49 35.03 14.08
CA PHE B 72 6.92 36.34 14.53
C PHE B 72 8.43 36.52 14.34
N GLU B 73 9.21 35.46 14.56
CA GLU B 73 10.65 35.55 14.42
C GLU B 73 11.06 35.94 13.00
N THR B 74 10.26 35.54 12.00
CA THR B 74 10.56 35.95 10.63
C THR B 74 10.51 37.46 10.47
N SER B 75 9.61 38.13 11.18
CA SER B 75 9.56 39.59 11.13
C SER B 75 10.85 40.19 11.68
N ILE B 76 11.38 39.63 12.77
CA ILE B 76 12.64 40.12 13.32
C ILE B 76 13.77 39.93 12.33
N LYS B 77 13.83 38.77 11.68
CA LYS B 77 14.87 38.48 10.70
C LYS B 77 14.73 39.40 9.49
N ALA B 208 -1.19 39.82 11.76
CA ALA B 208 -2.56 39.41 12.07
C ALA B 208 -3.10 38.47 11.00
N ILE B 209 -3.27 37.20 11.36
CA ILE B 209 -3.79 36.19 10.45
C ILE B 209 -4.82 35.34 11.18
N ARG B 210 -5.65 34.64 10.40
CA ARG B 210 -6.69 33.75 10.91
C ARG B 210 -6.62 32.46 10.11
N PHE B 211 -6.02 31.43 10.71
CA PHE B 211 -5.84 30.13 10.07
C PHE B 211 -6.62 29.06 10.85
N ARG B 212 -6.51 27.82 10.38
CA ARG B 212 -7.27 26.72 10.94
C ARG B 212 -6.50 25.42 10.69
N TYR B 213 -6.76 24.43 11.54
CA TYR B 213 -6.16 23.11 11.42
C TYR B 213 -7.25 22.09 11.08
N CYS B 214 -7.03 21.34 10.01
CA CYS B 214 -7.94 20.29 9.57
C CYS B 214 -7.18 18.97 9.59
N ALA B 215 -7.76 17.96 10.25
CA ALA B 215 -7.08 16.69 10.38
C ALA B 215 -7.16 15.89 9.08
N PRO B 216 -6.21 14.99 8.84
CA PRO B 216 -6.29 14.14 7.64
C PRO B 216 -7.26 12.99 7.85
N PRO B 217 -7.46 12.14 6.85
CA PRO B 217 -8.30 10.96 7.05
C PRO B 217 -7.76 10.07 8.16
N GLY B 218 -8.67 9.47 8.91
CA GLY B 218 -8.29 8.67 10.06
C GLY B 218 -8.00 9.46 11.31
N TYR B 219 -8.31 10.76 11.33
CA TYR B 219 -8.10 11.61 12.49
C TYR B 219 -9.29 12.56 12.63
N ALA B 220 -9.61 12.89 13.88
CA ALA B 220 -10.78 13.71 14.16
C ALA B 220 -10.51 14.55 15.40
N LEU B 221 -11.30 15.61 15.55
CA LEU B 221 -11.22 16.52 16.68
C LEU B 221 -12.53 16.51 17.45
N LEU B 222 -12.43 16.51 18.78
CA LEU B 222 -13.57 16.46 19.66
C LEU B 222 -13.72 17.78 20.42
N ARG B 223 -14.96 18.16 20.67
CA ARG B 223 -15.27 19.37 21.44
C ARG B 223 -16.35 19.05 22.46
N CYS B 224 -16.20 19.61 23.66
CA CYS B 224 -17.18 19.44 24.74
C CYS B 224 -18.17 20.60 24.68
N ASN B 225 -19.41 20.29 24.31
CA ASN B 225 -20.46 21.30 24.23
C ASN B 225 -21.12 21.58 25.57
N ASP B 226 -20.65 20.95 26.65
CA ASP B 226 -21.17 21.25 27.97
C ASP B 226 -20.93 22.71 28.31
N SER B 227 -21.97 23.37 28.83
CA SER B 227 -21.88 24.79 29.15
C SER B 227 -21.01 25.06 30.38
N ASN B 228 -20.79 24.06 31.23
CA ASN B 228 -20.02 24.21 32.46
C ASN B 228 -18.56 23.84 32.28
N TYR B 229 -18.02 23.96 31.07
CA TYR B 229 -16.62 23.60 30.84
C TYR B 229 -15.71 24.60 31.54
N SER B 230 -14.70 24.08 32.23
CA SER B 230 -13.72 24.90 32.93
C SER B 230 -12.31 24.35 32.78
N GLY B 231 -12.05 23.63 31.71
CA GLY B 231 -10.73 23.05 31.46
C GLY B 231 -10.67 21.57 31.72
N PHE B 232 -11.28 21.12 32.81
CA PHE B 232 -11.32 19.71 33.20
C PHE B 232 -12.77 19.24 33.11
N ALA B 233 -13.06 18.44 32.09
CA ALA B 233 -14.38 17.86 31.89
C ALA B 233 -14.24 16.38 31.53
N PRO B 234 -13.78 15.56 32.48
CA PRO B 234 -13.63 14.12 32.19
C PRO B 234 -14.95 13.43 31.92
N ASN B 235 -16.08 14.01 32.32
CA ASN B 235 -17.39 13.38 32.17
C ASN B 235 -18.32 14.25 31.32
N CYS B 236 -17.84 14.73 30.18
CA CYS B 236 -18.65 15.56 29.29
C CYS B 236 -19.96 14.86 28.96
N SER B 237 -21.07 15.55 29.21
CA SER B 237 -22.38 14.97 28.95
C SER B 237 -22.62 14.78 27.45
N LYS B 238 -22.39 15.82 26.67
CA LYS B 238 -22.55 15.80 25.22
C LYS B 238 -21.26 16.27 24.57
N VAL B 239 -20.71 15.46 23.67
CA VAL B 239 -19.48 15.77 22.98
C VAL B 239 -19.72 15.61 21.47
N VAL B 240 -19.11 16.50 20.69
CA VAL B 240 -19.29 16.52 19.24
C VAL B 240 -17.97 16.19 18.57
N VAL B 241 -18.07 15.66 17.36
CA VAL B 241 -16.92 15.32 16.53
C VAL B 241 -16.94 16.21 15.30
N SER B 242 -15.82 16.86 15.02
CA SER B 242 -15.69 17.79 13.90
C SER B 242 -14.43 17.48 13.12
N SER B 243 -14.52 17.58 11.79
CA SER B 243 -13.38 17.33 10.93
C SER B 243 -12.38 18.46 10.93
N CYS B 244 -12.75 19.64 11.43
CA CYS B 244 -11.86 20.79 11.47
C CYS B 244 -12.18 21.61 12.71
N THR B 245 -11.17 22.35 13.18
CA THR B 245 -11.34 23.22 14.33
C THR B 245 -12.01 24.52 13.89
N ARG B 246 -12.01 25.53 14.78
CA ARG B 246 -12.64 26.80 14.51
C ARG B 246 -11.58 27.84 14.11
N MET B 247 -12.05 29.05 13.81
CA MET B 247 -11.14 30.16 13.57
C MET B 247 -10.49 30.59 14.88
N MET B 248 -9.24 31.02 14.78
CA MET B 248 -8.49 31.48 15.94
C MET B 248 -7.68 32.72 15.56
N GLU B 249 -7.39 33.55 16.56
CA GLU B 249 -6.64 34.78 16.38
C GLU B 249 -5.32 34.69 17.14
N THR B 250 -4.26 35.22 16.54
CA THR B 250 -2.93 35.22 17.12
C THR B 250 -2.59 36.65 17.54
N GLN B 251 -2.26 36.83 18.82
CA GLN B 251 -1.89 38.13 19.36
C GLN B 251 -0.80 37.94 20.40
N THR B 252 0.32 38.62 20.20
CA THR B 252 1.44 38.58 21.15
C THR B 252 1.29 39.76 22.09
N SER B 253 0.57 39.55 23.19
CA SER B 253 0.32 40.59 24.17
C SER B 253 0.37 39.99 25.57
N THR B 254 0.60 40.85 26.56
CA THR B 254 0.68 40.46 27.95
C THR B 254 -0.27 41.31 28.78
N TRP B 255 -0.70 40.76 29.92
CA TRP B 255 -1.56 41.40 30.90
C TRP B 255 -2.97 41.64 30.40
N PHE B 256 -3.31 41.20 29.19
CA PHE B 256 -4.64 41.42 28.63
C PHE B 256 -4.96 40.31 27.64
N GLY B 257 -6.25 40.12 27.41
CA GLY B 257 -6.73 39.16 26.42
C GLY B 257 -7.36 39.85 25.23
N PHE B 258 -6.70 39.80 24.08
CA PHE B 258 -7.11 40.54 22.90
C PHE B 258 -8.29 39.81 22.23
N ASN B 259 -8.49 40.02 20.92
CA ASN B 259 -9.75 39.72 20.23
C ASN B 259 -10.39 38.41 20.66
N GLY B 260 -9.63 37.31 20.60
CA GLY B 260 -10.14 36.02 21.02
C GLY B 260 -11.31 35.53 20.19
N THR B 261 -11.86 34.38 20.56
CA THR B 261 -12.99 33.79 19.87
C THR B 261 -14.07 33.25 20.80
N ARG B 262 -13.78 33.07 22.09
CA ARG B 262 -14.73 32.53 23.05
C ARG B 262 -15.55 33.63 23.75
N ALA B 263 -15.73 34.77 23.10
CA ALA B 263 -16.59 35.82 23.64
C ALA B 263 -18.04 35.36 23.60
N GLU B 264 -18.63 35.13 24.76
CA GLU B 264 -19.98 34.59 24.86
C GLU B 264 -20.67 35.21 26.07
N ASN B 265 -21.96 34.91 26.21
CA ASN B 265 -22.77 35.45 27.29
C ASN B 265 -22.51 34.77 28.63
N ARG B 266 -21.77 33.67 28.65
CA ARG B 266 -21.49 32.93 29.87
C ARG B 266 -20.12 33.30 30.41
N THR B 267 -20.03 33.46 31.72
CA THR B 267 -18.79 33.79 32.41
C THR B 267 -18.30 32.55 33.17
N TYR B 268 -17.05 32.18 32.95
CA TYR B 268 -16.46 31.03 33.63
C TYR B 268 -14.94 31.19 33.62
N ILE B 269 -14.30 30.50 34.55
CA ILE B 269 -12.86 30.60 34.77
C ILE B 269 -12.27 29.20 34.83
N TYR B 270 -11.17 29.00 34.11
CA TYR B 270 -10.47 27.72 34.12
C TYR B 270 -9.64 27.59 35.40
N TRP B 271 -9.54 26.36 35.90
CA TRP B 271 -8.76 26.06 37.09
C TRP B 271 -7.90 24.83 36.85
N HIS B 272 -6.62 24.94 37.17
CA HIS B 272 -5.70 23.82 37.04
C HIS B 272 -5.77 22.93 38.28
N GLY B 273 -5.70 21.62 38.05
CA GLY B 273 -5.75 20.67 39.16
C GLY B 273 -4.39 20.44 39.81
N LYS B 274 -3.32 20.48 39.02
CA LYS B 274 -1.97 20.29 39.54
C LYS B 274 -1.34 21.58 40.04
N SER B 275 -1.81 22.70 39.47
CA SER B 275 -1.30 24.04 39.82
C SER B 275 -2.53 24.90 40.07
N ASN B 276 -2.46 26.21 40.20
CA ASN B 276 -3.76 26.91 40.35
C ASN B 276 -3.75 28.07 39.43
N ARG B 277 -2.87 27.96 38.49
CA ARG B 277 -2.86 29.00 37.44
C ARG B 277 -4.25 29.06 36.82
N THR B 278 -4.84 30.26 36.76
CA THR B 278 -6.18 30.42 36.20
C THR B 278 -6.12 31.38 35.02
N ILE B 279 -7.14 31.29 34.16
CA ILE B 279 -7.37 32.27 33.10
C ILE B 279 -8.86 32.56 33.05
N ILE B 280 -9.21 33.84 32.99
CA ILE B 280 -10.58 34.31 33.15
C ILE B 280 -11.11 34.75 31.79
N SER B 281 -12.25 34.18 31.39
CA SER B 281 -12.96 34.60 30.19
C SER B 281 -13.87 35.77 30.53
N LEU B 282 -13.98 36.72 29.60
CA LEU B 282 -14.76 37.93 29.79
C LEU B 282 -15.97 37.94 28.88
N ASN B 283 -17.13 38.28 29.43
CA ASN B 283 -18.36 38.32 28.66
C ASN B 283 -18.34 39.46 27.65
N LYS B 284 -19.07 39.28 26.56
CA LYS B 284 -19.13 40.27 25.49
C LYS B 284 -20.09 41.41 25.78
N TYR B 285 -20.91 41.31 26.83
CA TYR B 285 -21.88 42.37 27.10
C TYR B 285 -21.20 43.64 27.58
N TYR B 286 -20.12 43.53 28.35
CA TYR B 286 -19.42 44.73 28.82
C TYR B 286 -18.64 45.39 27.69
N ASN B 287 -17.93 44.58 26.91
CA ASN B 287 -17.15 44.99 25.72
C ASN B 287 -15.89 45.77 26.09
N LEU B 288 -15.79 46.22 27.35
CA LEU B 288 -14.61 46.83 27.96
C LEU B 288 -13.82 47.67 26.96
N THR B 289 -14.47 48.69 26.39
CA THR B 289 -13.89 49.44 25.29
C THR B 289 -12.52 50.00 25.66
N MET B 290 -11.56 49.87 24.74
CA MET B 290 -10.21 50.37 24.91
C MET B 290 -9.79 51.14 23.67
N ARG B 291 -9.12 52.28 23.89
CA ARG B 291 -8.60 53.10 22.81
C ARG B 291 -7.18 53.51 23.15
N CYS B 292 -6.24 53.24 22.23
CA CYS B 292 -4.83 53.53 22.43
C CYS B 292 -4.31 54.37 21.27
N ARG B 293 -3.49 55.37 21.58
CA ARG B 293 -2.92 56.26 20.58
C ARG B 293 -1.43 56.46 20.83
N ARG B 294 -0.82 57.36 20.07
CA ARG B 294 0.60 57.67 20.21
C ARG B 294 1.46 56.43 19.99
N CYS B 325 -2.20 54.71 27.51
CA CYS B 325 -3.52 54.65 26.88
C CYS B 325 -4.57 55.32 27.78
N TRP B 326 -5.40 56.15 27.17
CA TRP B 326 -6.46 56.86 27.89
C TRP B 326 -7.74 56.05 27.81
N PHE B 327 -8.27 55.66 28.97
CA PHE B 327 -9.48 54.85 29.00
C PHE B 327 -10.08 54.81 30.40
N GLY B 328 -11.40 55.00 30.50
CA GLY B 328 -12.09 54.72 31.74
C GLY B 328 -12.14 53.22 31.96
N GLY B 329 -12.89 52.54 31.10
CA GLY B 329 -12.90 51.08 31.00
C GLY B 329 -12.93 50.34 32.31
N SER B 330 -13.73 50.82 33.27
CA SER B 330 -13.87 50.18 34.57
C SER B 330 -15.07 49.23 34.61
N TRP B 331 -16.24 49.70 34.21
CA TRP B 331 -17.47 48.90 34.26
C TRP B 331 -17.67 48.33 35.66
N LYS B 332 -17.85 49.24 36.62
CA LYS B 332 -17.94 48.86 38.02
C LYS B 332 -19.03 47.82 38.27
N GLU B 333 -20.16 47.94 37.57
CA GLU B 333 -21.21 46.93 37.71
C GLU B 333 -20.76 45.57 37.17
N ALA B 334 -19.90 45.58 36.15
CA ALA B 334 -19.44 44.32 35.56
C ALA B 334 -18.52 43.57 36.52
N ILE B 335 -17.55 44.26 37.11
CA ILE B 335 -16.58 43.59 37.96
C ILE B 335 -17.23 43.06 39.23
N GLN B 336 -18.29 43.71 39.70
CA GLN B 336 -18.96 43.25 40.91
C GLN B 336 -19.56 41.86 40.72
N GLU B 337 -20.17 41.62 39.56
CA GLU B 337 -20.84 40.33 39.34
C GLU B 337 -19.83 39.22 39.09
N VAL B 338 -18.79 39.49 38.29
CA VAL B 338 -17.88 38.42 37.88
C VAL B 338 -17.09 37.88 39.08
N LYS B 339 -16.61 38.78 39.95
CA LYS B 339 -15.83 38.32 41.09
C LYS B 339 -16.69 37.51 42.06
N GLU B 340 -17.96 37.87 42.23
CA GLU B 340 -18.87 37.06 43.04
C GLU B 340 -19.08 35.64 42.54
N THR B 341 -18.86 35.39 41.24
CA THR B 341 -18.88 34.04 40.70
C THR B 341 -17.55 33.32 40.85
N LEU B 342 -16.44 34.06 40.92
CA LEU B 342 -15.17 33.44 41.25
C LEU B 342 -15.22 32.81 42.64
N VAL B 343 -16.02 33.37 43.53
CA VAL B 343 -16.31 32.70 44.80
C VAL B 343 -17.19 31.49 44.56
N LYS B 344 -18.17 31.61 43.67
CA LYS B 344 -19.04 30.50 43.29
C LYS B 344 -18.39 29.56 42.29
N HIS B 345 -17.19 29.89 41.82
CA HIS B 345 -16.43 29.01 40.95
C HIS B 345 -16.26 27.65 41.63
N PRO B 346 -16.27 26.53 40.85
CA PRO B 346 -16.29 25.19 41.46
C PRO B 346 -15.46 24.97 42.72
N ARG B 347 -14.28 25.59 42.82
CA ARG B 347 -13.50 25.55 44.05
C ARG B 347 -13.02 26.96 44.38
N TYR B 348 -13.20 27.35 45.64
CA TYR B 348 -12.68 28.61 46.16
C TYR B 348 -12.53 28.46 47.67
N THR B 349 -11.29 28.23 48.11
CA THR B 349 -11.02 27.86 49.49
C THR B 349 -10.70 29.10 50.32
N GLY B 350 -11.41 29.25 51.43
CA GLY B 350 -11.21 30.38 52.32
C GLY B 350 -11.37 31.71 51.59
N THR B 351 -10.92 32.77 52.24
CA THR B 351 -10.93 34.11 51.65
C THR B 351 -12.34 34.49 51.21
N ASN B 352 -13.22 34.63 52.21
CA ASN B 352 -14.66 34.73 51.95
C ASN B 352 -15.03 35.83 50.95
N ASP B 353 -14.12 36.77 50.66
CA ASP B 353 -14.35 37.78 49.63
C ASP B 353 -15.50 38.71 49.99
N THR B 354 -15.61 39.08 51.26
CA THR B 354 -16.68 39.95 51.73
C THR B 354 -16.26 41.40 51.55
N ARG B 355 -16.42 41.92 50.34
CA ARG B 355 -16.23 43.34 50.05
C ARG B 355 -14.79 43.81 50.28
N LYS B 356 -13.80 42.94 50.08
CA LYS B 356 -12.40 43.31 50.27
C LYS B 356 -11.55 42.50 49.30
N ILE B 357 -11.00 43.19 48.30
CA ILE B 357 -10.10 42.55 47.33
C ILE B 357 -9.30 43.66 46.66
N ASN B 358 -8.00 43.42 46.49
CA ASN B 358 -7.10 44.36 45.85
C ASN B 358 -6.25 43.63 44.82
N LEU B 359 -6.08 44.24 43.65
CA LEU B 359 -5.27 43.67 42.58
C LEU B 359 -3.83 44.13 42.78
N THR B 360 -3.15 43.47 43.71
CA THR B 360 -1.76 43.81 44.01
C THR B 360 -0.87 43.45 42.84
N ALA B 361 -0.12 44.43 42.34
CA ALA B 361 0.79 44.20 41.25
C ALA B 361 2.02 43.43 41.74
N PRO B 362 2.77 42.80 40.83
CA PRO B 362 4.00 42.10 41.25
C PRO B 362 4.98 43.07 41.90
N ALA B 363 5.70 42.56 42.90
CA ALA B 363 6.67 43.38 43.60
C ALA B 363 7.73 43.91 42.64
N GLY B 364 8.43 44.96 43.08
CA GLY B 364 9.44 45.58 42.27
C GLY B 364 10.58 44.64 41.91
N GLY B 365 11.55 45.15 41.15
CA GLY B 365 12.67 44.33 40.70
C GLY B 365 12.83 44.31 39.20
N ASP B 366 12.57 43.15 38.59
CA ASP B 366 12.83 42.99 37.17
C ASP B 366 11.96 43.95 36.36
N PRO B 367 12.50 44.58 35.30
CA PRO B 367 11.67 45.51 34.52
C PRO B 367 10.45 44.87 33.89
N GLU B 368 10.54 43.60 33.47
CA GLU B 368 9.45 42.99 32.72
C GLU B 368 8.16 42.93 33.54
N VAL B 369 8.27 42.53 34.80
CA VAL B 369 7.08 42.43 35.64
C VAL B 369 6.52 43.81 35.94
N THR B 370 7.39 44.83 36.07
CA THR B 370 6.94 46.16 36.46
C THR B 370 6.01 46.76 35.42
N PHE B 371 6.33 46.62 34.14
CA PHE B 371 5.59 47.23 33.05
C PHE B 371 5.10 46.18 32.07
N MET B 372 3.93 46.44 31.49
CA MET B 372 3.30 45.49 30.58
C MET B 372 4.01 45.53 29.22
N TRP B 373 3.45 44.78 28.26
CA TRP B 373 3.94 44.76 26.89
C TRP B 373 2.76 44.62 25.95
N THR B 374 2.56 45.60 25.08
CA THR B 374 1.48 45.59 24.12
C THR B 374 2.01 46.05 22.76
N ASN B 375 1.51 45.42 21.70
CA ASN B 375 1.94 45.71 20.33
C ASN B 375 0.79 46.36 19.57
N CYS B 376 1.09 47.47 18.90
CA CYS B 376 0.14 48.18 18.04
C CYS B 376 0.89 48.57 16.78
N ARG B 377 0.82 47.70 15.77
CA ARG B 377 1.55 47.90 14.51
C ARG B 377 3.05 48.02 14.79
N GLY B 378 3.56 47.13 15.63
CA GLY B 378 4.98 47.09 15.94
C GLY B 378 5.43 48.22 16.83
N GLU B 379 4.92 48.24 18.07
CA GLU B 379 5.30 49.25 19.06
C GLU B 379 5.52 48.56 20.40
N PHE B 380 6.69 48.78 20.99
CA PHE B 380 7.03 48.20 22.29
C PHE B 380 6.56 49.19 23.36
N LEU B 381 5.29 49.06 23.74
CA LEU B 381 4.68 50.00 24.68
C LEU B 381 5.02 49.60 26.11
N TYR B 382 5.51 50.57 26.88
CA TYR B 382 5.83 50.37 28.30
C TYR B 382 5.32 51.59 29.05
N CYS B 383 4.14 51.47 29.66
CA CYS B 383 3.49 52.55 30.37
C CYS B 383 3.19 52.13 31.81
N LYS B 384 2.50 53.00 32.54
CA LYS B 384 2.17 52.78 33.94
C LYS B 384 0.66 52.58 34.09
N MET B 385 0.29 51.59 34.90
CA MET B 385 -1.11 51.27 35.18
C MET B 385 -1.48 51.60 36.62
N ASN B 386 -0.70 52.45 37.29
CA ASN B 386 -0.91 52.68 38.72
C ASN B 386 -2.15 53.53 38.99
N TRP B 387 -2.60 54.32 38.02
CA TRP B 387 -3.65 55.30 38.29
C TRP B 387 -4.97 54.63 38.62
N PHE B 388 -5.40 53.68 37.79
CA PHE B 388 -6.74 53.12 37.96
C PHE B 388 -6.84 52.30 39.25
N LEU B 389 -5.90 51.38 39.47
CA LEU B 389 -6.00 50.51 40.63
C LEU B 389 -5.86 51.29 41.93
N ASN B 390 -4.93 52.22 41.98
CA ASN B 390 -4.70 53.03 43.19
C ASN B 390 -4.22 54.42 42.81
N GLY B 441 -0.76 60.48 9.86
CA GLY B 441 0.32 60.95 10.69
C GLY B 441 0.70 59.98 11.79
N ASP B 442 -0.08 59.98 12.87
CA ASP B 442 0.15 59.09 14.00
C ASP B 442 -0.80 57.91 13.91
N LEU B 443 -0.24 56.70 13.90
CA LEU B 443 -1.05 55.50 13.79
C LEU B 443 -1.89 55.32 15.05
N THR B 444 -3.13 54.86 14.86
CA THR B 444 -4.06 54.63 15.95
C THR B 444 -4.65 53.23 15.84
N CYS B 445 -4.98 52.65 16.99
CA CYS B 445 -5.53 51.30 17.04
C CYS B 445 -6.44 51.18 18.25
N ASN B 446 -7.32 50.18 18.22
CA ASN B 446 -8.24 49.89 19.31
C ASN B 446 -7.94 48.50 19.85
N SER B 447 -8.77 48.05 20.78
CA SER B 447 -8.66 46.71 21.33
C SER B 447 -9.99 46.34 21.97
N THR B 448 -10.39 45.08 21.77
CA THR B 448 -11.61 44.53 22.36
C THR B 448 -11.19 43.40 23.30
N VAL B 449 -11.07 43.72 24.58
CA VAL B 449 -10.57 42.75 25.55
C VAL B 449 -11.57 41.61 25.68
N THR B 450 -11.05 40.38 25.76
CA THR B 450 -11.89 39.19 25.93
C THR B 450 -11.36 38.20 26.96
N SER B 451 -10.14 38.38 27.47
CA SER B 451 -9.59 37.46 28.46
C SER B 451 -8.55 38.19 29.30
N LEU B 452 -8.02 37.49 30.30
CA LEU B 452 -7.03 38.06 31.20
C LEU B 452 -6.34 36.92 31.94
N ILE B 453 -5.01 36.93 31.93
CA ILE B 453 -4.21 35.92 32.61
C ILE B 453 -4.02 36.34 34.06
N ALA B 454 -3.99 35.36 34.96
CA ALA B 454 -3.80 35.64 36.38
C ALA B 454 -3.33 34.38 37.08
N GLU B 455 -2.51 34.58 38.11
CA GLU B 455 -2.04 33.51 39.00
C GLU B 455 -2.55 33.83 40.40
N ILE B 456 -3.55 33.09 40.84
CA ILE B 456 -4.20 33.35 42.12
C ILE B 456 -3.40 32.67 43.22
N ASP B 457 -3.00 33.45 44.22
CA ASP B 457 -2.26 32.92 45.37
C ASP B 457 -2.74 33.63 46.63
N TRP B 458 -2.69 32.91 47.74
CA TRP B 458 -3.09 33.45 49.03
C TRP B 458 -2.21 32.84 50.12
N THR B 459 -1.89 33.67 51.13
CA THR B 459 -1.09 33.23 52.26
C THR B 459 -1.84 33.24 53.58
N ASN B 460 -2.97 33.92 53.66
CA ASN B 460 -3.77 33.96 54.88
C ASN B 460 -5.24 34.10 54.49
N ASN B 461 -6.11 33.69 55.43
CA ASN B 461 -7.55 33.78 55.19
C ASN B 461 -8.05 35.20 55.26
N ASN B 462 -7.36 36.09 55.99
CA ASN B 462 -7.84 37.45 56.14
C ASN B 462 -7.66 38.26 54.86
N GLU B 463 -6.52 38.10 54.19
CA GLU B 463 -6.17 38.90 53.02
C GLU B 463 -5.62 37.99 51.93
N THR B 464 -5.78 38.42 50.68
CA THR B 464 -5.31 37.70 49.51
C THR B 464 -4.63 38.66 48.56
N ASN B 465 -3.50 38.22 47.99
CA ASN B 465 -2.73 39.00 47.02
C ASN B 465 -2.71 38.27 45.70
N ILE B 466 -3.10 38.95 44.63
CA ILE B 466 -3.17 38.37 43.30
C ILE B 466 -1.89 38.73 42.57
N THR B 467 -0.93 37.81 42.57
CA THR B 467 0.33 37.99 41.82
C THR B 467 0.09 37.53 40.39
N MET B 468 -0.52 38.42 39.61
CA MET B 468 -0.88 38.09 38.24
C MET B 468 0.35 37.78 37.40
N SER B 469 0.23 36.79 36.53
CA SER B 469 1.32 36.38 35.65
C SER B 469 1.29 37.20 34.37
N ALA B 470 2.32 37.00 33.53
CA ALA B 470 2.46 37.74 32.28
C ALA B 470 2.94 36.84 31.14
N GLU B 471 2.56 35.56 31.17
CA GLU B 471 2.96 34.63 30.13
C GLU B 471 2.04 34.75 28.93
N VAL B 472 2.63 34.75 27.74
CA VAL B 472 1.86 34.89 26.51
C VAL B 472 1.34 33.56 25.98
N ALA B 473 2.00 32.44 26.31
CA ALA B 473 1.58 31.15 25.76
C ALA B 473 0.17 30.78 26.19
N GLU B 474 -0.24 31.17 27.40
CA GLU B 474 -1.56 30.79 27.89
C GLU B 474 -2.69 31.41 27.08
N LEU B 475 -2.45 32.54 26.41
CA LEU B 475 -3.52 33.18 25.65
C LEU B 475 -4.02 32.29 24.53
N TYR B 476 -3.10 31.64 23.80
CA TYR B 476 -3.53 30.76 22.71
C TYR B 476 -4.16 29.49 23.25
N ARG B 477 -3.76 29.04 24.43
CA ARG B 477 -4.34 27.83 25.00
C ARG B 477 -5.83 27.98 25.26
N LEU B 478 -6.28 29.16 25.67
CA LEU B 478 -7.70 29.38 25.88
C LEU B 478 -8.48 29.26 24.58
N GLU B 479 -7.89 29.68 23.46
CA GLU B 479 -8.60 29.64 22.18
C GLU B 479 -8.93 28.20 21.79
N LEU B 480 -7.96 27.29 21.97
CA LEU B 480 -8.12 25.88 21.60
C LEU B 480 -8.23 24.99 22.84
N GLY B 481 -8.67 25.54 23.97
CA GLY B 481 -8.72 24.78 25.20
C GLY B 481 -9.81 23.73 25.27
N ASP B 482 -10.76 23.75 24.33
CA ASP B 482 -11.86 22.80 24.28
C ASP B 482 -11.72 21.87 23.07
N TYR B 483 -10.50 21.45 22.77
CA TYR B 483 -10.24 20.58 21.63
C TYR B 483 -9.17 19.56 22.00
N LYS B 484 -9.27 18.38 21.40
CA LYS B 484 -8.26 17.35 21.54
C LYS B 484 -8.22 16.54 20.25
N LEU B 485 -7.06 15.96 19.96
CA LEU B 485 -6.85 15.17 18.76
C LEU B 485 -6.87 13.69 19.13
N VAL B 486 -7.67 12.91 18.42
CA VAL B 486 -7.83 11.49 18.67
C VAL B 486 -7.54 10.73 17.39
N GLU B 487 -6.74 9.67 17.49
CA GLU B 487 -6.46 8.79 16.36
C GLU B 487 -7.50 7.69 16.32
N ILE B 488 -8.17 7.54 15.18
CA ILE B 488 -9.24 6.56 15.03
C ILE B 488 -8.63 5.24 14.60
N THR B 489 -8.90 4.19 15.38
CA THR B 489 -8.46 2.84 15.05
C THR B 489 -9.66 2.09 14.47
N PRO B 490 -9.69 1.79 13.16
CA PRO B 490 -10.86 1.12 12.59
C PRO B 490 -10.87 -0.39 12.78
N ILE B 491 -10.00 -0.94 13.63
CA ILE B 491 -9.93 -2.37 13.86
C ILE B 491 -10.86 -2.74 15.00
N GLY B 492 -11.64 -3.80 14.81
CA GLY B 492 -12.56 -4.26 15.83
C GLY B 492 -12.72 -5.77 15.79
N LEU B 493 -12.69 -6.41 16.96
CA LEU B 493 -12.76 -7.86 17.06
C LEU B 493 -13.99 -8.24 17.87
N ALA B 494 -14.82 -9.11 17.32
CA ALA B 494 -16.05 -9.56 17.96
C ALA B 494 -16.21 -11.06 17.75
N PRO B 495 -16.88 -11.75 18.69
CA PRO B 495 -17.10 -13.19 18.50
C PRO B 495 -18.37 -13.51 17.72
N THR B 496 -18.27 -14.43 16.78
CA THR B 496 -19.42 -14.87 15.99
C THR B 496 -19.34 -16.38 15.80
N SER B 497 -20.50 -17.00 15.59
CA SER B 497 -20.56 -18.43 15.39
C SER B 497 -20.05 -18.87 14.02
N CYS B 498 -19.79 -17.93 13.12
CA CYS B 498 -19.36 -18.28 11.78
C CYS B 498 -17.95 -18.88 11.79
N ARG B 499 -17.60 -19.56 10.70
CA ARG B 499 -16.28 -20.15 10.55
C ARG B 499 -15.90 -20.10 9.08
N ARG B 500 -14.60 -20.09 8.82
CA ARG B 500 -14.08 -20.03 7.47
C ARG B 500 -14.04 -21.42 6.84
N TYR B 501 -14.31 -21.47 5.53
CA TYR B 501 -14.33 -22.73 4.81
C TYR B 501 -12.91 -23.29 4.70
N THR B 502 -12.71 -24.48 5.26
CA THR B 502 -11.40 -25.14 5.26
C THR B 502 -10.31 -24.23 5.83
N GLN C 1 -1.30 -19.10 38.26
CA GLN C 1 -2.50 -18.22 38.28
C GLN C 1 -3.48 -18.66 39.37
N VAL C 2 -3.73 -19.96 39.44
CA VAL C 2 -4.71 -20.52 40.36
C VAL C 2 -4.12 -21.76 41.01
N GLN C 3 -4.52 -22.01 42.26
CA GLN C 3 -3.92 -23.02 43.13
C GLN C 3 -5.00 -23.91 43.74
N LEU C 4 -5.87 -24.47 42.89
CA LEU C 4 -6.97 -25.34 43.35
C LEU C 4 -6.51 -26.36 44.36
N GLN C 5 -7.26 -26.49 45.45
CA GLN C 5 -7.04 -27.50 46.47
C GLN C 5 -8.39 -28.01 46.95
N GLU C 6 -8.39 -29.24 47.46
CA GLU C 6 -9.62 -29.87 47.91
C GLU C 6 -9.29 -30.86 49.03
N SER C 7 -10.34 -31.36 49.67
CA SER C 7 -10.19 -32.35 50.72
C SER C 7 -11.51 -33.09 50.86
N GLY C 8 -11.45 -34.28 51.47
CA GLY C 8 -12.63 -35.10 51.66
C GLY C 8 -12.43 -36.16 52.73
N PRO C 9 -13.51 -36.84 53.11
CA PRO C 9 -13.38 -37.87 54.16
C PRO C 9 -12.48 -39.03 53.75
N GLY C 10 -12.75 -39.63 52.60
CA GLY C 10 -11.99 -40.78 52.14
C GLY C 10 -12.44 -42.11 52.70
N LEU C 11 -13.48 -42.13 53.53
CA LEU C 11 -13.98 -43.38 54.12
C LEU C 11 -15.48 -43.21 54.33
N VAL C 12 -16.27 -43.80 53.43
CA VAL C 12 -17.73 -43.72 53.48
C VAL C 12 -18.28 -45.14 53.38
N LYS C 13 -19.08 -45.53 54.37
CA LYS C 13 -19.74 -46.81 54.33
C LYS C 13 -20.89 -46.79 53.31
N PRO C 14 -21.31 -47.95 52.81
CA PRO C 14 -22.46 -47.94 51.90
C PRO C 14 -23.73 -47.50 52.59
N SER C 15 -24.56 -46.74 51.84
CA SER C 15 -25.83 -46.22 52.32
C SER C 15 -25.64 -45.11 53.37
N GLU C 16 -24.70 -44.21 53.11
CA GLU C 16 -24.55 -42.97 53.87
C GLU C 16 -24.40 -41.81 52.91
N THR C 17 -24.65 -40.61 53.43
CA THR C 17 -24.55 -39.39 52.63
C THR C 17 -23.12 -39.20 52.13
N LEU C 18 -23.00 -38.74 50.88
CA LEU C 18 -21.71 -38.48 50.26
C LEU C 18 -21.45 -36.98 50.29
N SER C 19 -20.34 -36.60 50.92
CA SER C 19 -19.95 -35.20 51.07
C SER C 19 -18.51 -35.02 50.57
N LEU C 20 -18.32 -34.14 49.60
CA LEU C 20 -17.01 -33.81 49.08
C LEU C 20 -16.96 -32.33 48.77
N THR C 21 -15.87 -31.69 49.17
CA THR C 21 -15.72 -30.24 49.07
C THR C 21 -14.48 -29.91 48.24
N CYS C 22 -14.64 -29.02 47.27
CA CYS C 22 -13.53 -28.51 46.47
C CYS C 22 -13.46 -27.00 46.64
N ALA C 23 -12.29 -26.49 47.00
CA ALA C 23 -12.10 -25.09 47.30
C ALA C 23 -11.75 -24.31 46.05
N VAL C 24 -12.27 -23.08 45.96
CA VAL C 24 -11.99 -22.16 44.85
C VAL C 24 -11.24 -20.97 45.41
N SER C 25 -10.08 -20.68 44.85
CA SER C 25 -9.24 -19.57 45.27
C SER C 25 -8.82 -18.75 44.05
N GLY C 26 -8.87 -17.44 44.19
CA GLY C 26 -8.50 -16.55 43.12
C GLY C 26 -9.54 -16.35 42.03
N GLY C 27 -10.73 -16.90 42.21
CA GLY C 27 -11.78 -16.75 41.22
C GLY C 27 -13.15 -16.76 41.88
N SER C 28 -14.13 -16.30 41.12
CA SER C 28 -15.51 -16.22 41.58
C SER C 28 -16.28 -17.43 41.08
N VAL C 29 -16.96 -18.12 41.99
CA VAL C 29 -17.76 -19.29 41.60
C VAL C 29 -18.88 -18.86 40.65
N SER C 30 -19.52 -17.72 40.94
CA SER C 30 -20.52 -17.18 40.03
C SER C 30 -19.85 -16.66 38.77
N GLY C 31 -20.57 -16.77 37.65
CA GLY C 31 -20.03 -16.39 36.37
C GLY C 31 -19.15 -17.43 35.72
N ASN C 32 -18.99 -18.60 36.32
CA ASN C 32 -18.20 -19.69 35.77
C ASN C 32 -19.02 -20.96 35.81
N TRP C 33 -18.95 -21.74 34.74
CA TRP C 33 -19.72 -22.97 34.61
C TRP C 33 -18.91 -24.12 35.22
N TRP C 34 -19.43 -24.71 36.28
CA TRP C 34 -18.75 -25.77 37.01
C TRP C 34 -19.47 -27.11 36.82
N SER C 35 -18.75 -28.18 37.10
CA SER C 35 -19.29 -29.53 36.95
C SER C 35 -18.47 -30.47 37.81
N TRP C 36 -19.03 -31.66 38.04
CA TRP C 36 -18.39 -32.70 38.84
C TRP C 36 -18.27 -33.97 38.00
N ILE C 37 -17.08 -34.55 37.98
CA ILE C 37 -16.79 -35.77 37.23
C ILE C 37 -15.99 -36.71 38.14
N ARG C 38 -16.29 -37.99 38.07
CA ARG C 38 -15.60 -39.02 38.83
C ARG C 38 -14.92 -39.99 37.88
N GLN C 39 -13.77 -40.52 38.32
CA GLN C 39 -12.99 -41.47 37.54
C GLN C 39 -13.06 -42.84 38.20
N PRO C 40 -13.87 -43.77 37.70
CA PRO C 40 -13.82 -45.13 38.25
C PRO C 40 -12.46 -45.75 38.00
N PRO C 41 -12.01 -46.63 38.89
CA PRO C 41 -10.66 -47.20 38.72
C PRO C 41 -10.48 -47.96 37.42
N GLY C 42 -11.52 -48.63 36.93
CA GLY C 42 -11.43 -49.43 35.72
C GLY C 42 -12.06 -48.78 34.51
N LYS C 43 -13.20 -48.12 34.70
CA LYS C 43 -13.93 -47.50 33.61
C LYS C 43 -13.39 -46.10 33.31
N GLY C 44 -13.86 -45.53 32.20
CA GLY C 44 -13.46 -44.21 31.79
C GLY C 44 -14.32 -43.12 32.40
N LEU C 45 -14.12 -41.90 31.90
CA LEU C 45 -14.88 -40.76 32.39
C LEU C 45 -16.36 -40.91 32.03
N GLU C 46 -17.23 -40.50 32.95
CA GLU C 46 -18.66 -40.50 32.71
C GLU C 46 -19.25 -39.18 33.20
N TYR C 47 -20.09 -38.58 32.38
CA TYR C 47 -20.76 -37.33 32.73
C TYR C 47 -21.90 -37.61 33.70
N ILE C 48 -21.99 -36.83 34.77
CA ILE C 48 -22.95 -37.09 35.84
C ILE C 48 -23.78 -35.85 36.17
N GLY C 49 -23.37 -34.69 35.66
CA GLY C 49 -24.16 -33.49 35.90
C GLY C 49 -23.42 -32.24 35.49
N ARG C 50 -24.18 -31.14 35.43
CA ARG C 50 -23.67 -29.82 35.11
C ARG C 50 -24.41 -28.80 35.94
N ILE C 51 -23.74 -27.68 36.25
CA ILE C 51 -24.35 -26.59 36.98
C ILE C 51 -23.66 -25.29 36.59
N SER C 52 -24.44 -24.22 36.49
CA SER C 52 -23.95 -22.91 36.11
C SER C 52 -24.01 -21.97 37.30
N GLY C 53 -22.92 -21.24 37.54
CA GLY C 53 -22.87 -20.30 38.64
C GLY C 53 -23.70 -19.05 38.42
N SER C 54 -24.00 -18.72 37.18
CA SER C 54 -24.80 -17.53 36.89
C SER C 54 -26.25 -17.68 37.35
N ASP C 55 -26.70 -18.92 37.60
CA ASP C 55 -28.05 -19.26 38.05
C ASP C 55 -29.08 -19.16 36.92
N GLY C 56 -28.68 -18.72 35.73
CA GLY C 56 -29.63 -18.60 34.63
C GLY C 56 -29.93 -19.91 33.95
N THR C 57 -29.05 -20.90 34.08
CA THR C 57 -29.20 -22.20 33.44
C THR C 57 -29.03 -23.31 34.46
N THR C 58 -29.80 -24.37 34.31
CA THR C 58 -29.73 -25.54 35.18
C THR C 58 -30.02 -26.77 34.33
N TYR C 59 -28.97 -27.55 34.06
CA TYR C 59 -29.08 -28.74 33.20
C TYR C 59 -28.44 -29.92 33.93
N TYR C 60 -29.24 -30.93 34.21
CA TYR C 60 -28.78 -32.18 34.81
C TYR C 60 -29.11 -33.35 33.90
N ARG C 61 -28.43 -34.47 34.14
CA ARG C 61 -28.70 -35.71 33.44
C ARG C 61 -29.85 -36.43 34.12
N SER C 62 -30.86 -36.82 33.34
CA SER C 62 -32.07 -37.43 33.89
C SER C 62 -31.91 -38.95 33.98
N SER C 63 -30.79 -39.37 34.56
CA SER C 63 -30.53 -40.79 34.83
C SER C 63 -29.98 -41.06 36.22
N LEU C 64 -29.51 -40.05 36.96
CA LEU C 64 -28.92 -40.24 38.27
C LEU C 64 -29.71 -39.60 39.40
N LYS C 65 -30.73 -38.79 39.10
CA LYS C 65 -31.56 -38.10 40.10
C LYS C 65 -30.70 -37.48 41.21
N VAL C 66 -29.76 -36.63 40.79
CA VAL C 66 -28.83 -35.97 41.69
C VAL C 66 -28.87 -34.47 41.44
N THR C 67 -28.69 -33.70 42.52
CA THR C 67 -28.66 -32.25 42.46
C THR C 67 -27.43 -31.75 43.21
N ILE C 68 -26.90 -30.62 42.75
CA ILE C 68 -25.72 -30.00 43.34
C ILE C 68 -26.03 -28.53 43.61
N SER C 69 -25.71 -28.08 44.82
CA SER C 69 -25.94 -26.69 45.20
C SER C 69 -24.83 -25.79 44.67
N ARG C 70 -25.06 -24.48 44.76
CA ARG C 70 -24.10 -23.47 44.32
C ARG C 70 -23.96 -22.37 45.36
N ASP C 71 -24.08 -22.71 46.64
CA ASP C 71 -23.98 -21.71 47.70
C ASP C 71 -22.61 -21.04 47.66
N THR C 72 -22.61 -19.71 47.57
CA THR C 72 -21.36 -18.98 47.50
C THR C 72 -20.64 -18.99 48.85
N SER C 73 -21.26 -18.41 49.87
CA SER C 73 -20.68 -18.36 51.21
C SER C 73 -19.32 -17.67 51.15
N LYS C 74 -18.24 -18.44 51.04
CA LYS C 74 -16.88 -17.92 50.94
C LYS C 74 -16.20 -18.53 49.71
N ASN C 75 -16.90 -18.53 48.59
CA ASN C 75 -16.39 -19.05 47.32
C ASN C 75 -16.03 -20.53 47.45
N GLN C 76 -17.04 -21.34 47.75
CA GLN C 76 -16.87 -22.78 47.85
C GLN C 76 -18.15 -23.45 47.36
N PHE C 77 -18.00 -24.71 46.95
CA PHE C 77 -19.13 -25.52 46.49
C PHE C 77 -18.84 -26.97 46.79
N SER C 78 -19.91 -27.77 46.86
CA SER C 78 -19.79 -29.16 47.28
C SER C 78 -20.88 -29.98 46.60
N LEU C 79 -20.72 -31.30 46.67
CA LEU C 79 -21.66 -32.25 46.09
C LEU C 79 -22.57 -32.81 47.16
N ARG C 80 -23.82 -33.09 46.78
CA ARG C 80 -24.82 -33.61 47.71
C ARG C 80 -25.54 -34.78 47.04
N LEU C 81 -25.48 -35.95 47.68
CA LEU C 81 -26.21 -37.12 47.25
C LEU C 81 -26.33 -38.08 48.42
N ASN C 82 -27.42 -38.86 48.41
CA ASN C 82 -27.73 -39.78 49.51
C ASN C 82 -27.87 -41.19 48.97
N SER C 83 -27.68 -42.16 49.86
CA SER C 83 -27.80 -43.58 49.53
C SER C 83 -26.81 -43.96 48.42
N VAL C 84 -25.52 -43.82 48.75
CA VAL C 84 -24.47 -44.13 47.79
C VAL C 84 -24.56 -45.60 47.39
N THR C 85 -24.49 -45.85 46.09
CA THR C 85 -24.52 -47.21 45.55
C THR C 85 -23.09 -47.73 45.38
N ALA C 86 -22.96 -49.06 45.40
CA ALA C 86 -21.64 -49.67 45.28
C ALA C 86 -21.01 -49.32 43.93
N ALA C 87 -21.80 -49.34 42.86
CA ALA C 87 -21.28 -49.02 41.53
C ALA C 87 -20.94 -47.54 41.37
N ASP C 88 -21.44 -46.67 42.25
CA ASP C 88 -21.19 -45.24 42.15
C ASP C 88 -19.88 -44.80 42.81
N THR C 89 -19.20 -45.71 43.52
CA THR C 89 -17.95 -45.34 44.18
C THR C 89 -16.84 -45.19 43.14
N ALA C 90 -16.11 -44.08 43.22
CA ALA C 90 -15.05 -43.79 42.26
C ALA C 90 -14.22 -42.64 42.80
N VAL C 91 -13.15 -42.33 42.07
CA VAL C 91 -12.29 -41.20 42.41
C VAL C 91 -12.96 -39.93 41.88
N TYR C 92 -13.31 -39.03 42.79
CA TYR C 92 -14.06 -37.83 42.44
C TYR C 92 -13.11 -36.67 42.14
N TYR C 93 -13.32 -36.02 41.01
CA TYR C 93 -12.53 -34.88 40.57
C TYR C 93 -13.40 -33.64 40.50
N CYS C 94 -12.85 -32.50 40.91
CA CYS C 94 -13.54 -31.22 40.85
C CYS C 94 -12.86 -30.33 39.81
N ALA C 95 -13.66 -29.72 38.94
CA ALA C 95 -13.13 -28.90 37.87
C ALA C 95 -14.27 -28.16 37.19
N ARG C 96 -13.93 -27.12 36.44
CA ARG C 96 -14.91 -26.46 35.61
C ARG C 96 -15.25 -27.35 34.41
N LYS C 97 -16.47 -27.20 33.90
CA LYS C 97 -16.89 -28.00 32.77
C LYS C 97 -16.05 -27.66 31.54
N PRO C 98 -15.82 -28.63 30.65
CA PRO C 98 -15.03 -28.33 29.44
C PRO C 98 -15.82 -27.42 28.51
N THR C 99 -15.15 -26.36 28.04
CA THR C 99 -15.76 -25.39 27.14
C THR C 99 -14.74 -25.01 26.08
N TRP C 100 -15.13 -24.09 25.21
CA TRP C 100 -14.26 -23.61 24.12
C TRP C 100 -13.56 -22.32 24.54
N ASP C 101 -12.82 -22.41 25.64
CA ASP C 101 -12.03 -21.30 26.15
C ASP C 101 -10.65 -21.79 26.55
N TRP C 102 -9.69 -20.88 26.57
CA TRP C 102 -8.30 -21.24 26.85
C TRP C 102 -8.10 -21.69 28.28
N PHE C 103 -9.00 -21.35 29.19
CA PHE C 103 -8.82 -21.60 30.62
C PHE C 103 -9.59 -22.83 31.04
N ASP C 104 -8.89 -23.75 31.71
CA ASP C 104 -9.53 -24.92 32.32
C ASP C 104 -8.54 -25.59 33.27
N VAL C 105 -8.98 -25.84 34.51
CA VAL C 105 -8.13 -26.41 35.54
C VAL C 105 -8.89 -27.52 36.25
N TRP C 106 -8.14 -28.48 36.80
CA TRP C 106 -8.71 -29.64 37.46
C TRP C 106 -7.98 -29.86 38.79
N GLY C 107 -8.69 -30.50 39.72
CA GLY C 107 -8.13 -30.84 41.01
C GLY C 107 -7.69 -32.29 41.06
N PRO C 108 -6.66 -32.61 41.86
CA PRO C 108 -6.23 -34.02 41.95
C PRO C 108 -7.34 -34.95 42.44
N GLY C 109 -8.20 -34.48 43.33
CA GLY C 109 -9.27 -35.32 43.85
C GLY C 109 -8.78 -36.28 44.92
N LEU C 110 -9.73 -37.04 45.47
CA LEU C 110 -9.42 -38.06 46.45
C LEU C 110 -10.36 -39.25 46.24
N LEU C 111 -9.88 -40.42 46.68
CA LEU C 111 -10.62 -41.65 46.47
C LEU C 111 -11.70 -41.82 47.52
N VAL C 112 -12.86 -42.30 47.08
CA VAL C 112 -13.93 -42.74 47.96
C VAL C 112 -13.97 -44.26 47.92
N THR C 113 -14.20 -44.88 49.08
CA THR C 113 -14.17 -46.34 49.20
C THR C 113 -15.34 -46.81 50.04
N VAL C 114 -15.85 -47.99 49.72
CA VAL C 114 -16.93 -48.63 50.46
C VAL C 114 -16.52 -50.07 50.78
N SER C 115 -17.17 -50.63 51.78
CA SER C 115 -16.89 -52.00 52.21
C SER C 115 -17.24 -52.99 51.10
N ASP D 1 -29.15 -41.03 21.67
CA ASP D 1 -27.80 -41.49 22.09
C ASP D 1 -27.01 -42.03 20.90
N ILE D 2 -25.68 -41.89 20.96
CA ILE D 2 -24.79 -42.34 19.91
C ILE D 2 -23.62 -43.10 20.54
N GLN D 3 -22.96 -43.90 19.71
CA GLN D 3 -21.83 -44.72 20.14
C GLN D 3 -20.56 -44.25 19.45
N MET D 4 -19.48 -44.15 20.23
CA MET D 4 -18.19 -43.71 19.73
C MET D 4 -17.24 -44.91 19.69
N THR D 5 -16.60 -45.11 18.54
CA THR D 5 -15.63 -46.18 18.34
C THR D 5 -14.23 -45.59 18.44
N GLN D 6 -13.46 -46.04 19.43
CA GLN D 6 -12.13 -45.53 19.70
C GLN D 6 -11.07 -46.47 19.15
N SER D 7 -9.84 -45.98 19.11
CA SER D 7 -8.73 -46.79 18.65
C SER D 7 -8.38 -47.86 19.69
N PRO D 8 -7.63 -48.88 19.32
CA PRO D 8 -7.29 -49.94 20.29
C PRO D 8 -6.53 -49.39 21.48
N SER D 9 -6.83 -49.94 22.65
CA SER D 9 -6.18 -49.53 23.89
C SER D 9 -4.76 -50.06 24.02
N SER D 10 -4.40 -51.11 23.28
CA SER D 10 -3.06 -51.67 23.31
C SER D 10 -2.25 -51.10 22.15
N LEU D 11 -1.05 -50.64 22.46
CA LEU D 11 -0.19 -50.02 21.46
C LEU D 11 1.26 -50.36 21.72
N SER D 12 1.94 -50.85 20.68
CA SER D 12 3.38 -51.07 20.70
C SER D 12 4.00 -50.25 19.58
N ALA D 13 4.94 -49.37 19.93
CA ALA D 13 5.53 -48.46 18.97
C ALA D 13 7.01 -48.27 19.28
N SER D 14 7.74 -47.86 18.24
CA SER D 14 9.16 -47.56 18.34
C SER D 14 9.38 -46.06 18.17
N VAL D 15 10.54 -45.60 18.65
CA VAL D 15 10.87 -44.18 18.54
C VAL D 15 11.01 -43.79 17.07
N GLY D 16 10.60 -42.56 16.76
CA GLY D 16 10.69 -42.05 15.40
C GLY D 16 9.52 -42.40 14.50
N ASP D 17 8.51 -43.09 15.00
CA ASP D 17 7.35 -43.47 14.22
C ASP D 17 6.18 -42.52 14.50
N ARG D 18 5.18 -42.58 13.63
CA ARG D 18 3.99 -41.74 13.72
C ARG D 18 2.87 -42.53 14.38
N VAL D 19 2.19 -41.91 15.35
CA VAL D 19 1.10 -42.53 16.09
C VAL D 19 -0.19 -41.77 15.78
N THR D 20 -1.20 -42.50 15.33
CA THR D 20 -2.50 -41.94 15.00
C THR D 20 -3.56 -42.52 15.92
N ILE D 21 -4.33 -41.65 16.57
CA ILE D 21 -5.41 -42.05 17.47
C ILE D 21 -6.69 -41.39 16.98
N THR D 22 -7.75 -42.19 16.86
CA THR D 22 -9.01 -41.71 16.30
C THR D 22 -10.18 -42.22 17.13
N CYS D 23 -11.19 -41.36 17.27
CA CYS D 23 -12.50 -41.76 17.79
C CYS D 23 -13.55 -41.20 16.84
N ARG D 24 -14.29 -42.10 16.20
CA ARG D 24 -15.18 -41.71 15.11
C ARG D 24 -16.49 -41.14 15.65
N ALA D 25 -17.01 -40.15 14.93
CA ALA D 25 -18.28 -39.52 15.28
C ALA D 25 -19.43 -40.19 14.53
N SER D 26 -20.57 -40.31 15.23
CA SER D 26 -21.72 -40.99 14.65
C SER D 26 -22.44 -40.12 13.61
N GLN D 27 -22.37 -38.80 13.76
CA GLN D 27 -23.02 -37.89 12.80
C GLN D 27 -22.19 -36.62 12.73
N GLY D 28 -22.79 -35.57 12.16
CA GLY D 28 -22.12 -34.29 12.01
C GLY D 28 -22.16 -33.44 13.27
N ILE D 29 -21.33 -33.79 14.25
CA ILE D 29 -21.27 -33.05 15.50
C ILE D 29 -20.77 -31.63 15.32
N ASP D 30 -20.19 -31.30 14.17
CA ASP D 30 -19.70 -29.95 13.87
C ASP D 30 -18.61 -29.53 14.86
N ASN D 31 -17.54 -30.32 14.85
CA ASN D 31 -16.27 -30.05 15.54
C ASN D 31 -16.45 -29.34 16.89
N TYR D 32 -17.23 -29.99 17.75
CA TYR D 32 -17.33 -29.64 19.17
C TYR D 32 -16.51 -30.60 20.03
N LEU D 33 -15.45 -31.15 19.48
CA LEU D 33 -14.64 -32.14 20.17
C LEU D 33 -13.66 -31.47 21.13
N ASN D 34 -13.14 -32.27 22.06
CA ASN D 34 -12.10 -31.83 22.98
C ASN D 34 -11.27 -33.05 23.36
N TRP D 35 -10.03 -32.79 23.80
CA TRP D 35 -9.07 -33.84 24.10
C TRP D 35 -8.41 -33.57 25.44
N TYR D 36 -7.97 -34.66 26.08
CA TYR D 36 -7.31 -34.56 27.38
C TYR D 36 -6.32 -35.71 27.50
N GLN D 37 -5.37 -35.54 28.42
CA GLN D 37 -4.36 -36.56 28.71
C GLN D 37 -4.12 -36.56 30.22
N GLN D 38 -4.51 -37.65 30.88
CA GLN D 38 -4.35 -37.79 32.31
C GLN D 38 -3.20 -38.73 32.63
N LYS D 39 -2.28 -38.26 33.46
CA LYS D 39 -1.18 -39.09 33.93
C LYS D 39 -1.66 -40.02 35.04
N PRO D 40 -0.93 -41.10 35.32
CA PRO D 40 -1.35 -42.00 36.40
C PRO D 40 -1.38 -41.28 37.74
N GLY D 41 -2.55 -41.28 38.36
CA GLY D 41 -2.72 -40.63 39.65
C GLY D 41 -2.50 -39.14 39.62
N LYS D 42 -2.86 -38.48 38.51
CA LYS D 42 -2.73 -37.04 38.41
C LYS D 42 -3.86 -36.50 37.54
N ALA D 43 -4.09 -35.20 37.64
CA ALA D 43 -5.21 -34.58 36.94
C ALA D 43 -4.89 -34.43 35.44
N PRO D 44 -5.92 -34.42 34.59
CA PRO D 44 -5.68 -34.21 33.16
C PRO D 44 -5.38 -32.75 32.85
N LYS D 45 -4.74 -32.55 31.70
CA LYS D 45 -4.45 -31.21 31.20
C LYS D 45 -4.79 -31.15 29.71
N ARG D 46 -5.39 -30.05 29.31
CA ARG D 46 -5.80 -29.87 27.92
C ARG D 46 -4.59 -29.78 27.00
N LEU D 47 -4.71 -30.38 25.82
CA LEU D 47 -3.69 -30.29 24.78
C LEU D 47 -4.23 -29.66 23.49
N ILE D 48 -5.36 -30.15 23.00
CA ILE D 48 -6.01 -29.59 21.82
C ILE D 48 -7.51 -29.58 22.06
N PHE D 49 -8.16 -28.49 21.68
CA PHE D 49 -9.60 -28.31 21.89
C PHE D 49 -10.22 -27.75 20.63
N ALA D 50 -11.53 -27.97 20.49
CA ALA D 50 -12.28 -27.52 19.33
C ALA D 50 -11.65 -28.06 18.04
N ALA D 51 -11.33 -29.35 18.06
CA ALA D 51 -10.73 -30.04 16.92
C ALA D 51 -9.35 -29.47 16.60
N SER D 52 -9.29 -28.24 16.11
CA SER D 52 -8.03 -27.60 15.69
C SER D 52 -7.94 -26.23 16.37
N SER D 53 -7.36 -26.22 17.57
CA SER D 53 -7.05 -24.97 18.27
C SER D 53 -5.90 -25.27 19.22
N LEU D 54 -4.70 -24.87 18.83
CA LEU D 54 -3.51 -25.20 19.61
C LEU D 54 -3.57 -24.56 20.99
N HIS D 55 -3.20 -25.34 22.00
CA HIS D 55 -3.08 -24.87 23.37
C HIS D 55 -1.62 -24.89 23.79
N ASN D 56 -1.25 -23.91 24.61
CA ASN D 56 0.15 -23.76 25.01
C ASN D 56 0.63 -25.01 25.76
N GLY D 57 1.85 -25.43 25.44
CA GLY D 57 2.45 -26.58 26.09
C GLY D 57 3.21 -27.50 25.16
N VAL D 58 2.78 -27.58 23.90
CA VAL D 58 3.45 -28.41 22.90
C VAL D 58 3.49 -27.66 21.58
N PRO D 59 4.66 -27.49 20.93
CA PRO D 59 4.72 -26.65 19.74
C PRO D 59 3.91 -27.19 18.56
N SER D 60 4.23 -28.41 18.12
CA SER D 60 3.60 -28.96 16.93
C SER D 60 3.25 -30.44 17.00
N ARG D 61 3.75 -31.18 18.00
CA ARG D 61 3.57 -32.64 17.97
C ARG D 61 2.09 -33.03 18.04
N PHE D 62 1.32 -32.32 18.86
CA PHE D 62 -0.12 -32.56 18.96
C PHE D 62 -0.85 -31.62 18.02
N SER D 63 -1.63 -32.20 17.10
CA SER D 63 -2.40 -31.40 16.15
C SER D 63 -3.53 -32.25 15.60
N GLY D 64 -4.76 -31.92 15.97
CA GLY D 64 -5.93 -32.59 15.45
C GLY D 64 -6.55 -31.84 14.28
N SER D 65 -7.54 -32.47 13.67
CA SER D 65 -8.25 -31.89 12.53
C SER D 65 -9.48 -32.75 12.27
N GLY D 66 -10.18 -32.44 11.19
CA GLY D 66 -11.37 -33.17 10.78
C GLY D 66 -12.64 -32.42 11.10
N SER D 67 -13.65 -32.61 10.26
CA SER D 67 -14.94 -31.96 10.44
C SER D 67 -16.02 -32.84 9.83
N GLY D 68 -17.25 -32.61 10.26
CA GLY D 68 -18.38 -33.39 9.75
C GLY D 68 -18.41 -34.78 10.33
N THR D 69 -18.11 -35.78 9.50
CA THR D 69 -18.13 -37.19 9.91
C THR D 69 -16.75 -37.75 10.18
N LYS D 70 -15.71 -37.22 9.51
CA LYS D 70 -14.36 -37.74 9.63
C LYS D 70 -13.56 -36.90 10.62
N PHE D 71 -12.93 -37.58 11.59
CA PHE D 71 -12.08 -36.93 12.57
C PHE D 71 -10.86 -37.80 12.84
N THR D 72 -9.69 -37.16 12.94
CA THR D 72 -8.44 -37.86 13.19
C THR D 72 -7.54 -37.02 14.06
N LEU D 73 -6.61 -37.70 14.74
CA LEU D 73 -5.54 -37.05 15.50
C LEU D 73 -4.22 -37.60 15.02
N THR D 74 -3.32 -36.72 14.60
CA THR D 74 -2.03 -37.10 14.04
C THR D 74 -0.91 -36.55 14.93
N ILE D 75 0.06 -37.40 15.25
CA ILE D 75 1.24 -37.01 16.01
C ILE D 75 2.46 -37.32 15.15
N SER D 76 3.27 -36.29 14.89
CA SER D 76 4.43 -36.47 14.01
C SER D 76 5.46 -37.41 14.64
N SER D 77 5.71 -37.27 15.94
CA SER D 77 6.75 -38.02 16.63
C SER D 77 6.28 -38.42 18.02
N LEU D 78 6.88 -39.48 18.53
CA LEU D 78 6.64 -39.96 19.88
C LEU D 78 7.83 -39.60 20.77
N GLN D 79 7.52 -39.16 21.99
CA GLN D 79 8.53 -38.71 22.94
C GLN D 79 8.25 -39.33 24.30
N PRO D 80 9.25 -39.38 25.19
CA PRO D 80 9.01 -40.00 26.51
C PRO D 80 7.91 -39.34 27.31
N GLU D 81 7.71 -38.03 27.16
CA GLU D 81 6.68 -37.34 27.93
C GLU D 81 5.29 -37.87 27.60
N ASP D 82 5.03 -38.13 26.32
CA ASP D 82 3.73 -38.61 25.89
C ASP D 82 3.51 -40.02 26.44
N LEU D 83 2.66 -40.14 27.46
CA LEU D 83 2.39 -41.42 28.09
C LEU D 83 1.22 -41.25 29.04
N GLY D 84 0.45 -42.32 29.21
CA GLY D 84 -0.69 -42.32 30.12
C GLY D 84 -1.96 -42.82 29.46
N THR D 85 -3.00 -41.98 29.45
CA THR D 85 -4.28 -42.34 28.86
C THR D 85 -4.82 -41.13 28.11
N TYR D 86 -5.57 -41.40 27.05
CA TYR D 86 -6.14 -40.37 26.18
C TYR D 86 -7.65 -40.53 26.08
N TYR D 87 -8.35 -39.41 26.06
CA TYR D 87 -9.79 -39.40 25.90
C TYR D 87 -10.20 -38.27 24.95
N CYS D 88 -11.30 -38.47 24.24
CA CYS D 88 -11.91 -37.45 23.41
C CYS D 88 -13.33 -37.22 23.88
N LEU D 89 -13.72 -35.94 24.00
CA LEU D 89 -14.98 -35.55 24.59
C LEU D 89 -15.81 -34.76 23.58
N GLN D 90 -17.11 -35.04 23.55
CA GLN D 90 -18.07 -34.33 22.70
C GLN D 90 -19.22 -33.84 23.57
N TYR D 91 -19.70 -32.63 23.27
CA TYR D 91 -20.76 -32.01 24.06
C TYR D 91 -21.78 -31.31 23.17
N TYR D 92 -22.00 -31.81 21.95
CA TYR D 92 -23.03 -31.24 21.09
C TYR D 92 -24.42 -31.43 21.67
N SER D 93 -24.70 -32.63 22.19
CA SER D 93 -26.00 -32.98 22.72
C SER D 93 -25.90 -33.25 24.22
N ASP D 94 -27.07 -33.32 24.87
CA ASP D 94 -27.10 -33.54 26.32
C ASP D 94 -26.47 -34.87 26.73
N PRO D 95 -26.82 -36.02 26.13
CA PRO D 95 -26.22 -37.28 26.57
C PRO D 95 -24.83 -37.47 26.00
N TYR D 96 -23.82 -37.31 26.86
CA TYR D 96 -22.44 -37.44 26.42
C TYR D 96 -22.07 -38.92 26.28
N THR D 97 -21.21 -39.20 25.30
CA THR D 97 -20.64 -40.52 25.09
C THR D 97 -19.12 -40.40 25.08
N PHE D 98 -18.46 -41.23 25.89
CA PHE D 98 -17.03 -41.15 26.10
C PHE D 98 -16.33 -42.36 25.50
N GLY D 99 -15.00 -42.25 25.39
CA GLY D 99 -14.19 -43.31 24.87
C GLY D 99 -13.79 -44.32 25.93
N GLN D 100 -13.09 -45.37 25.49
CA GLN D 100 -12.67 -46.44 26.37
C GLN D 100 -11.30 -46.21 27.01
N GLY D 101 -10.58 -45.16 26.60
CA GLY D 101 -9.26 -44.91 27.15
C GLY D 101 -8.20 -45.82 26.56
N THR D 102 -6.99 -45.29 26.37
CA THR D 102 -5.89 -46.02 25.77
C THR D 102 -4.80 -46.22 26.81
N LYS D 103 -4.63 -47.45 27.29
CA LYS D 103 -3.56 -47.79 28.23
C LYS D 103 -2.26 -47.90 27.45
N VAL D 104 -1.69 -46.75 27.13
CA VAL D 104 -0.50 -46.69 26.29
C VAL D 104 0.71 -47.13 27.10
N GLU D 105 1.47 -48.09 26.56
CA GLU D 105 2.70 -48.57 27.17
C GLU D 105 3.76 -48.62 26.08
N ILE D 106 4.80 -47.79 26.22
CA ILE D 106 5.83 -47.67 25.20
C ILE D 106 6.91 -48.73 25.45
N LYS D 107 7.69 -49.00 24.41
CA LYS D 107 8.80 -49.94 24.51
C LYS D 107 9.89 -49.57 23.51
N VAL E 58 19.58 19.71 6.69
CA VAL E 58 18.80 19.96 7.90
C VAL E 58 18.33 18.63 8.48
N TRP E 59 18.40 18.50 9.80
CA TRP E 59 18.04 17.23 10.44
C TRP E 59 16.58 16.87 10.22
N GLY E 60 15.71 17.87 10.06
CA GLY E 60 14.33 17.58 9.74
C GLY E 60 14.19 16.82 8.44
N THR E 61 14.89 17.26 7.40
CA THR E 61 14.88 16.53 6.13
C THR E 61 15.53 15.16 6.27
N LYS E 62 16.49 15.02 7.19
CA LYS E 62 17.13 13.73 7.39
C LYS E 62 16.12 12.69 7.88
N ASN E 63 15.36 13.03 8.92
CA ASN E 63 14.36 12.09 9.45
C ASN E 63 13.28 11.81 8.42
N LEU E 64 12.81 12.85 7.73
CA LEU E 64 11.75 12.65 6.75
C LEU E 64 12.19 11.76 5.60
N GLN E 65 13.44 11.93 5.15
CA GLN E 65 13.92 11.15 4.02
C GLN E 65 13.95 9.67 4.34
N THR E 66 14.30 9.31 5.57
CA THR E 66 14.34 7.90 5.95
C THR E 66 12.94 7.27 5.92
N ARG E 67 11.94 7.98 6.47
CA ARG E 67 10.62 7.39 6.59
C ARG E 67 10.02 7.10 5.22
N VAL E 68 10.01 8.09 4.33
CA VAL E 68 9.38 7.91 3.03
C VAL E 68 10.07 6.81 2.25
N THR E 69 11.38 6.63 2.44
CA THR E 69 12.08 5.55 1.76
C THR E 69 11.56 4.19 2.20
N ALA E 70 11.24 4.03 3.48
CA ALA E 70 10.71 2.77 3.96
C ALA E 70 9.39 2.43 3.29
N ILE E 71 8.48 3.39 3.22
CA ILE E 71 7.22 3.17 2.50
C ILE E 71 7.49 2.96 1.02
N GLU E 72 8.41 3.75 0.44
CA GLU E 72 8.71 3.61 -0.97
C GLU E 72 9.24 2.21 -1.28
N LYS E 73 10.06 1.66 -0.37
CA LYS E 73 10.52 0.28 -0.54
C LYS E 73 9.41 -0.71 -0.20
N TYR E 74 8.61 -0.42 0.83
CA TYR E 74 7.65 -1.40 1.31
C TYR E 74 6.61 -1.76 0.26
N LEU E 75 6.28 -0.82 -0.63
CA LEU E 75 5.31 -1.08 -1.68
C LEU E 75 5.95 -1.52 -2.99
N LYS E 76 7.20 -1.13 -3.23
CA LYS E 76 7.85 -1.51 -4.48
C LYS E 76 7.97 -3.03 -4.60
N ASP E 77 8.47 -3.67 -3.56
CA ASP E 77 8.51 -5.14 -3.56
C ASP E 77 7.09 -5.71 -3.59
N GLN E 78 6.17 -5.10 -2.84
CA GLN E 78 4.77 -5.50 -2.91
C GLN E 78 4.09 -5.00 -4.17
N ALA E 79 4.74 -4.14 -4.95
CA ALA E 79 4.27 -3.79 -6.29
C ALA E 79 4.77 -4.77 -7.33
N GLN E 80 6.06 -5.14 -7.26
CA GLN E 80 6.57 -6.22 -8.10
C GLN E 80 5.82 -7.51 -7.81
N LEU E 81 5.64 -7.83 -6.53
CA LEU E 81 4.69 -8.85 -6.12
C LEU E 81 3.28 -8.29 -6.23
N ASN E 82 2.29 -9.17 -6.19
CA ASN E 82 0.87 -8.88 -6.33
C ASN E 82 0.48 -8.65 -7.79
N SER E 83 1.44 -8.59 -8.72
CA SER E 83 1.15 -8.56 -10.15
C SER E 83 1.39 -9.90 -10.81
N TRP E 84 2.22 -10.75 -10.21
CA TRP E 84 2.43 -12.09 -10.74
C TRP E 84 1.21 -12.98 -10.54
N GLY E 85 0.43 -12.72 -9.49
CA GLY E 85 -0.75 -13.51 -9.18
C GLY E 85 -0.93 -13.75 -7.70
N CYS E 86 0.15 -13.68 -6.93
CA CYS E 86 0.11 -13.88 -5.50
C CYS E 86 0.23 -12.54 -4.79
N ALA E 87 -0.76 -12.19 -3.99
CA ALA E 87 -0.78 -10.89 -3.33
C ALA E 87 0.05 -10.88 -2.06
N PHE E 88 -0.33 -11.71 -1.08
CA PHE E 88 0.34 -11.73 0.21
C PHE E 88 0.58 -13.14 0.73
N ARG E 89 0.28 -14.17 -0.05
CA ARG E 89 0.53 -15.54 0.40
C ARG E 89 2.04 -15.76 0.56
N GLN E 90 2.43 -16.32 1.69
CA GLN E 90 3.85 -16.50 1.98
C GLN E 90 4.51 -17.43 0.97
N VAL E 91 3.85 -18.54 0.66
CA VAL E 91 4.33 -19.51 -0.32
C VAL E 91 3.17 -19.87 -1.24
N CYS E 92 3.42 -19.85 -2.55
CA CYS E 92 2.42 -20.22 -3.52
C CYS E 92 3.11 -20.72 -4.78
N CYS E 93 2.39 -21.52 -5.56
CA CYS E 93 2.93 -22.17 -6.73
C CYS E 93 2.58 -21.40 -8.00
N THR E 94 3.40 -21.58 -9.02
CA THR E 94 3.23 -20.92 -10.31
C THR E 94 3.40 -21.95 -11.43
N THR E 95 2.75 -21.68 -12.56
CA THR E 95 2.73 -22.63 -13.67
C THR E 95 4.03 -22.65 -14.47
N VAL E 96 4.94 -21.70 -14.22
CA VAL E 96 6.18 -21.61 -15.00
C VAL E 96 7.09 -22.78 -14.62
N PRO E 97 7.52 -23.62 -15.57
CA PRO E 97 8.51 -24.65 -15.22
C PRO E 97 9.85 -24.04 -14.87
N TRP E 98 10.59 -24.75 -14.02
CA TRP E 98 11.91 -24.29 -13.61
C TRP E 98 12.93 -24.62 -14.69
N PRO E 99 13.63 -23.64 -15.28
CA PRO E 99 14.62 -23.97 -16.29
C PRO E 99 15.86 -24.63 -15.70
N ASN E 100 16.53 -25.44 -16.52
CA ASN E 100 17.78 -26.10 -16.15
C ASN E 100 17.61 -26.91 -14.86
N GLU E 101 16.83 -27.99 -14.99
CA GLU E 101 16.59 -28.87 -13.84
C GLU E 101 17.88 -29.41 -13.24
N THR E 102 18.97 -29.45 -14.03
CA THR E 102 20.26 -29.87 -13.50
C THR E 102 20.76 -28.95 -12.38
N LEU E 103 20.23 -27.72 -12.29
CA LEU E 103 20.58 -26.79 -11.23
C LEU E 103 19.68 -26.91 -10.01
N VAL E 104 19.13 -28.10 -9.77
CA VAL E 104 18.31 -28.28 -8.56
C VAL E 104 19.19 -28.07 -7.32
N PRO E 105 18.76 -27.28 -6.35
CA PRO E 105 19.63 -27.02 -5.20
C PRO E 105 19.65 -28.17 -4.20
N ASN E 106 20.81 -28.33 -3.54
CA ASN E 106 20.96 -29.34 -2.50
C ASN E 106 20.24 -28.83 -1.25
N TRP E 107 19.05 -29.37 -1.01
CA TRP E 107 18.24 -28.89 0.10
C TRP E 107 18.89 -29.13 1.45
N SER E 108 19.80 -30.10 1.55
CA SER E 108 20.44 -30.40 2.83
C SER E 108 21.51 -29.37 3.16
N ASN E 109 22.54 -29.27 2.32
CA ASN E 109 23.66 -28.35 2.54
C ASN E 109 23.57 -27.23 1.51
N MET E 110 22.82 -26.20 1.87
CA MET E 110 22.70 -25.00 1.03
C MET E 110 21.94 -23.94 1.82
N THR E 111 22.25 -22.68 1.52
CA THR E 111 21.67 -21.54 2.21
C THR E 111 21.03 -20.59 1.20
N TRP E 112 19.99 -19.90 1.64
CA TRP E 112 19.27 -18.99 0.74
C TRP E 112 20.18 -17.86 0.25
N GLN E 113 21.02 -17.33 1.14
CA GLN E 113 21.85 -16.19 0.76
C GLN E 113 22.81 -16.55 -0.36
N GLU E 114 23.44 -17.73 -0.28
CA GLU E 114 24.42 -18.10 -1.30
C GLU E 114 23.74 -18.41 -2.63
N TRP E 115 22.64 -19.15 -2.60
CA TRP E 115 22.05 -19.62 -3.85
C TRP E 115 21.42 -18.49 -4.65
N GLU E 116 20.90 -17.46 -3.96
CA GLU E 116 20.25 -16.36 -4.68
C GLU E 116 21.23 -15.66 -5.62
N ARG E 117 22.46 -15.42 -5.15
CA ARG E 117 23.48 -14.80 -6.00
C ARG E 117 24.02 -15.76 -7.05
N GLN E 118 23.79 -17.06 -6.91
CA GLN E 118 24.20 -18.00 -7.95
C GLN E 118 23.30 -17.91 -9.17
N VAL E 119 22.05 -17.52 -8.99
CA VAL E 119 21.08 -17.40 -10.07
C VAL E 119 20.74 -15.94 -10.35
N ASP E 120 21.65 -15.03 -10.02
CA ASP E 120 21.40 -13.60 -10.28
C ASP E 120 21.25 -13.34 -11.78
N PHE E 121 22.09 -13.97 -12.60
CA PHE E 121 22.01 -13.76 -14.04
C PHE E 121 20.69 -14.27 -14.60
N LEU E 122 20.09 -15.28 -13.97
CA LEU E 122 18.87 -15.90 -14.48
C LEU E 122 17.61 -15.25 -13.93
N GLU E 123 17.72 -14.36 -12.96
CA GLU E 123 16.53 -13.76 -12.35
C GLU E 123 15.77 -12.90 -13.37
N ALA E 124 16.50 -12.14 -14.18
CA ALA E 124 15.86 -11.21 -15.11
C ALA E 124 15.03 -11.92 -16.18
N ASN E 125 15.36 -13.17 -16.50
CA ASN E 125 14.63 -13.89 -17.54
C ASN E 125 13.37 -14.55 -17.01
N ILE E 126 13.44 -15.15 -15.83
CA ILE E 126 12.28 -15.86 -15.29
C ILE E 126 11.17 -14.88 -14.95
N THR E 127 11.51 -13.69 -14.47
CA THR E 127 10.50 -12.73 -14.03
C THR E 127 9.66 -12.23 -15.20
N GLN E 128 10.25 -12.09 -16.39
CA GLN E 128 9.50 -11.57 -17.53
C GLN E 128 8.38 -12.52 -17.93
N LEU E 129 8.62 -13.83 -17.87
CA LEU E 129 7.62 -14.79 -18.31
C LEU E 129 6.34 -14.74 -17.46
N LEU E 130 6.42 -14.17 -16.26
CA LEU E 130 5.22 -14.07 -15.43
C LEU E 130 4.17 -13.18 -16.07
N GLU E 131 4.59 -12.08 -16.70
CA GLU E 131 3.65 -11.13 -17.28
C GLU E 131 2.78 -11.80 -18.34
N GLU E 132 3.40 -12.54 -19.26
CA GLU E 132 2.62 -13.23 -20.28
C GLU E 132 1.73 -14.30 -19.69
N ALA E 133 2.21 -15.04 -18.69
CA ALA E 133 1.43 -16.13 -18.12
C ALA E 133 0.15 -15.63 -17.48
N GLN E 134 0.23 -14.53 -16.72
CA GLN E 134 -0.93 -14.05 -15.98
C GLN E 134 -2.03 -13.57 -16.92
N ILE E 135 -1.68 -12.70 -17.87
CA ILE E 135 -2.70 -12.08 -18.71
C ILE E 135 -3.28 -13.10 -19.68
N GLN E 136 -2.45 -13.96 -20.25
CA GLN E 136 -2.93 -14.88 -21.29
C GLN E 136 -3.91 -15.89 -20.72
N GLN E 137 -3.54 -16.55 -19.62
CA GLN E 137 -4.42 -17.55 -19.03
C GLN E 137 -5.70 -16.91 -18.50
N GLU E 138 -5.58 -15.77 -17.82
CA GLU E 138 -6.75 -15.14 -17.22
C GLU E 138 -7.72 -14.63 -18.28
N LYS E 139 -7.20 -14.10 -19.39
CA LYS E 139 -8.06 -13.47 -20.40
C LYS E 139 -9.02 -14.49 -21.02
N ASN E 140 -8.53 -15.70 -21.30
CA ASN E 140 -9.35 -16.68 -22.00
C ASN E 140 -10.58 -17.08 -21.18
N MET E 141 -10.51 -16.97 -19.86
CA MET E 141 -11.64 -17.37 -19.03
C MET E 141 -12.86 -16.50 -19.26
N TYR E 142 -12.65 -15.23 -19.64
CA TYR E 142 -13.77 -14.33 -19.85
C TYR E 142 -14.67 -14.80 -21.00
N GLU E 143 -14.07 -15.25 -22.09
CA GLU E 143 -14.86 -15.67 -23.24
C GLU E 143 -15.54 -17.02 -23.02
N LEU E 144 -14.94 -17.87 -22.18
CA LEU E 144 -15.49 -19.21 -21.97
C LEU E 144 -16.88 -19.13 -21.34
N GLN E 145 -17.06 -18.25 -20.37
CA GLN E 145 -18.33 -18.15 -19.64
C GLN E 145 -19.42 -17.46 -20.45
N LYS E 146 -19.09 -16.86 -21.59
CA LYS E 146 -20.08 -16.09 -22.35
C LYS E 146 -21.20 -16.99 -22.86
N LEU E 147 -20.84 -18.16 -23.40
CA LEU E 147 -21.85 -19.04 -24.01
C LEU E 147 -22.84 -19.54 -22.96
N ASN E 148 -22.35 -19.93 -21.79
CA ASN E 148 -23.21 -20.45 -20.74
C ASN E 148 -23.94 -19.31 -20.03
N ILE F 1 7.69 -32.79 -13.18
CA ILE F 1 8.14 -31.43 -13.48
C ILE F 1 8.19 -30.62 -12.20
N GLN F 2 9.27 -29.86 -12.02
CA GLN F 2 9.41 -28.94 -10.90
C GLN F 2 9.10 -27.54 -11.38
N TYR F 3 8.04 -26.94 -10.81
CA TYR F 3 7.58 -25.62 -11.21
C TYR F 3 8.13 -24.57 -10.24
N VAL F 4 8.27 -23.36 -10.75
CA VAL F 4 8.83 -22.26 -9.96
C VAL F 4 7.88 -21.92 -8.83
N THR F 5 8.42 -21.83 -7.62
CA THR F 5 7.66 -21.47 -6.43
C THR F 5 8.28 -20.23 -5.79
N VAL F 6 7.44 -19.31 -5.36
CA VAL F 6 7.88 -18.04 -4.78
C VAL F 6 7.78 -18.14 -3.26
N PHE F 7 8.83 -17.70 -2.57
CA PHE F 7 8.91 -17.72 -1.12
C PHE F 7 9.08 -16.30 -0.62
N TYR F 8 8.39 -15.98 0.48
CA TYR F 8 8.40 -14.64 1.07
C TYR F 8 8.95 -14.74 2.48
N GLY F 9 9.93 -13.89 2.79
CA GLY F 9 10.51 -13.82 4.12
C GLY F 9 11.79 -14.59 4.32
N VAL F 10 12.32 -15.24 3.28
CA VAL F 10 13.56 -15.99 3.40
C VAL F 10 14.71 -15.00 3.61
N PRO F 11 15.82 -15.41 4.23
CA PRO F 11 16.91 -14.46 4.52
C PRO F 11 17.75 -14.20 3.28
N ALA F 12 17.76 -12.96 2.83
CA ALA F 12 18.58 -12.55 1.70
C ALA F 12 18.75 -11.04 1.75
N TRP F 13 19.97 -10.57 1.49
CA TRP F 13 20.27 -9.15 1.61
C TRP F 13 21.38 -8.78 0.63
N LYS F 14 21.48 -7.48 0.37
CA LYS F 14 22.49 -6.93 -0.52
C LYS F 14 22.99 -5.61 0.07
N ASN F 15 23.88 -4.95 -0.65
CA ASN F 15 24.39 -3.66 -0.20
C ASN F 15 23.26 -2.62 -0.19
N ALA F 16 23.49 -1.53 0.54
CA ALA F 16 22.46 -0.50 0.69
C ALA F 16 23.12 0.83 0.99
N THR F 17 22.36 1.90 0.75
CA THR F 17 22.82 3.26 1.05
C THR F 17 21.59 4.12 1.29
N ILE F 18 21.24 4.33 2.55
CA ILE F 18 20.12 5.19 2.91
C ILE F 18 20.43 5.88 4.23
N PRO F 19 19.81 7.02 4.55
CA PRO F 19 20.03 7.63 5.87
C PRO F 19 19.36 6.81 6.96
N LEU F 20 19.74 7.09 8.20
CA LEU F 20 19.29 6.33 9.37
C LEU F 20 18.52 7.24 10.33
N PHE F 21 17.79 6.60 11.23
CA PHE F 21 16.99 7.30 12.24
C PHE F 21 17.86 7.70 13.43
N CYS F 22 17.26 8.47 14.33
CA CYS F 22 17.92 8.87 15.57
C CYS F 22 17.78 7.78 16.62
N ALA F 23 18.70 7.81 17.59
CA ALA F 23 18.56 7.03 18.82
C ALA F 23 19.53 7.60 19.83
N THR F 24 19.00 8.20 20.90
CA THR F 24 19.85 8.81 21.93
C THR F 24 19.05 8.91 23.21
N LYS F 25 19.78 9.05 24.33
CA LYS F 25 19.18 9.13 25.65
C LYS F 25 18.99 10.59 26.08
N ASN F 26 20.07 11.35 26.12
CA ASN F 26 20.01 12.73 26.61
C ASN F 26 19.15 13.59 25.70
N ARG F 27 18.40 14.50 26.31
CA ARG F 27 17.51 15.41 25.60
C ARG F 27 18.15 16.78 25.49
N ASP F 28 17.39 17.75 24.99
CA ASP F 28 17.84 19.15 24.90
C ASP F 28 19.06 19.29 24.01
N THR F 29 19.06 18.55 22.90
CA THR F 29 20.11 18.62 21.89
C THR F 29 19.53 19.32 20.67
N TRP F 30 19.60 20.65 20.66
CA TRP F 30 19.08 21.46 19.57
C TRP F 30 17.57 21.25 19.41
N GLY F 31 16.84 21.44 20.51
CA GLY F 31 15.40 21.28 20.48
C GLY F 31 14.93 19.88 20.19
N THR F 32 15.67 18.87 20.64
CA THR F 32 15.40 17.44 20.50
C THR F 32 15.71 16.94 19.09
N THR F 33 15.98 17.82 18.12
CA THR F 33 16.40 17.44 16.78
C THR F 33 15.42 16.49 16.09
N GLN F 34 14.17 16.42 16.57
CA GLN F 34 13.18 15.50 16.02
C GLN F 34 13.70 14.06 16.04
N CYS F 35 14.35 13.69 17.13
CA CYS F 35 14.99 12.39 17.27
C CYS F 35 14.10 11.44 18.06
N LEU F 36 14.03 10.19 17.60
CA LEU F 36 13.19 9.20 18.23
C LEU F 36 13.73 8.78 19.59
N PRO F 37 12.90 8.21 20.46
CA PRO F 37 13.42 7.67 21.72
C PRO F 37 14.33 6.48 21.49
N ASP F 38 15.25 6.27 22.42
CA ASP F 38 16.21 5.19 22.33
C ASP F 38 15.74 3.98 23.13
N ASN F 39 15.98 2.80 22.59
CA ASN F 39 15.64 1.54 23.24
C ASN F 39 16.91 0.86 23.72
N ASP F 40 16.91 0.40 24.97
CA ASP F 40 18.05 -0.30 25.55
C ASP F 40 18.08 -1.72 25.00
N ASP F 41 18.77 -1.90 23.88
CA ASP F 41 18.86 -3.21 23.23
C ASP F 41 20.21 -3.31 22.54
N TYR F 42 21.11 -4.13 23.08
CA TYR F 42 22.40 -4.42 22.48
C TYR F 42 22.52 -5.88 22.08
N SER F 43 21.40 -6.56 21.88
CA SER F 43 21.41 -7.98 21.55
C SER F 43 22.05 -8.21 20.18
N GLU F 44 22.67 -9.38 20.03
CA GLU F 44 23.30 -9.76 18.78
C GLU F 44 23.17 -11.27 18.61
N LEU F 45 22.84 -11.69 17.40
CA LEU F 45 22.66 -13.09 17.08
C LEU F 45 23.87 -13.60 16.28
N ALA F 46 23.99 -14.92 16.20
CA ALA F 46 25.10 -15.58 15.55
C ALA F 46 24.70 -16.00 14.14
N ILE F 47 25.57 -15.69 13.17
CA ILE F 47 25.37 -16.07 11.79
C ILE F 47 26.63 -16.78 11.31
N ASN F 48 26.46 -17.73 10.39
CA ASN F 48 27.56 -18.56 9.90
C ASN F 48 28.13 -18.07 8.58
N ILE F 49 27.29 -17.59 7.67
CA ILE F 49 27.75 -17.21 6.34
C ILE F 49 28.63 -15.96 6.44
N THR F 50 29.73 -15.97 5.70
CA THR F 50 30.62 -14.81 5.65
C THR F 50 29.98 -13.67 4.86
N GLU F 51 30.45 -12.46 5.13
CA GLU F 51 29.96 -11.28 4.44
C GLU F 51 31.10 -10.28 4.31
N ALA F 52 31.14 -9.59 3.18
CA ALA F 52 32.19 -8.59 2.95
C ALA F 52 32.05 -7.44 3.93
N PHE F 53 33.19 -6.91 4.36
CA PHE F 53 33.25 -5.80 5.30
C PHE F 53 34.22 -4.76 4.81
N ASP F 54 33.96 -3.50 5.18
CA ASP F 54 34.81 -2.39 4.79
C ASP F 54 34.65 -1.28 5.82
N ALA F 55 35.66 -0.40 5.87
CA ALA F 55 35.65 0.74 6.78
C ALA F 55 35.81 2.08 6.09
N TRP F 56 36.46 2.14 4.93
CA TRP F 56 36.65 3.39 4.22
C TRP F 56 35.54 3.69 3.23
N ASN F 57 34.97 2.66 2.61
CA ASN F 57 33.95 2.84 1.59
C ASN F 57 32.53 2.73 2.12
N ASN F 58 32.34 2.20 3.33
CA ASN F 58 31.01 2.04 3.88
C ASN F 58 30.31 3.40 3.97
N THR F 59 29.03 3.42 3.61
CA THR F 59 28.26 4.66 3.59
C THR F 59 27.77 5.08 4.97
N VAL F 60 27.81 4.19 5.96
CA VAL F 60 27.33 4.54 7.29
C VAL F 60 28.17 5.67 7.88
N THR F 61 29.49 5.59 7.71
CA THR F 61 30.37 6.62 8.27
C THR F 61 30.31 7.92 7.48
N GLU F 62 30.01 7.84 6.17
CA GLU F 62 29.98 9.05 5.36
C GLU F 62 28.92 10.03 5.84
N GLN F 63 27.80 9.53 6.36
CA GLN F 63 26.76 10.41 6.87
C GLN F 63 27.13 11.01 8.23
N ALA F 64 27.86 10.25 9.06
CA ALA F 64 28.24 10.76 10.38
C ALA F 64 29.15 11.99 10.25
N ILE F 65 30.12 11.94 9.34
CA ILE F 65 31.06 13.05 9.20
C ILE F 65 30.33 14.31 8.75
N GLU F 66 29.33 14.16 7.89
CA GLU F 66 28.53 15.33 7.47
C GLU F 66 27.59 15.77 8.58
N ASP F 67 26.97 14.82 9.29
CA ASP F 67 26.05 15.17 10.36
C ASP F 67 26.76 15.89 11.50
N VAL F 68 27.92 15.37 11.91
CA VAL F 68 28.64 15.97 13.03
C VAL F 68 29.11 17.38 12.68
N TRP F 69 29.60 17.56 11.45
CA TRP F 69 30.05 18.89 11.03
C TRP F 69 28.89 19.88 11.02
N ASN F 70 27.71 19.43 10.56
CA ASN F 70 26.55 20.32 10.53
C ASN F 70 26.17 20.76 11.94
N LEU F 71 26.22 19.86 12.91
CA LEU F 71 25.90 20.23 14.29
C LEU F 71 26.85 21.30 14.81
N PHE F 72 28.15 21.16 14.52
CA PHE F 72 29.12 22.14 15.00
C PHE F 72 28.89 23.50 14.36
N GLU F 73 28.49 23.52 13.08
CA GLU F 73 28.26 24.78 12.39
C GLU F 73 27.16 25.61 13.06
N THR F 74 26.18 24.94 13.68
CA THR F 74 25.14 25.67 14.39
C THR F 74 25.72 26.49 15.54
N SER F 75 26.75 25.96 16.21
CA SER F 75 27.39 26.72 17.27
C SER F 75 28.03 27.99 16.73
N ILE F 76 28.67 27.90 15.56
CA ILE F 76 29.26 29.10 14.94
C ILE F 76 28.19 30.12 14.62
N LYS F 77 27.06 29.66 14.06
CA LYS F 77 25.97 30.55 13.71
C LYS F 77 25.35 31.17 14.96
N ALA F 208 29.23 17.84 23.11
CA ALA F 208 29.43 16.46 23.52
C ALA F 208 28.10 15.74 23.67
N ILE F 209 27.80 14.85 22.72
CA ILE F 209 26.57 14.07 22.71
C ILE F 209 26.90 12.63 22.37
N ARG F 210 25.98 11.73 22.72
CA ARG F 210 26.10 10.30 22.47
C ARG F 210 24.78 9.82 21.87
N PHE F 211 24.76 9.63 20.56
CA PHE F 211 23.56 9.20 19.83
C PHE F 211 23.82 7.83 19.20
N ARG F 212 22.81 7.35 18.46
CA ARG F 212 22.86 6.02 17.88
C ARG F 212 21.95 6.00 16.65
N TYR F 213 22.26 5.09 15.72
CA TYR F 213 21.46 4.89 14.53
C TYR F 213 20.80 3.51 14.58
N CYS F 214 19.48 3.51 14.40
CA CYS F 214 18.69 2.29 14.37
C CYS F 214 18.00 2.19 13.02
N ALA F 215 18.15 1.05 12.35
CA ALA F 215 17.59 0.90 11.01
C ALA F 215 16.09 0.66 11.07
N PRO F 216 15.36 0.99 10.01
CA PRO F 216 13.92 0.72 9.99
C PRO F 216 13.66 -0.73 9.65
N PRO F 217 12.39 -1.15 9.61
CA PRO F 217 12.09 -2.53 9.18
C PRO F 217 12.59 -2.78 7.77
N GLY F 218 13.05 -4.01 7.53
CA GLY F 218 13.64 -4.35 6.25
C GLY F 218 15.09 -3.93 6.10
N TYR F 219 15.75 -3.52 7.17
CA TYR F 219 17.14 -3.12 7.13
C TYR F 219 17.83 -3.61 8.39
N ALA F 220 19.11 -3.93 8.26
CA ALA F 220 19.87 -4.49 9.37
C ALA F 220 21.33 -4.06 9.26
N LEU F 221 22.03 -4.17 10.38
CA LEU F 221 23.44 -3.83 10.46
C LEU F 221 24.24 -5.07 10.86
N LEU F 222 25.39 -5.24 10.23
CA LEU F 222 26.27 -6.39 10.45
C LEU F 222 27.56 -5.94 11.12
N ARG F 223 28.09 -6.80 11.98
CA ARG F 223 29.36 -6.57 12.66
C ARG F 223 30.21 -7.83 12.59
N CYS F 224 31.51 -7.64 12.37
CA CYS F 224 32.46 -8.74 12.34
C CYS F 224 33.06 -8.92 13.72
N ASN F 225 32.72 -10.03 14.37
CA ASN F 225 33.23 -10.33 15.71
C ASN F 225 34.61 -10.98 15.68
N ASP F 226 35.21 -11.14 14.50
CA ASP F 226 36.57 -11.65 14.41
C ASP F 226 37.53 -10.74 15.17
N SER F 227 38.40 -11.35 15.97
CA SER F 227 39.35 -10.58 16.77
C SER F 227 40.46 -9.98 15.92
N ASN F 228 40.70 -10.52 14.72
CA ASN F 228 41.78 -10.05 13.86
C ASN F 228 41.29 -9.02 12.83
N TYR F 229 40.24 -8.28 13.13
CA TYR F 229 39.73 -7.29 12.20
C TYR F 229 40.72 -6.14 12.05
N SER F 230 40.99 -5.75 10.80
CA SER F 230 41.90 -4.65 10.51
C SER F 230 41.38 -3.77 9.38
N GLY F 231 40.06 -3.70 9.24
CA GLY F 231 39.45 -2.87 8.21
C GLY F 231 38.96 -3.66 7.01
N PHE F 232 39.77 -4.63 6.57
CA PHE F 232 39.43 -5.50 5.45
C PHE F 232 39.26 -6.92 5.97
N ALA F 233 38.02 -7.38 6.05
CA ALA F 233 37.69 -8.74 6.49
C ALA F 233 36.67 -9.34 5.54
N PRO F 234 37.06 -9.57 4.28
CA PRO F 234 36.12 -10.17 3.32
C PRO F 234 35.68 -11.57 3.70
N ASN F 235 36.41 -12.26 4.57
CA ASN F 235 36.11 -13.64 4.93
C ASN F 235 35.87 -13.78 6.43
N CYS F 236 35.05 -12.89 7.00
CA CYS F 236 34.74 -12.93 8.43
C CYS F 236 34.25 -14.32 8.84
N SER F 237 34.93 -14.89 9.83
CA SER F 237 34.56 -16.24 10.29
C SER F 237 33.18 -16.24 10.96
N LYS F 238 32.97 -15.33 11.90
CA LYS F 238 31.70 -15.20 12.61
C LYS F 238 31.24 -13.75 12.50
N VAL F 239 30.01 -13.56 12.03
CA VAL F 239 29.42 -12.24 11.84
C VAL F 239 28.06 -12.23 12.53
N VAL F 240 27.73 -11.10 13.16
CA VAL F 240 26.50 -10.96 13.92
C VAL F 240 25.62 -9.92 13.23
N VAL F 241 24.31 -10.04 13.46
CA VAL F 241 23.31 -9.12 12.93
C VAL F 241 22.67 -8.41 14.10
N SER F 242 22.61 -7.08 14.03
CA SER F 242 22.07 -6.25 15.09
C SER F 242 21.10 -5.23 14.51
N SER F 243 20.00 -5.00 15.21
CA SER F 243 19.00 -4.03 14.77
C SER F 243 19.46 -2.59 14.98
N CYS F 244 20.49 -2.37 15.80
CA CYS F 244 20.98 -1.03 16.08
C CYS F 244 22.48 -1.09 16.27
N THR F 245 23.14 0.04 16.03
CA THR F 245 24.57 0.15 16.21
C THR F 245 24.88 0.39 17.69
N ARG F 246 26.11 0.76 18.01
CA ARG F 246 26.54 0.99 19.38
C ARG F 246 26.60 2.49 19.68
N MET F 247 26.93 2.81 20.92
CA MET F 247 27.16 4.19 21.30
C MET F 247 28.44 4.70 20.64
N MET F 248 28.45 5.98 20.27
CA MET F 248 29.62 6.60 19.68
C MET F 248 29.79 8.01 20.25
N GLU F 249 31.02 8.49 20.23
CA GLU F 249 31.38 9.80 20.75
C GLU F 249 31.86 10.68 19.60
N THR F 250 31.48 11.95 19.63
CA THR F 250 31.87 12.93 18.62
C THR F 250 32.87 13.90 19.22
N GLN F 251 34.04 14.00 18.61
CA GLN F 251 35.10 14.90 19.08
C GLN F 251 35.81 15.48 17.87
N THR F 252 35.81 16.81 17.78
CA THR F 252 36.51 17.52 16.70
C THR F 252 37.90 17.85 17.19
N SER F 253 38.83 16.93 16.96
CA SER F 253 40.21 17.07 17.41
C SER F 253 41.15 16.51 16.35
N THR F 254 42.40 16.97 16.40
CA THR F 254 43.44 16.56 15.47
C THR F 254 44.66 16.07 16.23
N TRP F 255 45.44 15.22 15.58
CA TRP F 255 46.70 14.66 16.06
C TRP F 255 46.51 13.71 17.25
N PHE F 256 45.28 13.43 17.67
CA PHE F 256 45.04 12.58 18.82
C PHE F 256 43.68 11.91 18.66
N GLY F 257 43.50 10.82 19.41
CA GLY F 257 42.23 10.11 19.43
C GLY F 257 41.56 10.20 20.79
N PHE F 258 40.49 10.97 20.89
CA PHE F 258 39.84 11.27 22.16
C PHE F 258 39.03 10.04 22.60
N ASN F 259 38.00 10.24 23.44
CA ASN F 259 37.38 9.19 24.25
C ASN F 259 37.20 7.87 23.50
N GLY F 260 36.54 7.92 22.34
CA GLY F 260 36.36 6.73 21.54
C GLY F 260 35.52 5.66 22.22
N THR F 261 35.35 4.53 21.55
CA THR F 261 34.58 3.41 22.09
C THR F 261 35.25 2.05 21.91
N ARG F 262 36.27 1.95 21.05
CA ARG F 262 36.95 0.68 20.79
C ARG F 262 38.15 0.46 21.71
N ALA F 263 38.13 1.05 22.90
CA ALA F 263 39.19 0.80 23.88
C ALA F 263 39.07 -0.64 24.38
N GLU F 264 40.08 -1.46 24.09
CA GLU F 264 40.04 -2.88 24.43
C GLU F 264 41.46 -3.36 24.70
N ASN F 265 41.57 -4.59 25.18
CA ASN F 265 42.85 -5.18 25.54
C ASN F 265 43.69 -5.58 24.33
N ARG F 266 43.11 -5.59 23.13
CA ARG F 266 43.81 -6.00 21.92
C ARG F 266 44.31 -4.78 21.17
N THR F 267 45.53 -4.88 20.64
CA THR F 267 46.15 -3.83 19.85
C THR F 267 46.19 -4.25 18.39
N TYR F 268 45.67 -3.39 17.51
CA TYR F 268 45.66 -3.66 16.09
C TYR F 268 45.56 -2.34 15.34
N ILE F 269 46.00 -2.36 14.09
CA ILE F 269 46.09 -1.17 13.25
C ILE F 269 45.40 -1.45 11.92
N TYR F 270 44.55 -0.52 11.49
CA TYR F 270 43.89 -0.63 10.19
C TYR F 270 44.86 -0.26 9.08
N TRP F 271 44.72 -0.93 7.94
CA TRP F 271 45.54 -0.67 6.76
C TRP F 271 44.65 -0.60 5.53
N HIS F 272 44.87 0.43 4.71
CA HIS F 272 44.12 0.59 3.48
C HIS F 272 44.79 -0.19 2.35
N GLY F 273 43.96 -0.83 1.51
CA GLY F 273 44.49 -1.58 0.39
C GLY F 273 44.84 -0.72 -0.81
N LYS F 274 44.04 0.33 -1.02
CA LYS F 274 44.17 1.23 -2.20
C LYS F 274 45.10 2.38 -1.83
N SER F 275 45.32 2.63 -0.55
CA SER F 275 46.27 3.65 -0.07
C SER F 275 47.17 2.93 0.92
N ASN F 276 48.23 3.50 1.48
CA ASN F 276 48.96 2.72 2.52
C ASN F 276 48.48 3.36 3.82
N ARG F 277 47.39 4.11 3.77
CA ARG F 277 46.91 5.02 4.87
C ARG F 277 46.40 4.24 6.07
N THR F 278 46.58 4.73 7.32
CA THR F 278 46.25 3.93 8.53
C THR F 278 45.70 4.70 9.72
N ILE F 279 45.13 4.01 10.72
CA ILE F 279 44.70 4.60 12.02
C ILE F 279 45.06 3.55 13.09
N ILE F 280 45.72 3.91 14.21
CA ILE F 280 46.22 3.00 15.24
C ILE F 280 45.28 3.07 16.45
N SER F 281 44.80 1.91 16.87
CA SER F 281 44.01 1.80 18.09
C SER F 281 44.96 1.62 19.28
N LEU F 282 44.60 2.23 20.41
CA LEU F 282 45.42 2.20 21.61
C LEU F 282 44.73 1.40 22.71
N ASN F 283 45.50 0.54 23.37
CA ASN F 283 44.96 -0.29 24.43
C ASN F 283 44.61 0.55 25.66
N LYS F 284 43.64 0.06 26.43
CA LYS F 284 43.17 0.76 27.62
C LYS F 284 44.07 0.53 28.83
N TYR F 285 45.02 -0.41 28.77
CA TYR F 285 45.86 -0.67 29.92
C TYR F 285 46.80 0.48 30.22
N TYR F 286 47.31 1.16 29.18
CA TYR F 286 48.21 2.28 29.41
C TYR F 286 47.45 3.50 29.92
N ASN F 287 46.29 3.78 29.32
CA ASN F 287 45.38 4.85 29.69
C ASN F 287 45.94 6.23 29.32
N LEU F 288 47.24 6.31 29.02
CA LEU F 288 47.93 7.50 28.52
C LEU F 288 47.35 8.78 29.10
N THR F 289 47.43 8.92 30.42
CA THR F 289 46.80 10.03 31.13
C THR F 289 47.27 11.37 30.58
N MET F 290 46.31 12.27 30.37
CA MET F 290 46.56 13.62 29.87
C MET F 290 45.80 14.62 30.73
N ARG F 291 46.46 15.73 31.04
CA ARG F 291 45.85 16.82 31.80
C ARG F 291 46.19 18.13 31.12
N CYS F 292 45.18 18.93 30.83
CA CYS F 292 45.34 20.21 30.15
C CYS F 292 44.67 21.31 30.95
N ARG F 293 45.34 22.46 31.03
CA ARG F 293 44.84 23.61 31.78
C ARG F 293 45.01 24.89 30.96
N ARG F 294 44.68 26.02 31.58
CA ARG F 294 44.81 27.33 30.93
C ARG F 294 43.94 27.38 29.67
N CYS F 325 50.07 21.91 27.24
CA CYS F 325 49.62 20.93 28.22
C CYS F 325 50.81 20.26 28.88
N TRP F 326 50.78 20.19 30.21
CA TRP F 326 51.86 19.58 30.98
C TRP F 326 51.53 18.10 31.20
N PHE F 327 52.41 17.23 30.70
CA PHE F 327 52.19 15.79 30.81
C PHE F 327 53.46 15.02 30.48
N GLY F 328 53.78 14.01 31.31
CA GLY F 328 54.77 13.04 30.93
C GLY F 328 54.22 12.14 29.84
N GLY F 329 53.22 11.35 30.20
CA GLY F 329 52.43 10.56 29.27
C GLY F 329 53.22 9.86 28.18
N SER F 330 54.39 9.33 28.52
CA SER F 330 55.23 8.62 27.56
C SER F 330 54.95 7.13 27.53
N TRP F 331 54.93 6.49 28.71
CA TRP F 331 54.74 5.05 28.81
C TRP F 331 55.72 4.31 27.92
N LYS F 332 57.01 4.47 28.26
CA LYS F 332 58.08 3.92 27.42
C LYS F 332 57.93 2.42 27.23
N GLU F 333 57.46 1.69 28.24
CA GLU F 333 57.23 0.26 28.07
C GLU F 333 56.06 0.01 27.13
N ALA F 334 55.09 0.92 27.07
CA ALA F 334 53.94 0.72 26.20
C ALA F 334 54.31 0.86 24.73
N ILE F 335 55.07 1.91 24.40
CA ILE F 335 55.40 2.17 23.00
C ILE F 335 56.32 1.10 22.44
N GLN F 336 57.16 0.50 23.28
CA GLN F 336 58.07 -0.53 22.80
C GLN F 336 57.30 -1.74 22.25
N GLU F 337 56.24 -2.15 22.94
CA GLU F 337 55.51 -3.33 22.52
C GLU F 337 54.66 -3.06 21.29
N VAL F 338 53.98 -1.92 21.23
CA VAL F 338 53.03 -1.67 20.16
C VAL F 338 53.74 -1.54 18.82
N LYS F 339 54.88 -0.84 18.78
CA LYS F 339 55.58 -0.67 17.52
C LYS F 339 56.14 -1.99 17.00
N GLU F 340 56.58 -2.89 17.89
CA GLU F 340 56.98 -4.22 17.48
C GLU F 340 55.87 -5.05 16.82
N THR F 341 54.60 -4.75 17.12
CA THR F 341 53.49 -5.39 16.43
C THR F 341 53.14 -4.72 15.12
N LEU F 342 53.46 -3.43 14.97
CA LEU F 342 53.32 -2.79 13.67
C LEU F 342 54.25 -3.44 12.65
N VAL F 343 55.38 -4.00 13.11
CA VAL F 343 56.18 -4.85 12.25
C VAL F 343 55.48 -6.17 11.99
N LYS F 344 54.85 -6.73 13.03
CA LYS F 344 54.08 -7.96 12.92
C LYS F 344 52.68 -7.74 12.33
N HIS F 345 52.29 -6.49 12.14
CA HIS F 345 51.05 -6.16 11.45
C HIS F 345 51.02 -6.89 10.10
N PRO F 346 49.83 -7.37 9.66
CA PRO F 346 49.78 -8.32 8.52
C PRO F 346 50.63 -7.96 7.30
N ARG F 347 50.92 -6.69 7.06
CA ARG F 347 51.95 -6.32 6.09
C ARG F 347 52.85 -5.25 6.68
N TYR F 348 54.15 -5.39 6.43
CA TYR F 348 55.14 -4.37 6.76
C TYR F 348 56.35 -4.59 5.84
N THR F 349 56.51 -3.70 4.87
CA THR F 349 57.48 -3.90 3.78
C THR F 349 58.77 -3.19 4.13
N GLY F 350 59.87 -3.94 4.14
CA GLY F 350 61.18 -3.39 4.44
C GLY F 350 61.19 -2.67 5.76
N THR F 351 62.23 -1.85 5.97
CA THR F 351 62.35 -1.03 7.17
C THR F 351 62.28 -1.89 8.42
N ASN F 352 63.30 -2.75 8.58
CA ASN F 352 63.27 -3.81 9.58
C ASN F 352 62.92 -3.34 10.99
N ASP F 353 63.06 -2.03 11.27
CA ASP F 353 62.66 -1.46 12.54
C ASP F 353 63.52 -1.97 13.70
N THR F 354 64.82 -2.09 13.45
CA THR F 354 65.75 -2.61 14.47
C THR F 354 66.26 -1.44 15.31
N ARG F 355 65.45 -1.03 16.30
CA ARG F 355 65.86 -0.05 17.30
C ARG F 355 66.15 1.33 16.70
N LYS F 356 65.45 1.70 15.62
CA LYS F 356 65.65 3.00 14.99
C LYS F 356 64.34 3.45 14.36
N ILE F 357 63.70 4.44 14.99
CA ILE F 357 62.47 5.01 14.47
C ILE F 357 62.30 6.40 15.08
N ASN F 358 61.92 7.36 14.24
CA ASN F 358 61.71 8.73 14.68
C ASN F 358 60.39 9.25 14.13
N LEU F 359 59.64 9.94 14.99
CA LEU F 359 58.35 10.52 14.60
C LEU F 359 58.60 11.92 14.04
N THR F 360 59.04 11.96 12.79
CA THR F 360 59.33 13.22 12.13
C THR F 360 58.04 14.00 11.89
N ALA F 361 57.99 15.23 12.37
CA ALA F 361 56.83 16.07 12.17
C ALA F 361 56.78 16.57 10.72
N PRO F 362 55.61 17.02 10.26
CA PRO F 362 55.54 17.57 8.90
C PRO F 362 56.46 18.77 8.74
N ALA F 363 57.01 18.89 7.53
CA ALA F 363 57.93 19.99 7.24
C ALA F 363 57.22 21.34 7.43
N GLY F 364 58.02 22.38 7.60
CA GLY F 364 57.50 23.71 7.82
C GLY F 364 56.64 24.21 6.67
N GLY F 365 56.11 25.42 6.80
CA GLY F 365 55.24 25.99 5.79
C GLY F 365 53.89 26.41 6.34
N ASP F 366 52.83 25.69 5.95
CA ASP F 366 51.49 26.10 6.31
C ASP F 366 51.32 26.07 7.83
N PRO F 367 50.63 27.05 8.43
CA PRO F 367 50.48 27.02 9.89
C PRO F 367 49.74 25.81 10.41
N GLU F 368 48.76 25.28 9.66
CA GLU F 368 47.93 24.20 10.19
C GLU F 368 48.75 22.95 10.49
N VAL F 369 49.64 22.57 9.59
CA VAL F 369 50.46 21.38 9.83
C VAL F 369 51.43 21.61 10.98
N THR F 370 51.92 22.84 11.14
CA THR F 370 52.95 23.10 12.16
C THR F 370 52.41 22.87 13.56
N PHE F 371 51.18 23.30 13.83
CA PHE F 371 50.60 23.25 15.17
C PHE F 371 49.29 22.47 15.14
N MET F 372 49.03 21.74 16.23
CA MET F 372 47.85 20.90 16.32
C MET F 372 46.60 21.75 16.53
N TRP F 373 45.48 21.08 16.76
CA TRP F 373 44.22 21.75 17.10
C TRP F 373 43.46 20.89 18.08
N THR F 374 43.18 21.44 19.26
CA THR F 374 42.44 20.75 20.30
C THR F 374 41.42 21.70 20.90
N ASN F 375 40.24 21.16 21.23
CA ASN F 375 39.13 21.93 21.78
C ASN F 375 38.88 21.51 23.22
N CYS F 376 38.79 22.49 24.12
CA CYS F 376 38.48 22.26 25.53
C CYS F 376 37.47 23.34 25.94
N ARG F 377 36.19 23.02 25.82
CA ARG F 377 35.11 23.96 26.10
C ARG F 377 35.24 25.21 25.22
N GLY F 378 35.51 24.98 23.94
CA GLY F 378 35.62 26.06 22.97
C GLY F 378 36.90 26.86 23.12
N GLU F 379 38.04 26.21 22.89
CA GLU F 379 39.34 26.87 22.94
C GLU F 379 40.17 26.42 21.75
N PHE F 380 40.68 27.38 20.98
CA PHE F 380 41.51 27.10 19.82
C PHE F 380 42.96 27.02 20.29
N LEU F 381 43.36 25.84 20.74
CA LEU F 381 44.69 25.65 21.32
C LEU F 381 45.72 25.43 20.22
N TYR F 382 46.80 26.19 20.28
CA TYR F 382 47.92 26.07 19.33
C TYR F 382 49.21 26.16 20.14
N CYS F 383 49.80 25.01 20.44
CA CYS F 383 51.00 24.91 21.25
C CYS F 383 52.08 24.14 20.50
N LYS F 384 53.21 23.93 21.17
CA LYS F 384 54.38 23.27 20.59
C LYS F 384 54.57 21.90 21.22
N MET F 385 54.84 20.91 20.38
CA MET F 385 55.08 19.54 20.82
C MET F 385 56.53 19.11 20.62
N ASN F 386 57.45 20.06 20.46
CA ASN F 386 58.82 19.72 20.11
C ASN F 386 59.59 19.13 21.29
N TRP F 387 59.15 19.41 22.52
CA TRP F 387 59.95 19.04 23.69
C TRP F 387 60.05 17.52 23.84
N PHE F 388 58.91 16.83 23.81
CA PHE F 388 58.92 15.39 24.10
C PHE F 388 59.67 14.61 23.03
N LEU F 389 59.32 14.84 21.76
CA LEU F 389 59.92 14.07 20.68
C LEU F 389 61.42 14.32 20.57
N ASN F 390 61.82 15.59 20.65
CA ASN F 390 63.23 15.95 20.54
C ASN F 390 63.54 17.18 21.41
N GLY F 441 37.19 29.78 38.24
CA GLY F 441 38.05 30.76 37.60
C GLY F 441 38.50 30.32 36.21
N ASP F 442 39.53 29.47 36.18
CA ASP F 442 40.08 28.96 34.93
C ASP F 442 39.53 27.56 34.69
N LEU F 443 38.89 27.37 33.53
CA LEU F 443 38.32 26.08 33.19
C LEU F 443 39.42 25.05 32.98
N THR F 444 39.16 23.82 33.44
CA THR F 444 40.11 22.73 33.33
C THR F 444 39.41 21.51 32.73
N CYS F 445 40.18 20.71 32.00
CA CYS F 445 39.65 19.51 31.35
C CYS F 445 40.76 18.48 31.25
N ASN F 446 40.35 17.23 31.07
CA ASN F 446 41.26 16.10 30.90
C ASN F 446 41.04 15.49 29.53
N SER F 447 41.71 14.38 29.29
CA SER F 447 41.52 13.63 28.05
C SER F 447 42.02 12.22 28.28
N THR F 448 41.32 11.25 27.69
CA THR F 448 41.70 9.84 27.72
C THR F 448 41.95 9.39 26.29
N VAL F 449 43.22 9.38 25.89
CA VAL F 449 43.56 9.07 24.51
C VAL F 449 43.21 7.62 24.21
N THR F 450 42.67 7.37 23.02
CA THR F 450 42.33 6.02 22.60
C THR F 450 42.70 5.70 21.15
N SER F 451 43.11 6.68 20.34
CA SER F 451 43.46 6.42 18.95
C SER F 451 44.47 7.48 18.51
N LEU F 452 44.96 7.31 17.28
CA LEU F 452 45.92 8.26 16.72
C LEU F 452 45.96 8.08 15.20
N ILE F 453 45.81 9.18 14.48
CA ILE F 453 45.86 9.18 13.02
C ILE F 453 47.30 9.29 12.58
N ALA F 454 47.62 8.61 11.47
CA ALA F 454 48.97 8.64 10.95
C ALA F 454 48.95 8.22 9.49
N GLU F 455 49.86 8.81 8.71
CA GLU F 455 50.08 8.44 7.30
C GLU F 455 51.50 7.92 7.20
N ILE F 456 51.65 6.61 7.04
CA ILE F 456 52.95 5.95 7.02
C ILE F 456 53.51 6.02 5.61
N ASP F 457 54.75 6.49 5.49
CA ASP F 457 55.46 6.50 4.18
C ASP F 457 56.95 6.32 4.45
N TRP F 458 57.71 5.77 3.49
CA TRP F 458 59.18 5.65 3.60
C TRP F 458 59.79 5.83 2.21
N THR F 459 61.00 6.36 2.10
CA THR F 459 61.65 6.65 0.79
C THR F 459 62.84 5.70 0.60
N ASN F 460 63.22 4.99 1.67
CA ASN F 460 64.39 4.13 1.61
C ASN F 460 64.28 3.08 2.69
N ASN F 461 64.97 1.96 2.49
CA ASN F 461 64.95 0.88 3.47
C ASN F 461 65.74 1.22 4.72
N ASN F 462 66.71 2.13 4.63
CA ASN F 462 67.55 2.45 5.79
C ASN F 462 66.79 3.29 6.81
N GLU F 463 66.00 4.27 6.34
CA GLU F 463 65.33 5.21 7.21
C GLU F 463 63.88 5.39 6.75
N THR F 464 63.02 5.73 7.71
CA THR F 464 61.60 5.95 7.45
C THR F 464 61.16 7.22 8.15
N ASN F 465 60.34 8.02 7.46
CA ASN F 465 59.79 9.26 7.99
C ASN F 465 58.27 9.14 8.04
N ILE F 466 57.69 9.40 9.21
CA ILE F 466 56.25 9.29 9.43
C ILE F 466 55.66 10.68 9.29
N THR F 467 55.13 10.98 8.10
CA THR F 467 54.44 12.25 7.85
C THR F 467 52.99 12.09 8.31
N MET F 468 52.79 12.22 9.61
CA MET F 468 51.47 12.01 10.20
C MET F 468 50.47 13.02 9.66
N SER F 469 49.25 12.56 9.41
CA SER F 469 48.18 13.40 8.90
C SER F 469 47.44 14.08 10.05
N ALA F 470 46.51 14.98 9.70
CA ALA F 470 45.74 15.73 10.68
C ALA F 470 44.28 15.85 10.27
N GLU F 471 43.75 14.85 9.56
CA GLU F 471 42.36 14.89 9.14
C GLU F 471 41.45 14.41 10.26
N VAL F 472 40.37 15.15 10.48
CA VAL F 472 39.44 14.84 11.56
C VAL F 472 38.40 13.79 11.17
N ALA F 473 38.11 13.65 9.86
CA ALA F 473 37.07 12.73 9.44
C ALA F 473 37.40 11.28 9.79
N GLU F 474 38.68 10.91 9.75
CA GLU F 474 39.07 9.53 10.01
C GLU F 474 38.75 9.09 11.42
N LEU F 475 38.68 10.02 12.37
CA LEU F 475 38.43 9.65 13.76
C LEU F 475 37.07 8.99 13.92
N TYR F 476 36.03 9.54 13.28
CA TYR F 476 34.71 8.95 13.37
C TYR F 476 34.63 7.62 12.62
N ARG F 477 35.43 7.47 11.56
CA ARG F 477 35.40 6.24 10.78
C ARG F 477 35.84 5.04 11.62
N LEU F 478 36.80 5.23 12.52
CA LEU F 478 37.23 4.14 13.39
C LEU F 478 36.11 3.69 14.31
N GLU F 479 35.28 4.63 14.78
CA GLU F 479 34.21 4.27 15.70
C GLU F 479 33.21 3.32 15.05
N LEU F 480 32.84 3.59 13.80
CA LEU F 480 31.87 2.78 13.06
C LEU F 480 32.53 1.97 11.95
N GLY F 481 33.82 1.68 12.07
CA GLY F 481 34.54 0.99 11.02
C GLY F 481 34.21 -0.48 10.88
N ASP F 482 33.51 -1.07 11.86
CA ASP F 482 33.13 -2.47 11.84
C ASP F 482 31.62 -2.63 11.66
N TYR F 483 31.03 -1.79 10.82
CA TYR F 483 29.59 -1.83 10.56
C TYR F 483 29.34 -1.58 9.08
N LYS F 484 28.26 -2.18 8.59
CA LYS F 484 27.79 -1.93 7.23
C LYS F 484 26.28 -2.08 7.21
N LEU F 485 25.64 -1.38 6.28
CA LEU F 485 24.19 -1.41 6.13
C LEU F 485 23.82 -2.28 4.95
N VAL F 486 22.90 -3.22 5.17
CA VAL F 486 22.47 -4.18 4.16
C VAL F 486 20.95 -4.10 4.04
N GLU F 487 20.46 -4.04 2.81
CA GLU F 487 19.03 -4.05 2.54
C GLU F 487 18.57 -5.49 2.37
N ILE F 488 17.57 -5.88 3.16
CA ILE F 488 17.07 -7.25 3.15
C ILE F 488 16.02 -7.38 2.06
N THR F 489 16.23 -8.31 1.14
CA THR F 489 15.24 -8.62 0.10
C THR F 489 14.51 -9.88 0.50
N PRO F 490 13.23 -9.81 0.90
CA PRO F 490 12.52 -11.02 1.33
C PRO F 490 11.96 -11.87 0.20
N ILE F 491 12.36 -11.63 -1.04
CA ILE F 491 11.87 -12.39 -2.17
C ILE F 491 12.78 -13.58 -2.40
N GLY F 492 12.18 -14.75 -2.61
CA GLY F 492 12.93 -15.97 -2.88
C GLY F 492 12.20 -16.88 -3.82
N LEU F 493 12.92 -17.44 -4.80
CA LEU F 493 12.33 -18.30 -5.82
C LEU F 493 13.00 -19.67 -5.74
N ALA F 494 12.18 -20.71 -5.64
CA ALA F 494 12.66 -22.09 -5.55
C ALA F 494 11.79 -22.98 -6.41
N PRO F 495 12.35 -24.09 -6.93
CA PRO F 495 11.53 -25.00 -7.74
C PRO F 495 10.83 -26.05 -6.88
N THR F 496 9.55 -26.29 -7.15
CA THR F 496 8.78 -27.32 -6.46
C THR F 496 7.89 -28.03 -7.45
N SER F 497 7.53 -29.27 -7.11
CA SER F 497 6.69 -30.08 -7.99
C SER F 497 5.23 -29.64 -8.00
N CYS F 498 4.84 -28.72 -7.11
CA CYS F 498 3.45 -28.30 -7.02
C CYS F 498 3.05 -27.49 -8.24
N ARG F 499 1.75 -27.35 -8.43
CA ARG F 499 1.20 -26.55 -9.51
C ARG F 499 -0.11 -25.91 -9.04
N ARG F 500 -0.43 -24.78 -9.64
CA ARG F 500 -1.64 -24.04 -9.29
C ARG F 500 -2.85 -24.64 -10.01
N TYR F 501 -3.99 -24.62 -9.31
CA TYR F 501 -5.21 -25.18 -9.87
C TYR F 501 -5.72 -24.30 -11.02
N THR F 502 -5.79 -24.89 -12.21
CA THR F 502 -6.25 -24.18 -13.41
C THR F 502 -5.43 -22.90 -13.63
N GLN G 1 24.50 -19.15 -29.47
CA GLN G 1 25.05 -19.69 -28.20
C GLN G 1 25.91 -20.92 -28.44
N VAL G 2 25.37 -21.86 -29.23
CA VAL G 2 26.01 -23.14 -29.48
C VAL G 2 25.93 -23.46 -30.96
N GLN G 3 26.94 -24.16 -31.46
CA GLN G 3 27.16 -24.38 -32.89
C GLN G 3 27.38 -25.88 -33.18
N LEU G 4 26.44 -26.71 -32.71
CA LEU G 4 26.53 -28.16 -32.89
C LEU G 4 26.91 -28.54 -34.32
N GLN G 5 27.88 -29.44 -34.45
CA GLN G 5 28.28 -30.00 -35.73
C GLN G 5 28.59 -31.48 -35.53
N GLU G 6 28.45 -32.24 -36.61
CA GLU G 6 28.68 -33.68 -36.55
C GLU G 6 29.15 -34.17 -37.92
N SER G 7 29.58 -35.43 -37.96
CA SER G 7 30.01 -36.06 -39.20
C SER G 7 29.91 -37.56 -39.02
N GLY G 8 29.90 -38.28 -40.15
CA GLY G 8 29.81 -39.72 -40.13
C GLY G 8 30.25 -40.33 -41.45
N PRO G 9 30.39 -41.66 -41.48
CA PRO G 9 30.80 -42.32 -42.73
C PRO G 9 29.81 -42.12 -43.87
N GLY G 10 28.54 -42.43 -43.63
CA GLY G 10 27.52 -42.34 -44.66
C GLY G 10 27.43 -43.53 -45.58
N LEU G 11 28.24 -44.56 -45.36
CA LEU G 11 28.21 -45.76 -46.21
C LEU G 11 28.61 -46.95 -45.34
N VAL G 12 27.62 -47.73 -44.91
CA VAL G 12 27.85 -48.89 -44.04
C VAL G 12 27.15 -50.09 -44.67
N LYS G 13 27.91 -51.14 -44.94
CA LYS G 13 27.32 -52.37 -45.44
C LYS G 13 26.57 -53.10 -44.33
N PRO G 14 25.63 -53.97 -44.67
CA PRO G 14 24.94 -54.73 -43.61
C PRO G 14 25.89 -55.67 -42.88
N SER G 15 25.68 -55.79 -41.58
CA SER G 15 26.48 -56.65 -40.70
C SER G 15 27.90 -56.10 -40.50
N GLU G 16 28.00 -54.79 -40.29
CA GLU G 16 29.24 -54.16 -39.85
C GLU G 16 28.94 -53.21 -38.69
N THR G 17 30.00 -52.87 -37.95
CA THR G 17 29.84 -51.98 -36.81
C THR G 17 29.35 -50.61 -37.27
N LEU G 18 28.47 -50.02 -36.46
CA LEU G 18 27.89 -48.71 -36.74
C LEU G 18 28.58 -47.68 -35.86
N SER G 19 29.22 -46.69 -36.50
CA SER G 19 29.94 -45.64 -35.80
C SER G 19 29.43 -44.29 -36.28
N LEU G 20 29.01 -43.45 -35.33
CA LEU G 20 28.57 -42.10 -35.63
C LEU G 20 28.99 -41.18 -34.48
N THR G 21 29.55 -40.03 -34.83
CA THR G 21 30.11 -39.10 -33.85
C THR G 21 29.39 -37.76 -33.96
N CYS G 22 29.01 -37.21 -32.82
CA CYS G 22 28.41 -35.88 -32.72
C CYS G 22 29.26 -35.04 -31.78
N ALA G 23 29.71 -33.88 -32.28
CA ALA G 23 30.63 -33.03 -31.52
C ALA G 23 29.86 -32.06 -30.63
N VAL G 24 30.40 -31.81 -29.45
CA VAL G 24 29.84 -30.87 -28.49
C VAL G 24 30.83 -29.74 -28.31
N SER G 25 30.38 -28.51 -28.53
CA SER G 25 31.21 -27.32 -28.40
C SER G 25 30.50 -26.29 -27.54
N GLY G 26 31.24 -25.66 -26.65
CA GLY G 26 30.69 -24.65 -25.77
C GLY G 26 29.92 -25.17 -24.59
N GLY G 27 29.92 -26.48 -24.37
CA GLY G 27 29.20 -27.06 -23.24
C GLY G 27 29.89 -28.32 -22.77
N SER G 28 29.55 -28.73 -21.55
CA SER G 28 30.13 -29.91 -20.92
C SER G 28 29.19 -31.09 -21.10
N VAL G 29 29.74 -32.20 -21.60
CA VAL G 29 28.93 -33.40 -21.78
C VAL G 29 28.42 -33.91 -20.45
N SER G 30 29.26 -33.88 -19.42
CA SER G 30 28.83 -34.25 -18.08
C SER G 30 27.91 -33.18 -17.52
N GLY G 31 26.97 -33.62 -16.67
CA GLY G 31 25.97 -32.72 -16.12
C GLY G 31 24.81 -32.42 -17.05
N ASN G 32 24.78 -33.01 -18.24
CA ASN G 32 23.70 -32.83 -19.20
C ASN G 32 23.21 -34.19 -19.65
N TRP G 33 21.90 -34.33 -19.78
CA TRP G 33 21.28 -35.60 -20.17
C TRP G 33 21.21 -35.66 -21.69
N TRP G 34 21.87 -36.65 -22.28
CA TRP G 34 21.94 -36.82 -23.72
C TRP G 34 21.23 -38.09 -24.15
N SER G 35 20.84 -38.12 -25.42
CA SER G 35 20.14 -39.26 -25.99
C SER G 35 20.34 -39.27 -27.50
N TRP G 36 20.09 -40.42 -28.10
CA TRP G 36 20.22 -40.61 -29.54
C TRP G 36 18.88 -41.02 -30.12
N ILE G 37 18.45 -40.35 -31.19
CA ILE G 37 17.21 -40.64 -31.87
C ILE G 37 17.47 -40.65 -33.37
N ARG G 38 16.83 -41.60 -34.07
CA ARG G 38 16.95 -41.72 -35.51
C ARG G 38 15.58 -41.52 -36.16
N GLN G 39 15.61 -40.94 -37.36
CA GLN G 39 14.39 -40.66 -38.13
C GLN G 39 14.32 -41.60 -39.32
N PRO G 40 13.51 -42.65 -39.30
CA PRO G 40 13.33 -43.45 -40.50
C PRO G 40 12.72 -42.63 -41.61
N PRO G 41 13.05 -42.92 -42.86
CA PRO G 41 12.51 -42.10 -43.96
C PRO G 41 10.99 -42.12 -44.05
N GLY G 42 10.36 -43.22 -43.67
CA GLY G 42 8.91 -43.35 -43.76
C GLY G 42 8.20 -43.29 -42.42
N LYS G 43 8.82 -43.87 -41.39
CA LYS G 43 8.20 -43.94 -40.08
C LYS G 43 8.54 -42.69 -39.26
N GLY G 44 7.85 -42.54 -38.12
CA GLY G 44 8.06 -41.42 -37.23
C GLY G 44 9.19 -41.66 -36.25
N LEU G 45 9.32 -40.74 -35.31
CA LEU G 45 10.36 -40.84 -34.30
C LEU G 45 10.14 -42.06 -33.40
N GLU G 46 11.23 -42.71 -33.04
CA GLU G 46 11.19 -43.84 -32.10
C GLU G 46 12.31 -43.68 -31.08
N TYR G 47 11.97 -43.92 -29.81
CA TYR G 47 12.95 -43.86 -28.73
C TYR G 47 13.77 -45.14 -28.71
N ILE G 48 15.09 -44.99 -28.57
CA ILE G 48 16.01 -46.13 -28.67
C ILE G 48 16.96 -46.21 -27.48
N GLY G 49 17.03 -45.15 -26.68
CA GLY G 49 17.88 -45.19 -25.50
C GLY G 49 18.05 -43.83 -24.87
N ARG G 50 18.64 -43.85 -23.67
CA ARG G 50 18.92 -42.65 -22.90
C ARG G 50 20.21 -42.87 -22.12
N ILE G 51 20.93 -41.78 -21.86
CA ILE G 51 22.15 -41.83 -21.07
C ILE G 51 22.34 -40.49 -20.38
N SER G 52 22.86 -40.53 -19.16
CA SER G 52 23.08 -39.34 -18.35
C SER G 52 24.58 -39.11 -18.19
N GLY G 53 25.02 -37.87 -18.41
CA GLY G 53 26.43 -37.54 -18.26
C GLY G 53 26.91 -37.50 -16.84
N SER G 54 26.00 -37.32 -15.87
CA SER G 54 26.39 -37.29 -14.47
C SER G 54 26.88 -38.65 -13.98
N ASP G 55 26.56 -39.73 -14.68
CA ASP G 55 26.94 -41.11 -14.37
C ASP G 55 26.10 -41.67 -13.22
N GLY G 56 25.22 -40.88 -12.60
CA GLY G 56 24.42 -41.39 -11.50
C GLY G 56 23.23 -42.21 -11.94
N THR G 57 22.79 -42.05 -13.19
CA THR G 57 21.62 -42.75 -13.71
C THR G 57 21.97 -43.41 -15.04
N THR G 58 21.41 -44.59 -15.27
CA THR G 58 21.59 -45.33 -16.51
C THR G 58 20.29 -46.04 -16.83
N TYR G 59 19.59 -45.58 -17.86
CA TYR G 59 18.29 -46.12 -18.23
C TYR G 59 18.28 -46.36 -19.73
N TYR G 60 18.17 -47.63 -20.12
CA TYR G 60 18.06 -48.05 -21.51
C TYR G 60 16.73 -48.75 -21.74
N ARG G 61 16.35 -48.84 -23.00
CA ARG G 61 15.17 -49.60 -23.41
C ARG G 61 15.55 -51.07 -23.56
N SER G 62 14.78 -51.95 -22.93
CA SER G 62 15.09 -53.38 -22.92
C SER G 62 14.45 -54.09 -24.11
N SER G 63 14.66 -53.51 -25.29
CA SER G 63 14.19 -54.11 -26.54
C SER G 63 15.22 -54.09 -27.65
N LEU G 64 16.31 -53.32 -27.54
CA LEU G 64 17.30 -53.21 -28.59
C LEU G 64 18.68 -53.72 -28.20
N LYS G 65 18.91 -54.05 -26.93
CA LYS G 65 20.19 -54.55 -26.41
C LYS G 65 21.36 -53.73 -26.97
N VAL G 66 21.30 -52.43 -26.72
CA VAL G 66 22.31 -51.49 -27.19
C VAL G 66 22.80 -50.65 -26.01
N THR G 67 24.08 -50.30 -26.05
CA THR G 67 24.71 -49.48 -25.03
C THR G 67 25.48 -48.35 -25.69
N ILE G 68 25.57 -47.22 -25.00
CA ILE G 68 26.24 -46.03 -25.48
C ILE G 68 27.21 -45.56 -24.41
N SER G 69 28.45 -45.29 -24.81
CA SER G 69 29.47 -44.82 -23.89
C SER G 69 29.34 -43.31 -23.68
N ARG G 70 30.04 -42.81 -22.66
CA ARG G 70 30.05 -41.39 -22.31
C ARG G 70 31.46 -40.89 -22.07
N ASP G 71 32.44 -41.43 -22.81
CA ASP G 71 33.83 -41.03 -22.63
C ASP G 71 33.98 -39.54 -22.93
N THR G 72 34.51 -38.79 -21.95
CA THR G 72 34.66 -37.35 -22.13
C THR G 72 35.77 -37.04 -23.14
N SER G 73 37.00 -37.45 -22.82
CA SER G 73 38.14 -37.20 -23.71
C SER G 73 38.28 -35.70 -23.97
N LYS G 74 37.71 -35.21 -25.07
CA LYS G 74 37.72 -33.80 -25.43
C LYS G 74 36.30 -33.32 -25.70
N ASN G 75 35.38 -33.69 -24.80
CA ASN G 75 33.97 -33.30 -24.89
C ASN G 75 33.34 -33.81 -26.19
N GLN G 76 33.33 -35.14 -26.32
CA GLN G 76 32.72 -35.79 -27.47
C GLN G 76 32.11 -37.11 -27.02
N PHE G 77 31.12 -37.57 -27.78
CA PHE G 77 30.46 -38.84 -27.49
C PHE G 77 29.98 -39.43 -28.81
N SER G 78 29.78 -40.76 -28.80
CA SER G 78 29.45 -41.48 -30.02
C SER G 78 28.54 -42.65 -29.67
N LEU G 79 28.06 -43.32 -30.71
CA LEU G 79 27.19 -44.48 -30.59
C LEU G 79 27.95 -45.74 -30.94
N ARG G 80 27.63 -46.84 -30.26
CA ARG G 80 28.30 -48.12 -30.46
C ARG G 80 27.24 -49.22 -30.58
N LEU G 81 27.24 -49.90 -31.72
CA LEU G 81 26.37 -51.05 -31.93
C LEU G 81 26.97 -51.90 -33.04
N ASN G 82 26.71 -53.21 -32.98
CA ASN G 82 27.26 -54.17 -33.92
C ASN G 82 26.14 -54.94 -34.59
N SER G 83 26.44 -55.50 -35.76
CA SER G 83 25.49 -56.29 -36.55
C SER G 83 24.24 -55.47 -36.87
N VAL G 84 24.44 -54.40 -37.64
CA VAL G 84 23.34 -53.52 -38.01
C VAL G 84 22.31 -54.31 -38.81
N THR G 85 21.04 -54.13 -38.47
CA THR G 85 19.93 -54.77 -39.16
C THR G 85 19.41 -53.86 -40.25
N ALA G 86 18.78 -54.47 -41.27
CA ALA G 86 18.23 -53.69 -42.37
C ALA G 86 17.16 -52.72 -41.88
N ALA G 87 16.28 -53.18 -40.99
CA ALA G 87 15.21 -52.35 -40.48
C ALA G 87 15.70 -51.24 -39.56
N ASP G 88 16.93 -51.33 -39.06
CA ASP G 88 17.47 -50.31 -38.16
C ASP G 88 18.11 -49.14 -38.89
N THR G 89 18.25 -49.21 -40.21
CA THR G 89 18.84 -48.12 -40.96
C THR G 89 17.90 -46.93 -41.00
N ALA G 90 18.43 -45.76 -40.68
CA ALA G 90 17.62 -44.54 -40.64
C ALA G 90 18.55 -43.33 -40.55
N VAL G 91 17.96 -42.15 -40.61
CA VAL G 91 18.71 -40.90 -40.48
C VAL G 91 18.91 -40.64 -38.98
N TYR G 92 20.16 -40.67 -38.54
CA TYR G 92 20.48 -40.56 -37.13
C TYR G 92 20.64 -39.10 -36.73
N TYR G 93 20.01 -38.73 -35.61
CA TYR G 93 20.06 -37.36 -35.09
C TYR G 93 20.66 -37.39 -33.69
N CYS G 94 21.57 -36.44 -33.44
CA CYS G 94 22.20 -36.27 -32.13
C CYS G 94 21.62 -35.03 -31.47
N ALA G 95 21.20 -35.17 -30.21
CA ALA G 95 20.57 -34.07 -29.49
C ALA G 95 20.41 -34.48 -28.04
N ARG G 96 20.25 -33.48 -27.17
CA ARG G 96 19.94 -33.76 -25.78
C ARG G 96 18.51 -34.30 -25.67
N LYS G 97 18.27 -35.10 -24.64
CA LYS G 97 16.95 -35.67 -24.46
C LYS G 97 15.95 -34.56 -24.14
N PRO G 98 14.69 -34.74 -24.52
CA PRO G 98 13.68 -33.70 -24.24
C PRO G 98 13.37 -33.66 -22.75
N THR G 99 13.39 -32.46 -22.18
CA THR G 99 13.12 -32.24 -20.77
C THR G 99 12.26 -30.99 -20.62
N TRP G 100 11.98 -30.62 -19.37
CA TRP G 100 11.18 -29.43 -19.07
C TRP G 100 12.10 -28.24 -18.77
N ASP G 101 12.95 -27.92 -19.73
CA ASP G 101 13.85 -26.78 -19.64
C ASP G 101 13.82 -26.01 -20.95
N TRP G 102 14.13 -24.71 -20.85
CA TRP G 102 14.08 -23.84 -22.01
C TRP G 102 15.10 -24.20 -23.07
N PHE G 103 16.17 -24.90 -22.70
CA PHE G 103 17.29 -25.16 -23.60
C PHE G 103 17.16 -26.54 -24.22
N ASP G 104 17.26 -26.60 -25.54
CA ASP G 104 17.32 -27.86 -26.27
C ASP G 104 17.74 -27.61 -27.71
N VAL G 105 18.74 -28.34 -28.18
CA VAL G 105 19.28 -28.17 -29.53
C VAL G 105 19.41 -29.53 -30.19
N TRP G 106 19.35 -29.53 -31.53
CA TRP G 106 19.42 -30.75 -32.32
C TRP G 106 20.41 -30.54 -33.45
N GLY G 107 21.02 -31.65 -33.90
CA GLY G 107 21.94 -31.63 -35.01
C GLY G 107 21.26 -32.05 -36.29
N PRO G 108 21.70 -31.53 -37.45
CA PRO G 108 21.09 -31.97 -38.72
C PRO G 108 21.17 -33.46 -38.95
N GLY G 109 22.27 -34.10 -38.53
CA GLY G 109 22.43 -35.52 -38.74
C GLY G 109 22.86 -35.86 -40.16
N LEU G 110 23.07 -37.15 -40.39
CA LEU G 110 23.43 -37.66 -41.71
C LEU G 110 22.76 -39.00 -41.92
N LEU G 111 22.61 -39.36 -43.20
CA LEU G 111 21.91 -40.58 -43.57
C LEU G 111 22.86 -41.78 -43.54
N VAL G 112 22.36 -42.90 -43.00
CA VAL G 112 23.04 -44.19 -43.08
C VAL G 112 22.31 -45.04 -44.10
N THR G 113 23.06 -45.74 -44.94
CA THR G 113 22.50 -46.53 -46.02
C THR G 113 23.14 -47.91 -46.05
N VAL G 114 22.35 -48.90 -46.46
CA VAL G 114 22.81 -50.28 -46.61
C VAL G 114 22.38 -50.78 -47.97
N SER G 115 23.06 -51.83 -48.43
CA SER G 115 22.75 -52.42 -49.73
C SER G 115 21.35 -53.02 -49.74
N ASP H 1 2.40 -50.51 -21.67
CA ASP H 1 2.42 -49.75 -22.95
C ASP H 1 1.05 -49.14 -23.23
N ILE H 2 1.04 -48.00 -23.93
CA ILE H 2 -0.17 -47.29 -24.28
C ILE H 2 -0.11 -46.89 -25.74
N GLN H 3 -1.27 -46.60 -26.32
CA GLN H 3 -1.41 -46.21 -27.71
C GLN H 3 -1.92 -44.78 -27.80
N MET H 4 -1.31 -44.00 -28.68
CA MET H 4 -1.67 -42.60 -28.89
C MET H 4 -2.37 -42.46 -30.23
N THR H 5 -3.55 -41.82 -30.22
CA THR H 5 -4.32 -41.59 -31.42
C THR H 5 -4.12 -40.14 -31.86
N GLN H 6 -3.58 -39.95 -33.05
CA GLN H 6 -3.23 -38.64 -33.58
C GLN H 6 -4.28 -38.18 -34.59
N SER H 7 -4.22 -36.90 -34.93
CA SER H 7 -5.10 -36.34 -35.93
C SER H 7 -4.73 -36.84 -37.32
N PRO H 8 -5.62 -36.70 -38.30
CA PRO H 8 -5.31 -37.20 -39.64
C PRO H 8 -4.06 -36.55 -40.22
N SER H 9 -3.28 -37.34 -40.94
CA SER H 9 -2.04 -36.85 -41.55
C SER H 9 -2.29 -36.00 -42.79
N SER H 10 -3.46 -36.08 -43.39
CA SER H 10 -3.81 -35.26 -44.54
C SER H 10 -4.65 -34.07 -44.08
N LEU H 11 -4.33 -32.90 -44.63
CA LEU H 11 -5.02 -31.68 -44.24
C LEU H 11 -5.07 -30.72 -45.42
N SER H 12 -6.24 -30.17 -45.68
CA SER H 12 -6.45 -29.10 -46.65
C SER H 12 -7.10 -27.93 -45.93
N ALA H 13 -6.46 -26.76 -46.01
CA ALA H 13 -6.92 -25.59 -45.28
C ALA H 13 -6.72 -24.34 -46.11
N SER H 14 -7.49 -23.31 -45.78
CA SER H 14 -7.41 -22.01 -46.42
C SER H 14 -6.90 -20.98 -45.42
N VAL H 15 -6.35 -19.89 -45.97
CA VAL H 15 -5.80 -18.84 -45.12
C VAL H 15 -6.91 -18.21 -44.29
N GLY H 16 -6.57 -17.82 -43.06
CA GLY H 16 -7.51 -17.20 -42.15
C GLY H 16 -8.36 -18.16 -41.34
N ASP H 17 -8.15 -19.47 -41.49
CA ASP H 17 -8.90 -20.48 -40.75
C ASP H 17 -8.12 -20.96 -39.55
N ARG H 18 -8.82 -21.64 -38.64
CA ARG H 18 -8.24 -22.20 -37.43
C ARG H 18 -7.94 -23.67 -37.65
N VAL H 19 -6.74 -24.10 -37.26
CA VAL H 19 -6.30 -25.48 -37.40
C VAL H 19 -6.09 -26.07 -36.02
N THR H 20 -6.72 -27.21 -35.76
CA THR H 20 -6.62 -27.91 -34.48
C THR H 20 -5.97 -29.27 -34.71
N ILE H 21 -4.92 -29.55 -33.95
CA ILE H 21 -4.20 -30.82 -34.00
C ILE H 21 -4.21 -31.41 -32.59
N THR H 22 -4.60 -32.68 -32.48
CA THR H 22 -4.74 -33.33 -31.18
C THR H 22 -4.17 -34.74 -31.25
N CYS H 23 -3.49 -35.12 -30.15
CA CYS H 23 -3.09 -36.50 -29.91
C CYS H 23 -3.57 -36.88 -28.52
N ARG H 24 -4.44 -37.89 -28.44
CA ARG H 24 -5.13 -38.21 -27.20
C ARG H 24 -4.26 -39.08 -26.31
N ALA H 25 -4.34 -38.83 -25.01
CA ALA H 25 -3.60 -39.59 -24.01
C ALA H 25 -4.44 -40.76 -23.51
N SER H 26 -3.76 -41.88 -23.23
CA SER H 26 -4.44 -43.07 -22.76
C SER H 26 -4.91 -42.94 -21.31
N GLN H 27 -4.17 -42.22 -20.48
CA GLN H 27 -4.49 -42.10 -19.06
C GLN H 27 -4.03 -40.73 -18.59
N GLY H 28 -3.98 -40.54 -17.27
CA GLY H 28 -3.59 -39.29 -16.68
C GLY H 28 -2.09 -39.09 -16.62
N ILE H 29 -1.49 -38.79 -17.77
CA ILE H 29 -0.05 -38.58 -17.86
C ILE H 29 0.41 -37.36 -17.06
N ASP H 30 -0.51 -36.48 -16.66
CA ASP H 30 -0.19 -35.30 -15.87
C ASP H 30 0.75 -34.36 -16.64
N ASN H 31 0.26 -33.91 -17.79
CA ASN H 31 0.84 -32.86 -18.63
C ASN H 31 2.37 -32.89 -18.65
N TYR H 32 2.91 -34.07 -18.99
CA TYR H 32 4.33 -34.23 -19.31
C TYR H 32 4.54 -34.26 -20.83
N LEU H 33 3.72 -33.52 -21.57
CA LEU H 33 3.78 -33.52 -23.01
C LEU H 33 4.82 -32.53 -23.53
N ASN H 34 5.21 -32.74 -24.79
CA ASN H 34 6.11 -31.84 -25.49
C ASN H 34 5.77 -31.89 -26.97
N TRP H 35 6.17 -30.84 -27.69
CA TRP H 35 5.83 -30.70 -29.10
C TRP H 35 7.07 -30.31 -29.89
N TYR H 36 7.07 -30.67 -31.17
CA TYR H 36 8.17 -30.34 -32.06
C TYR H 36 7.63 -30.19 -33.48
N GLN H 37 8.41 -29.52 -34.32
CA GLN H 37 8.06 -29.30 -35.71
C GLN H 37 9.34 -29.40 -36.53
N GLN H 38 9.45 -30.42 -37.38
CA GLN H 38 10.64 -30.65 -38.18
C GLN H 38 10.37 -30.26 -39.63
N LYS H 39 11.24 -29.41 -40.17
CA LYS H 39 11.18 -29.04 -41.57
C LYS H 39 11.76 -30.16 -42.44
N PRO H 40 11.43 -30.19 -43.72
CA PRO H 40 11.99 -31.23 -44.60
C PRO H 40 13.51 -31.13 -44.67
N GLY H 41 14.18 -32.20 -44.27
CA GLY H 41 15.64 -32.22 -44.29
C GLY H 41 16.28 -31.23 -43.37
N LYS H 42 15.65 -30.92 -42.24
CA LYS H 42 16.23 -30.02 -41.25
C LYS H 42 15.81 -30.47 -39.87
N ALA H 43 16.52 -29.99 -38.86
CA ALA H 43 16.29 -30.44 -37.50
C ALA H 43 15.01 -29.82 -36.92
N PRO H 44 14.36 -30.50 -35.99
CA PRO H 44 13.19 -29.91 -35.34
C PRO H 44 13.58 -28.84 -34.34
N LYS H 45 12.60 -27.97 -34.03
CA LYS H 45 12.78 -26.94 -33.03
C LYS H 45 11.55 -26.89 -32.14
N ARG H 46 11.78 -26.71 -30.83
CA ARG H 46 10.69 -26.68 -29.87
C ARG H 46 9.82 -25.46 -30.09
N LEU H 47 8.51 -25.63 -29.92
CA LEU H 47 7.54 -24.54 -29.96
C LEU H 47 6.78 -24.39 -28.67
N ILE H 48 6.21 -25.47 -28.15
CA ILE H 48 5.50 -25.45 -26.87
C ILE H 48 5.86 -26.73 -26.12
N PHE H 49 6.14 -26.59 -24.82
CA PHE H 49 6.56 -27.70 -23.98
C PHE H 49 5.78 -27.65 -22.67
N ALA H 50 5.70 -28.81 -22.02
CA ALA H 50 4.97 -28.94 -20.76
C ALA H 50 3.52 -28.46 -20.92
N ALA H 51 2.89 -28.91 -22.00
CA ALA H 51 1.50 -28.55 -22.30
C ALA H 51 1.35 -27.06 -22.56
N SER H 52 1.52 -26.24 -21.53
CA SER H 52 1.34 -24.79 -21.61
C SER H 52 2.57 -24.11 -21.02
N SER H 53 3.58 -23.88 -21.87
CA SER H 53 4.75 -23.10 -21.48
C SER H 53 5.34 -22.52 -22.76
N LEU H 54 5.07 -21.24 -23.00
CA LEU H 54 5.48 -20.60 -24.25
C LEU H 54 7.00 -20.60 -24.39
N HIS H 55 7.48 -20.91 -25.59
CA HIS H 55 8.89 -20.84 -25.93
C HIS H 55 9.11 -19.73 -26.95
N ASN H 56 10.25 -19.05 -26.81
CA ASN H 56 10.54 -17.91 -27.68
C ASN H 56 10.56 -18.33 -29.14
N GLY H 57 9.95 -17.50 -29.99
CA GLY H 57 9.92 -17.75 -31.42
C GLY H 57 8.59 -17.45 -32.08
N VAL H 58 7.49 -17.60 -31.34
CA VAL H 58 6.16 -17.30 -31.87
C VAL H 58 5.35 -16.60 -30.78
N PRO H 59 4.76 -15.41 -31.05
CA PRO H 59 4.09 -14.67 -29.97
C PRO H 59 2.89 -15.39 -29.38
N SER H 60 1.89 -15.70 -30.22
CA SER H 60 0.64 -16.26 -29.72
C SER H 60 0.03 -17.36 -30.60
N ARG H 61 0.50 -17.55 -31.83
CA ARG H 61 -0.20 -18.46 -32.73
C ARG H 61 -0.19 -19.89 -32.20
N PHE H 62 0.94 -20.33 -31.64
CA PHE H 62 1.03 -21.66 -31.04
C PHE H 62 0.71 -21.57 -29.56
N SER H 63 -0.30 -22.31 -29.12
CA SER H 63 -0.68 -22.31 -27.71
C SER H 63 -1.48 -23.58 -27.43
N GLY H 64 -0.89 -24.49 -26.66
CA GLY H 64 -1.56 -25.69 -26.24
C GLY H 64 -2.16 -25.56 -24.85
N SER H 65 -2.90 -26.58 -24.45
CA SER H 65 -3.54 -26.63 -23.14
C SER H 65 -4.08 -28.04 -22.94
N GLY H 66 -4.75 -28.25 -21.82
CA GLY H 66 -5.32 -29.54 -21.46
C GLY H 66 -4.51 -30.23 -20.38
N SER H 67 -5.21 -31.02 -19.56
CA SER H 67 -4.59 -31.76 -18.47
C SER H 67 -5.42 -33.01 -18.20
N GLY H 68 -4.79 -33.97 -17.52
CA GLY H 68 -5.46 -35.21 -17.21
C GLY H 68 -5.60 -36.12 -18.40
N THR H 69 -6.83 -36.25 -18.91
CA THR H 69 -7.12 -37.10 -20.06
C THR H 69 -7.31 -36.33 -21.36
N LYS H 70 -7.75 -35.07 -21.27
CA LYS H 70 -8.04 -34.27 -22.45
C LYS H 70 -6.86 -33.35 -22.75
N PHE H 71 -6.40 -33.38 -24.01
CA PHE H 71 -5.33 -32.51 -24.47
C PHE H 71 -5.63 -32.04 -25.88
N THR H 72 -5.37 -30.76 -26.14
CA THR H 72 -5.64 -30.17 -27.46
C THR H 72 -4.56 -29.14 -27.77
N LEU H 73 -4.38 -28.89 -29.07
CA LEU H 73 -3.52 -27.82 -29.55
C LEU H 73 -4.34 -26.95 -30.49
N THR H 74 -4.39 -25.65 -30.21
CA THR H 74 -5.19 -24.70 -30.97
C THR H 74 -4.28 -23.65 -31.60
N ILE H 75 -4.48 -23.39 -32.88
CA ILE H 75 -3.75 -22.37 -33.63
C ILE H 75 -4.76 -21.36 -34.13
N SER H 76 -4.58 -20.10 -33.76
CA SER H 76 -5.54 -19.06 -34.15
C SER H 76 -5.54 -18.84 -35.65
N SER H 77 -4.36 -18.82 -36.27
CA SER H 77 -4.23 -18.51 -37.69
C SER H 77 -3.16 -19.40 -38.32
N LEU H 78 -3.26 -19.55 -39.64
CA LEU H 78 -2.28 -20.28 -40.43
C LEU H 78 -1.45 -19.30 -41.25
N GLN H 79 -0.15 -19.55 -41.31
CA GLN H 79 0.80 -18.68 -41.98
C GLN H 79 1.73 -19.51 -42.86
N PRO H 80 2.40 -18.89 -43.83
CA PRO H 80 3.30 -19.66 -44.70
C PRO H 80 4.41 -20.39 -43.95
N GLU H 81 4.90 -19.81 -42.86
CA GLU H 81 6.00 -20.44 -42.13
C GLU H 81 5.57 -21.79 -41.57
N ASP H 82 4.35 -21.89 -41.05
CA ASP H 82 3.86 -23.14 -40.48
C ASP H 82 3.71 -24.17 -41.59
N LEU H 83 4.63 -25.13 -41.63
CA LEU H 83 4.62 -26.16 -42.66
C LEU H 83 5.64 -27.23 -42.28
N GLY H 84 5.32 -28.47 -42.65
CA GLY H 84 6.19 -29.60 -42.37
C GLY H 84 5.48 -30.75 -41.71
N THR H 85 6.02 -31.21 -40.58
CA THR H 85 5.44 -32.33 -39.85
C THR H 85 5.40 -31.99 -38.37
N TYR H 86 4.39 -32.54 -37.68
CA TYR H 86 4.15 -32.26 -36.28
C TYR H 86 4.13 -33.56 -35.48
N TYR H 87 4.73 -33.53 -34.29
CA TYR H 87 4.75 -34.66 -33.38
C TYR H 87 4.51 -34.18 -31.96
N CYS H 88 3.95 -35.06 -31.13
CA CYS H 88 3.80 -34.82 -29.70
C CYS H 88 4.46 -35.96 -28.94
N LEU H 89 5.21 -35.61 -27.90
CA LEU H 89 6.05 -36.55 -27.16
C LEU H 89 5.63 -36.60 -25.70
N GLN H 90 5.61 -37.81 -25.15
CA GLN H 90 5.30 -38.04 -23.74
C GLN H 90 6.41 -38.88 -23.13
N TYR H 91 6.78 -38.56 -21.89
CA TYR H 91 7.87 -39.24 -21.20
C TYR H 91 7.53 -39.54 -19.74
N TYR H 92 6.25 -39.76 -19.44
CA TYR H 92 5.87 -40.11 -18.08
C TYR H 92 6.43 -41.48 -17.69
N SER H 93 6.36 -42.45 -18.59
CA SER H 93 6.80 -43.82 -18.34
C SER H 93 7.97 -44.18 -19.23
N ASP H 94 8.63 -45.29 -18.89
CA ASP H 94 9.79 -45.72 -19.66
C ASP H 94 9.49 -45.99 -21.12
N PRO H 95 8.46 -46.79 -21.49
CA PRO H 95 8.22 -47.06 -22.90
C PRO H 95 7.48 -45.90 -23.57
N TYR H 96 8.19 -45.16 -24.40
CA TYR H 96 7.61 -44.01 -25.08
C TYR H 96 6.75 -44.47 -26.25
N THR H 97 5.67 -43.73 -26.50
CA THR H 97 4.80 -43.94 -27.64
C THR H 97 4.69 -42.63 -28.41
N PHE H 98 4.89 -42.70 -29.72
CA PHE H 98 4.97 -41.52 -30.58
C PHE H 98 3.79 -41.50 -31.55
N GLY H 99 3.62 -40.33 -32.19
CA GLY H 99 2.57 -40.16 -33.16
C GLY H 99 2.98 -40.62 -34.55
N GLN H 100 2.04 -40.50 -35.49
CA GLN H 100 2.26 -40.92 -36.87
C GLN H 100 2.76 -39.79 -37.77
N GLY H 101 2.84 -38.56 -37.26
CA GLY H 101 3.30 -37.45 -38.09
C GLY H 101 2.22 -36.97 -39.04
N THR H 102 2.17 -35.66 -39.29
CA THR H 102 1.17 -35.05 -40.16
C THR H 102 1.88 -34.45 -41.37
N LYS H 103 1.67 -35.06 -42.53
CA LYS H 103 2.23 -34.54 -43.78
C LYS H 103 1.34 -33.40 -44.26
N VAL H 104 1.53 -32.25 -43.64
CA VAL H 104 0.69 -31.08 -43.92
C VAL H 104 1.10 -30.49 -45.26
N GLU H 105 0.11 -30.26 -46.12
CA GLU H 105 0.31 -29.61 -47.41
C GLU H 105 -0.75 -28.53 -47.56
N ILE H 106 -0.31 -27.28 -47.63
CA ILE H 106 -1.22 -26.14 -47.68
C ILE H 106 -1.59 -25.87 -49.13
N LYS H 107 -2.72 -25.19 -49.31
CA LYS H 107 -3.19 -24.81 -50.65
C LYS H 107 -3.99 -23.51 -50.57
N VAL I 58 13.17 25.35 -0.32
CA VAL I 58 14.42 24.61 -0.21
C VAL I 58 14.34 23.37 -1.10
N TRP I 59 15.45 23.08 -1.79
CA TRP I 59 15.45 21.96 -2.74
C TRP I 59 15.22 20.63 -2.03
N GLY I 60 15.62 20.50 -0.77
CA GLY I 60 15.33 19.28 -0.05
C GLY I 60 13.84 19.03 0.08
N THR I 61 13.08 20.06 0.42
CA THR I 61 11.63 19.91 0.47
C THR I 61 11.05 19.64 -0.90
N LYS I 62 11.69 20.16 -1.96
CA LYS I 62 11.21 19.93 -3.32
C LYS I 62 11.25 18.45 -3.66
N ASN I 63 12.38 17.78 -3.41
CA ASN I 63 12.49 16.38 -3.75
C ASN I 63 11.55 15.53 -2.90
N LEU I 64 11.47 15.81 -1.60
CA LEU I 64 10.61 15.03 -0.72
C LEU I 64 9.14 15.19 -1.11
N GLN I 65 8.74 16.39 -1.52
CA GLN I 65 7.34 16.61 -1.86
C GLN I 65 6.91 15.74 -3.04
N THR I 66 7.79 15.59 -4.03
CA THR I 66 7.44 14.78 -5.19
C THR I 66 7.26 13.31 -4.81
N ARG I 67 8.17 12.78 -3.98
CA ARG I 67 8.11 11.36 -3.66
C ARG I 67 6.85 11.01 -2.91
N VAL I 68 6.54 11.74 -1.83
CA VAL I 68 5.37 11.43 -1.02
C VAL I 68 4.10 11.55 -1.85
N THR I 69 4.06 12.47 -2.81
CA THR I 69 2.90 12.61 -3.67
C THR I 69 2.68 11.34 -4.49
N ALA I 70 3.76 10.74 -4.98
CA ALA I 70 3.63 9.53 -5.79
C ALA I 70 2.98 8.41 -5.00
N ILE I 71 3.45 8.17 -3.77
CA ILE I 71 2.82 7.15 -2.93
C ILE I 71 1.41 7.57 -2.55
N GLU I 72 1.21 8.85 -2.24
CA GLU I 72 -0.12 9.34 -1.90
C GLU I 72 -1.10 9.09 -3.03
N LYS I 73 -0.65 9.27 -4.28
CA LYS I 73 -1.48 8.93 -5.42
C LYS I 73 -1.57 7.43 -5.62
N TYR I 74 -0.45 6.71 -5.42
CA TYR I 74 -0.41 5.29 -5.75
C TYR I 74 -1.40 4.48 -4.93
N LEU I 75 -1.70 4.92 -3.71
CA LEU I 75 -2.64 4.19 -2.87
C LEU I 75 -4.06 4.75 -2.97
N LYS I 76 -4.22 6.03 -3.31
CA LYS I 76 -5.54 6.62 -3.40
C LYS I 76 -6.38 5.92 -4.47
N ASP I 77 -5.82 5.75 -5.67
CA ASP I 77 -6.52 4.99 -6.69
C ASP I 77 -6.68 3.54 -6.25
N GLN I 78 -5.66 2.96 -5.64
CA GLN I 78 -5.78 1.61 -5.08
C GLN I 78 -6.59 1.60 -3.79
N ALA I 79 -6.93 2.76 -3.23
CA ALA I 79 -7.88 2.84 -2.14
C ALA I 79 -9.32 2.94 -2.66
N GLN I 80 -9.54 3.77 -3.68
CA GLN I 80 -10.84 3.77 -4.35
C GLN I 80 -11.12 2.39 -4.94
N LEU I 81 -10.14 1.82 -5.64
CA LEU I 81 -10.18 0.41 -5.97
C LEU I 81 -9.88 -0.41 -4.72
N ASN I 82 -10.17 -1.71 -4.78
CA ASN I 82 -10.02 -2.67 -3.70
C ASN I 82 -11.15 -2.55 -2.67
N SER I 83 -12.03 -1.54 -2.78
CA SER I 83 -13.23 -1.45 -1.98
C SER I 83 -14.48 -1.85 -2.75
N TRP I 84 -14.42 -1.81 -4.08
CA TRP I 84 -15.56 -2.25 -4.89
C TRP I 84 -15.67 -3.77 -4.89
N GLY I 85 -14.56 -4.47 -4.72
CA GLY I 85 -14.55 -5.93 -4.72
C GLY I 85 -13.35 -6.51 -5.42
N CYS I 86 -12.74 -5.75 -6.32
CA CYS I 86 -11.56 -6.19 -7.07
C CYS I 86 -10.33 -5.51 -6.51
N ALA I 87 -9.37 -6.30 -6.05
CA ALA I 87 -8.17 -5.75 -5.40
C ALA I 87 -7.13 -5.33 -6.44
N PHE I 88 -6.63 -6.30 -7.22
CA PHE I 88 -5.58 -6.02 -8.19
C PHE I 88 -5.81 -6.70 -9.53
N ARG I 89 -6.96 -7.35 -9.72
CA ARG I 89 -7.25 -7.97 -11.01
C ARG I 89 -7.35 -6.92 -12.09
N GLN I 90 -6.66 -7.14 -13.21
CA GLN I 90 -6.61 -6.14 -14.27
C GLN I 90 -8.01 -5.89 -14.86
N VAL I 91 -8.74 -6.98 -15.11
CA VAL I 91 -10.10 -6.90 -15.63
C VAL I 91 -10.98 -7.84 -14.83
N CYS I 92 -12.14 -7.34 -14.38
CA CYS I 92 -13.08 -8.16 -13.63
C CYS I 92 -14.48 -7.60 -13.83
N CYS I 93 -15.47 -8.46 -13.62
CA CYS I 93 -16.86 -8.14 -13.89
C CYS I 93 -17.56 -7.72 -12.59
N THR I 94 -18.63 -6.95 -12.75
CA THR I 94 -19.43 -6.46 -11.63
C THR I 94 -20.90 -6.65 -11.96
N THR I 95 -21.72 -6.80 -10.92
CA THR I 95 -23.13 -7.10 -11.07
C THR I 95 -23.97 -5.89 -11.46
N VAL I 96 -23.41 -4.68 -11.44
CA VAL I 96 -24.16 -3.47 -11.74
C VAL I 96 -24.47 -3.44 -13.24
N PRO I 97 -25.74 -3.34 -13.66
CA PRO I 97 -26.02 -3.18 -15.09
C PRO I 97 -25.52 -1.83 -15.60
N TRP I 98 -25.17 -1.80 -16.88
CA TRP I 98 -24.71 -0.57 -17.51
C TRP I 98 -25.91 0.31 -17.86
N PRO I 99 -26.01 1.53 -17.33
CA PRO I 99 -27.15 2.37 -17.69
C PRO I 99 -27.06 2.88 -19.12
N ASN I 100 -28.23 3.15 -19.71
CA ASN I 100 -28.33 3.72 -21.05
C ASN I 100 -27.57 2.88 -22.07
N GLU I 101 -28.11 1.69 -22.31
CA GLU I 101 -27.51 0.76 -23.28
C GLU I 101 -27.36 1.39 -24.65
N THR I 102 -28.16 2.42 -24.98
CA THR I 102 -28.00 3.11 -26.25
C THR I 102 -26.65 3.79 -26.39
N LEU I 103 -25.93 3.99 -25.28
CA LEU I 103 -24.59 4.58 -25.29
C LEU I 103 -23.49 3.52 -25.40
N VAL I 104 -23.79 2.38 -26.02
CA VAL I 104 -22.75 1.37 -26.21
C VAL I 104 -21.66 1.94 -27.09
N PRO I 105 -20.38 1.83 -26.73
CA PRO I 105 -19.33 2.45 -27.55
C PRO I 105 -19.00 1.63 -28.78
N ASN I 106 -18.60 2.33 -29.84
CA ASN I 106 -18.17 1.69 -31.08
C ASN I 106 -16.78 1.12 -30.86
N TRP I 107 -16.71 -0.19 -30.64
CA TRP I 107 -15.43 -0.83 -30.32
C TRP I 107 -14.42 -0.71 -31.45
N SER I 108 -14.88 -0.53 -32.69
CA SER I 108 -13.96 -0.44 -33.82
C SER I 108 -13.28 0.92 -33.87
N ASN I 109 -14.06 1.99 -34.03
CA ASN I 109 -13.55 3.36 -34.13
C ASN I 109 -13.91 4.11 -32.86
N MET I 110 -13.05 3.99 -31.85
CA MET I 110 -13.19 4.72 -30.60
C MET I 110 -11.94 4.52 -29.78
N THR I 111 -11.63 5.53 -28.96
CA THR I 111 -10.44 5.53 -28.12
C THR I 111 -10.83 5.74 -26.67
N TRP I 112 -10.01 5.18 -25.76
CA TRP I 112 -10.31 5.28 -24.34
C TRP I 112 -10.28 6.73 -23.87
N GLN I 113 -9.33 7.53 -24.37
CA GLN I 113 -9.20 8.90 -23.91
C GLN I 113 -10.44 9.72 -24.22
N GLU I 114 -10.99 9.57 -25.42
CA GLU I 114 -12.16 10.37 -25.80
C GLU I 114 -13.41 9.93 -25.05
N TRP I 115 -13.63 8.63 -24.94
CA TRP I 115 -14.89 8.15 -24.37
C TRP I 115 -14.99 8.44 -22.88
N GLU I 116 -13.86 8.42 -22.18
CA GLU I 116 -13.90 8.64 -20.73
C GLU I 116 -14.48 10.02 -20.40
N ARG I 117 -14.08 11.04 -21.15
CA ARG I 117 -14.62 12.37 -20.95
C ARG I 117 -16.04 12.52 -21.45
N GLN I 118 -16.51 11.60 -22.29
CA GLN I 118 -17.91 11.64 -22.73
C GLN I 118 -18.85 11.22 -21.61
N VAL I 119 -18.39 10.36 -20.70
CA VAL I 119 -19.20 9.87 -19.59
C VAL I 119 -18.73 10.46 -18.26
N ASP I 120 -18.09 11.63 -18.29
CA ASP I 120 -17.62 12.25 -17.06
C ASP I 120 -18.79 12.59 -16.14
N PHE I 121 -19.88 13.12 -16.70
CA PHE I 121 -21.04 13.46 -15.89
C PHE I 121 -21.64 12.23 -15.22
N LEU I 122 -21.53 11.07 -15.86
CA LEU I 122 -22.15 9.84 -15.35
C LEU I 122 -21.24 9.06 -14.42
N GLU I 123 -19.96 9.44 -14.28
CA GLU I 123 -19.05 8.68 -13.44
C GLU I 123 -19.45 8.73 -11.98
N ALA I 124 -19.88 9.91 -11.50
CA ALA I 124 -20.18 10.08 -10.09
C ALA I 124 -21.38 9.25 -9.64
N ASN I 125 -22.28 8.89 -10.56
CA ASN I 125 -23.47 8.13 -10.19
C ASN I 125 -23.20 6.62 -10.15
N ILE I 126 -22.46 6.09 -11.13
CA ILE I 126 -22.21 4.66 -11.18
C ILE I 126 -21.34 4.22 -10.00
N THR I 127 -20.39 5.07 -9.59
CA THR I 127 -19.47 4.67 -8.54
C THR I 127 -20.18 4.50 -7.19
N GLN I 128 -21.21 5.30 -6.93
CA GLN I 128 -21.90 5.22 -5.64
C GLN I 128 -22.58 3.87 -5.47
N LEU I 129 -23.18 3.34 -6.55
CA LEU I 129 -23.93 2.10 -6.44
C LEU I 129 -23.05 0.92 -6.04
N LEU I 130 -21.73 1.02 -6.22
CA LEU I 130 -20.84 -0.06 -5.82
C LEU I 130 -20.90 -0.30 -4.31
N GLU I 131 -20.98 0.76 -3.52
CA GLU I 131 -20.95 0.62 -2.07
C GLU I 131 -22.10 -0.22 -1.58
N GLU I 132 -23.32 0.07 -2.06
CA GLU I 132 -24.48 -0.73 -1.64
C GLU I 132 -24.37 -2.17 -2.13
N ALA I 133 -23.87 -2.38 -3.34
CA ALA I 133 -23.82 -3.72 -3.90
C ALA I 133 -22.90 -4.63 -3.10
N GLN I 134 -21.73 -4.12 -2.71
CA GLN I 134 -20.74 -4.96 -2.04
C GLN I 134 -21.24 -5.39 -0.65
N ILE I 135 -21.69 -4.43 0.16
CA ILE I 135 -22.05 -4.74 1.54
C ILE I 135 -23.32 -5.57 1.60
N GLN I 136 -24.32 -5.25 0.77
CA GLN I 136 -25.61 -5.92 0.86
C GLN I 136 -25.49 -7.39 0.48
N GLN I 137 -24.88 -7.68 -0.67
CA GLN I 137 -24.75 -9.06 -1.11
C GLN I 137 -23.87 -9.87 -0.17
N GLU I 138 -22.75 -9.29 0.27
CA GLU I 138 -21.81 -10.01 1.12
C GLU I 138 -22.42 -10.31 2.49
N LYS I 139 -23.18 -9.37 3.04
CA LYS I 139 -23.69 -9.53 4.41
C LYS I 139 -24.62 -10.73 4.52
N ASN I 140 -25.49 -10.93 3.52
CA ASN I 140 -26.48 -12.00 3.62
C ASN I 140 -25.85 -13.37 3.70
N MET I 141 -24.64 -13.53 3.16
CA MET I 141 -24.00 -14.85 3.17
C MET I 141 -23.68 -15.30 4.59
N TYR I 142 -23.43 -14.37 5.51
CA TYR I 142 -23.08 -14.75 6.88
C TYR I 142 -24.23 -15.49 7.55
N GLU I 143 -25.46 -15.03 7.37
CA GLU I 143 -26.60 -15.66 8.04
C GLU I 143 -26.96 -16.99 7.40
N LEU I 144 -26.70 -17.14 6.10
CA LEU I 144 -27.08 -18.37 5.40
C LEU I 144 -26.37 -19.59 5.98
N GLN I 145 -25.07 -19.45 6.27
CA GLN I 145 -24.28 -20.57 6.75
C GLN I 145 -24.56 -20.92 8.21
N LYS I 146 -25.30 -20.08 8.94
CA LYS I 146 -25.51 -20.32 10.36
C LYS I 146 -26.29 -21.62 10.61
N LEU I 147 -27.35 -21.84 9.83
CA LEU I 147 -28.19 -23.01 10.07
C LEU I 147 -27.42 -24.32 9.83
N ASN I 148 -26.62 -24.37 8.77
CA ASN I 148 -25.86 -25.57 8.46
C ASN I 148 -24.64 -25.70 9.36
N ILE J 1 -27.97 -8.71 -21.20
CA ILE J 1 -27.64 -7.55 -20.37
C ILE J 1 -26.13 -7.34 -20.40
N GLN J 2 -25.71 -6.08 -20.57
CA GLN J 2 -24.32 -5.69 -20.49
C GLN J 2 -24.05 -5.08 -19.13
N TYR J 3 -23.20 -5.73 -18.34
CA TYR J 3 -22.87 -5.27 -17.00
C TYR J 3 -21.59 -4.46 -17.01
N VAL J 4 -21.44 -3.59 -16.01
CA VAL J 4 -20.28 -2.71 -15.95
C VAL J 4 -19.04 -3.54 -15.65
N THR J 5 -17.98 -3.31 -16.42
CA THR J 5 -16.69 -3.97 -16.25
C THR J 5 -15.62 -2.92 -16.03
N VAL J 6 -14.71 -3.19 -15.10
CA VAL J 6 -13.64 -2.27 -14.73
C VAL J 6 -12.35 -2.72 -15.40
N PHE J 7 -11.64 -1.76 -16.01
CA PHE J 7 -10.39 -2.02 -16.69
C PHE J 7 -9.29 -1.22 -16.03
N TYR J 8 -8.12 -1.84 -15.86
CA TYR J 8 -6.97 -1.23 -15.22
C TYR J 8 -5.82 -1.13 -16.21
N GLY J 9 -5.23 0.06 -16.31
CA GLY J 9 -4.09 0.29 -17.18
C GLY J 9 -4.40 0.87 -18.54
N VAL J 10 -5.66 1.16 -18.83
CA VAL J 10 -6.03 1.74 -20.12
C VAL J 10 -5.49 3.15 -20.20
N PRO J 11 -5.24 3.71 -21.39
CA PRO J 11 -4.63 5.04 -21.48
C PRO J 11 -5.68 6.13 -21.27
N ALA J 12 -5.50 6.92 -20.21
CA ALA J 12 -6.38 8.04 -19.92
C ALA J 12 -5.63 9.00 -19.00
N TRP J 13 -5.75 10.29 -19.26
CA TRP J 13 -5.00 11.29 -18.50
C TRP J 13 -5.77 12.59 -18.46
N LYS J 14 -5.40 13.43 -17.51
CA LYS J 14 -6.00 14.75 -17.32
C LYS J 14 -4.90 15.74 -16.96
N ASN J 15 -5.29 16.98 -16.69
CA ASN J 15 -4.33 17.99 -16.30
C ASN J 15 -3.72 17.64 -14.94
N ALA J 16 -2.59 18.26 -14.63
CA ALA J 16 -1.87 17.96 -13.40
C ALA J 16 -1.04 19.16 -12.98
N THR J 17 -0.67 19.18 -11.70
CA THR J 17 0.19 20.23 -11.16
C THR J 17 0.91 19.65 -9.95
N ILE J 18 2.15 19.21 -10.14
CA ILE J 18 2.97 18.70 -9.05
C ILE J 18 4.43 19.05 -9.32
N PRO J 19 5.30 19.10 -8.30
CA PRO J 19 6.72 19.32 -8.57
C PRO J 19 7.35 18.09 -9.23
N LEU J 20 8.53 18.32 -9.81
CA LEU J 20 9.24 17.30 -10.58
C LEU J 20 10.57 16.97 -9.93
N PHE J 21 11.12 15.83 -10.34
CA PHE J 21 12.41 15.36 -9.83
C PHE J 21 13.57 16.04 -10.56
N CYS J 22 14.77 15.79 -10.06
CA CYS J 22 15.99 16.27 -10.70
C CYS J 22 16.42 15.36 -11.84
N ALA J 23 17.19 15.92 -12.77
CA ALA J 23 17.90 15.12 -13.76
C ALA J 23 18.98 16.01 -14.38
N THR J 24 20.24 15.68 -14.12
CA THR J 24 21.35 16.49 -14.63
C THR J 24 22.60 15.63 -14.66
N LYS J 25 23.58 16.07 -15.46
CA LYS J 25 24.84 15.36 -15.62
C LYS J 25 25.93 15.91 -14.70
N ASN J 26 26.21 17.21 -14.81
CA ASN J 26 27.30 17.79 -14.03
C ASN J 26 26.99 17.75 -12.54
N ARG J 27 28.02 17.51 -11.74
CA ARG J 27 27.91 17.42 -10.30
C ARG J 27 28.41 18.72 -9.67
N ASP J 28 28.50 18.74 -8.34
CA ASP J 28 29.04 19.89 -7.59
C ASP J 28 28.20 21.13 -7.82
N THR J 29 26.88 20.97 -7.83
CA THR J 29 25.92 22.07 -7.94
C THR J 29 25.24 22.22 -6.59
N TRP J 30 25.85 23.02 -5.72
CA TRP J 30 25.33 23.26 -4.37
C TRP J 30 25.22 21.96 -3.57
N GLY J 31 26.34 21.23 -3.51
CA GLY J 31 26.38 19.98 -2.77
C GLY J 31 25.49 18.89 -3.35
N THR J 32 25.36 18.85 -4.67
CA THR J 32 24.59 17.89 -5.46
C THR J 32 23.08 18.15 -5.36
N THR J 33 22.62 19.05 -4.49
CA THR J 33 21.23 19.47 -4.41
C THR J 33 20.27 18.29 -4.21
N GLN J 34 20.79 17.15 -3.75
CA GLN J 34 19.96 15.94 -3.57
C GLN J 34 19.25 15.57 -4.88
N CYS J 35 19.97 15.68 -5.98
CA CYS J 35 19.41 15.47 -7.32
C CYS J 35 19.74 14.06 -7.81
N LEU J 36 18.75 13.42 -8.43
CA LEU J 36 18.91 12.06 -8.90
C LEU J 36 19.86 12.00 -10.10
N PRO J 37 20.44 10.83 -10.38
CA PRO J 37 21.24 10.69 -11.60
C PRO J 37 20.38 10.82 -12.85
N ASP J 38 21.01 11.26 -13.93
CA ASP J 38 20.34 11.48 -15.20
C ASP J 38 20.52 10.28 -16.11
N ASN J 39 19.46 9.93 -16.84
CA ASN J 39 19.48 8.83 -17.79
C ASN J 39 19.45 9.40 -19.21
N ASP J 40 20.32 8.89 -20.06
CA ASP J 40 20.39 9.31 -21.46
C ASP J 40 19.24 8.67 -22.21
N ASP J 41 18.11 9.38 -22.27
CA ASP J 41 16.93 8.87 -22.95
C ASP J 41 16.15 10.05 -23.50
N TYR J 42 16.17 10.22 -24.82
CA TYR J 42 15.38 11.23 -25.51
C TYR J 42 14.32 10.61 -26.42
N SER J 43 13.92 9.37 -26.16
CA SER J 43 12.97 8.68 -27.00
C SER J 43 11.61 9.36 -26.93
N GLU J 44 10.85 9.26 -28.02
CA GLU J 44 9.51 9.83 -28.10
C GLU J 44 8.67 8.94 -29.01
N LEU J 45 7.44 8.68 -28.58
CA LEU J 45 6.50 7.84 -29.31
C LEU J 45 5.46 8.71 -30.00
N ALA J 46 4.75 8.11 -30.95
CA ALA J 46 3.76 8.80 -31.76
C ALA J 46 2.37 8.54 -31.22
N ILE J 47 1.58 9.60 -31.07
CA ILE J 47 0.20 9.52 -30.63
C ILE J 47 -0.67 10.26 -31.64
N ASN J 48 -1.90 9.80 -31.79
CA ASN J 48 -2.82 10.34 -32.79
C ASN J 48 -3.81 11.35 -32.22
N ILE J 49 -4.30 11.11 -31.00
CA ILE J 49 -5.33 11.98 -30.43
C ILE J 49 -4.73 13.34 -30.12
N THR J 50 -5.49 14.39 -30.43
CA THR J 50 -5.07 15.75 -30.12
C THR J 50 -5.17 16.02 -28.63
N GLU J 51 -4.39 17.00 -28.17
CA GLU J 51 -4.39 17.40 -26.77
C GLU J 51 -4.16 18.90 -26.69
N ALA J 52 -4.82 19.55 -25.74
CA ALA J 52 -4.64 20.99 -25.57
C ALA J 52 -3.22 21.30 -25.12
N PHE J 53 -2.71 22.43 -25.60
CA PHE J 53 -1.36 22.88 -25.28
C PHE J 53 -1.38 24.35 -24.90
N ASP J 54 -0.44 24.75 -24.04
CA ASP J 54 -0.34 26.12 -23.58
C ASP J 54 1.11 26.38 -23.17
N ALA J 55 1.48 27.66 -23.16
CA ALA J 55 2.81 28.09 -22.78
C ALA J 55 2.84 29.09 -21.64
N TRP J 56 1.77 29.87 -21.44
CA TRP J 56 1.73 30.86 -20.37
C TRP J 56 1.09 30.32 -19.10
N ASN J 57 0.11 29.43 -19.21
CA ASN J 57 -0.61 28.92 -18.05
C ASN J 57 -0.06 27.59 -17.55
N ASN J 58 0.77 26.90 -18.33
CA ASN J 58 1.31 25.62 -17.90
C ASN J 58 2.10 25.77 -16.61
N THR J 59 1.90 24.84 -15.68
CA THR J 59 2.54 24.88 -14.38
C THR J 59 4.00 24.43 -14.41
N VAL J 60 4.44 23.77 -15.47
CA VAL J 60 5.82 23.29 -15.54
C VAL J 60 6.79 24.46 -15.51
N THR J 61 6.48 25.53 -16.24
CA THR J 61 7.38 26.68 -16.29
C THR J 61 7.32 27.49 -15.01
N GLU J 62 6.17 27.48 -14.33
CA GLU J 62 6.02 28.29 -13.12
C GLU J 62 7.00 27.86 -12.04
N GLN J 63 7.33 26.57 -11.97
CA GLN J 63 8.29 26.09 -10.99
C GLN J 63 9.72 26.43 -11.37
N ALA J 64 10.02 26.45 -12.68
CA ALA J 64 11.37 26.78 -13.12
C ALA J 64 11.76 28.19 -12.74
N ILE J 65 10.84 29.15 -12.92
CA ILE J 65 11.17 30.54 -12.63
C ILE J 65 11.42 30.73 -11.14
N GLU J 66 10.69 30.01 -10.29
CA GLU J 66 10.95 30.08 -8.85
C GLU J 66 12.23 29.33 -8.48
N ASP J 67 12.45 28.16 -9.09
CA ASP J 67 13.65 27.38 -8.77
C ASP J 67 14.92 28.12 -9.17
N VAL J 68 14.93 28.70 -10.37
CA VAL J 68 16.13 29.38 -10.86
C VAL J 68 16.44 30.60 -10.00
N TRP J 69 15.40 31.36 -9.61
CA TRP J 69 15.63 32.53 -8.78
C TRP J 69 16.19 32.14 -7.42
N ASN J 70 15.70 31.03 -6.85
CA ASN J 70 16.19 30.58 -5.55
C ASN J 70 17.68 30.21 -5.64
N LEU J 71 18.09 29.57 -6.72
CA LEU J 71 19.50 29.22 -6.88
C LEU J 71 20.38 30.46 -6.91
N PHE J 72 19.94 31.50 -7.64
CA PHE J 72 20.72 32.73 -7.72
C PHE J 72 20.82 33.41 -6.36
N GLU J 73 19.75 33.36 -5.57
CA GLU J 73 19.76 34.02 -4.27
C GLU J 73 20.84 33.44 -3.35
N THR J 74 21.15 32.15 -3.51
CA THR J 74 22.22 31.55 -2.72
C THR J 74 23.55 32.22 -2.99
N SER J 75 23.80 32.64 -4.23
CA SER J 75 25.03 33.36 -4.54
C SER J 75 25.09 34.68 -3.77
N ILE J 76 23.96 35.39 -3.69
CA ILE J 76 23.93 36.65 -2.94
C ILE J 76 24.22 36.40 -1.48
N LYS J 77 23.62 35.36 -0.90
CA LYS J 77 23.84 35.03 0.51
C LYS J 77 25.28 34.62 0.75
N ALA J 208 25.86 28.76 -14.28
CA ALA J 208 25.51 28.09 -15.53
C ALA J 208 25.40 26.58 -15.33
N ILE J 209 24.18 26.07 -15.37
CA ILE J 209 23.91 24.65 -15.21
C ILE J 209 22.91 24.20 -16.25
N ARG J 210 22.86 22.89 -16.48
CA ARG J 210 21.95 22.27 -17.44
C ARG J 210 21.32 21.06 -16.76
N PHE J 211 20.09 21.22 -16.30
CA PHE J 211 19.36 20.17 -15.59
C PHE J 211 18.12 19.78 -16.40
N ARG J 212 17.36 18.83 -15.85
CA ARG J 212 16.22 18.26 -16.54
C ARG J 212 15.21 17.77 -15.50
N TYR J 213 13.95 17.71 -15.91
CA TYR J 213 12.86 17.21 -15.08
C TYR J 213 12.33 15.91 -15.66
N CYS J 214 12.29 14.87 -14.83
CA CYS J 214 11.75 13.57 -15.21
C CYS J 214 10.58 13.24 -14.29
N ALA J 215 9.45 12.88 -14.88
CA ALA J 215 8.26 12.62 -14.10
C ALA J 215 8.34 11.25 -13.42
N PRO J 216 7.64 11.06 -12.31
CA PRO J 216 7.63 9.74 -11.66
C PRO J 216 6.67 8.81 -12.37
N PRO J 217 6.55 7.56 -11.92
CA PRO J 217 5.55 6.65 -12.50
C PRO J 217 4.15 7.22 -12.34
N GLY J 218 3.31 6.97 -13.35
CA GLY J 218 1.98 7.53 -13.37
C GLY J 218 1.89 8.97 -13.85
N TYR J 219 2.98 9.51 -14.39
CA TYR J 219 3.00 10.88 -14.90
C TYR J 219 3.81 10.90 -16.18
N ALA J 220 3.42 11.79 -17.10
CA ALA J 220 4.06 11.86 -18.41
C ALA J 220 4.03 13.29 -18.90
N LEU J 221 4.90 13.58 -19.87
CA LEU J 221 5.02 14.89 -20.49
C LEU J 221 4.70 14.78 -21.97
N LEU J 222 3.95 15.76 -22.48
CA LEU J 222 3.53 15.79 -23.87
C LEU J 222 4.21 16.95 -24.60
N ARG J 223 4.50 16.73 -25.88
CA ARG J 223 5.09 17.75 -26.74
C ARG J 223 4.35 17.78 -28.07
N CYS J 224 4.13 18.98 -28.58
CA CYS J 224 3.48 19.17 -29.87
C CYS J 224 4.56 19.26 -30.96
N ASN J 225 4.63 18.25 -31.81
CA ASN J 225 5.60 18.22 -32.90
C ASN J 225 5.15 18.99 -34.13
N ASP J 226 3.99 19.63 -34.07
CA ASP J 226 3.54 20.48 -35.18
C ASP J 226 4.54 21.59 -35.42
N SER J 227 4.89 21.80 -36.70
CA SER J 227 5.86 22.82 -37.05
C SER J 227 5.30 24.23 -36.91
N ASN J 228 3.97 24.39 -36.90
CA ASN J 228 3.34 25.69 -36.81
C ASN J 228 2.97 26.08 -35.39
N TYR J 229 3.69 25.57 -34.39
CA TYR J 229 3.38 25.90 -33.00
C TYR J 229 3.71 27.35 -32.72
N SER J 230 2.78 28.05 -32.06
CA SER J 230 2.97 29.45 -31.70
C SER J 230 2.44 29.73 -30.30
N GLY J 231 2.46 28.73 -29.43
CA GLY J 231 2.01 28.90 -28.05
C GLY J 231 0.62 28.32 -27.81
N PHE J 232 -0.29 28.54 -28.75
CA PHE J 232 -1.66 28.04 -28.68
C PHE J 232 -1.86 27.02 -29.79
N ALA J 233 -1.89 25.74 -29.44
CA ALA J 233 -2.12 24.65 -30.38
C ALA J 233 -3.15 23.69 -29.79
N PRO J 234 -4.39 24.14 -29.64
CA PRO J 234 -5.43 23.25 -29.09
C PRO J 234 -5.73 22.05 -29.96
N ASN J 235 -5.35 22.09 -31.25
CA ASN J 235 -5.66 21.01 -32.18
C ASN J 235 -4.38 20.43 -32.78
N CYS J 236 -3.39 20.13 -31.94
CA CYS J 236 -2.14 19.57 -32.41
C CYS J 236 -2.38 18.33 -33.27
N SER J 237 -1.83 18.34 -34.48
CA SER J 237 -2.04 17.21 -35.39
C SER J 237 -1.33 15.95 -34.89
N LYS J 238 -0.05 16.08 -34.55
CA LYS J 238 0.75 14.97 -34.04
C LYS J 238 1.37 15.41 -32.71
N VAL J 239 1.17 14.60 -31.68
CA VAL J 239 1.69 14.88 -30.34
C VAL J 239 2.43 13.64 -29.86
N VAL J 240 3.54 13.85 -29.15
CA VAL J 240 4.38 12.77 -28.67
C VAL J 240 4.36 12.77 -27.14
N VAL J 241 4.62 11.59 -26.58
CA VAL J 241 4.68 11.39 -25.14
C VAL J 241 6.10 11.01 -24.78
N SER J 242 6.67 11.70 -23.80
CA SER J 242 8.05 11.48 -23.38
C SER J 242 8.11 11.38 -21.86
N SER J 243 8.94 10.45 -21.37
CA SER J 243 9.10 10.28 -19.93
C SER J 243 9.94 11.38 -19.30
N CYS J 244 10.66 12.16 -20.10
CA CYS J 244 11.50 13.24 -19.57
C CYS J 244 11.51 14.38 -20.58
N THR J 245 11.76 15.58 -20.07
CA THR J 245 11.84 16.78 -20.91
C THR J 245 13.22 16.83 -21.56
N ARG J 246 13.56 17.98 -22.15
CA ARG J 246 14.83 18.17 -22.83
C ARG J 246 15.79 18.97 -21.95
N MET J 247 17.00 19.18 -22.47
CA MET J 247 17.96 20.05 -21.80
C MET J 247 17.51 21.51 -21.90
N MET J 248 17.78 22.28 -20.86
CA MET J 248 17.44 23.69 -20.82
C MET J 248 18.59 24.47 -20.20
N GLU J 249 18.69 25.75 -20.56
CA GLU J 249 19.73 26.64 -20.07
C GLU J 249 19.09 27.75 -19.24
N THR J 250 19.76 28.12 -18.16
CA THR J 250 19.31 29.18 -17.26
C THR J 250 20.20 30.39 -17.45
N GLN J 251 19.60 31.53 -17.78
CA GLN J 251 20.34 32.78 -17.98
C GLN J 251 19.49 33.93 -17.46
N THR J 252 20.05 34.68 -16.49
CA THR J 252 19.37 35.85 -15.93
C THR J 252 19.82 37.06 -16.73
N SER J 253 19.09 37.36 -17.81
CA SER J 253 19.43 38.45 -18.70
C SER J 253 18.14 39.14 -19.15
N THR J 254 18.30 40.39 -19.58
CA THR J 254 17.18 41.21 -20.04
C THR J 254 17.51 41.78 -21.41
N TRP J 255 16.46 42.08 -22.17
CA TRP J 255 16.50 42.70 -23.50
C TRP J 255 17.12 41.79 -24.56
N PHE J 256 17.46 40.55 -24.23
CA PHE J 256 18.09 39.65 -25.19
C PHE J 256 17.77 38.21 -24.81
N GLY J 257 17.93 37.32 -25.78
CA GLY J 257 17.75 35.90 -25.56
C GLY J 257 19.04 35.13 -25.71
N PHE J 258 19.58 34.65 -24.60
CA PHE J 258 20.89 34.02 -24.56
C PHE J 258 20.78 32.61 -25.15
N ASN J 259 21.70 31.70 -24.78
CA ASN J 259 21.97 30.45 -25.51
C ASN J 259 20.71 29.74 -26.00
N GLY J 260 19.78 29.48 -25.09
CA GLY J 260 18.53 28.84 -25.46
C GLY J 260 18.71 27.44 -26.02
N THR J 261 17.59 26.81 -26.40
CA THR J 261 17.61 25.46 -26.96
C THR J 261 16.74 25.29 -28.20
N ARG J 262 15.84 26.23 -28.48
CA ARG J 262 14.95 26.14 -29.64
C ARG J 262 15.55 26.80 -30.87
N ALA J 263 16.87 26.89 -30.96
CA ALA J 263 17.51 27.41 -32.16
C ALA J 263 17.30 26.44 -33.31
N GLU J 264 16.52 26.85 -34.32
CA GLU J 264 16.17 25.99 -35.42
C GLU J 264 16.07 26.83 -36.69
N ASN J 265 15.85 26.14 -37.82
CA ASN J 265 15.78 26.80 -39.12
C ASN J 265 14.44 27.49 -39.36
N ARG J 266 13.45 27.28 -38.50
CA ARG J 266 12.13 27.87 -38.66
C ARG J 266 11.99 29.10 -37.78
N THR J 267 11.38 30.15 -38.33
CA THR J 267 11.14 31.39 -37.62
C THR J 267 9.65 31.50 -37.30
N TYR J 268 9.34 31.74 -36.03
CA TYR J 268 7.96 31.88 -35.59
C TYR J 268 7.94 32.67 -34.29
N ILE J 269 6.78 33.27 -34.01
CA ILE J 269 6.60 34.16 -32.87
C ILE J 269 5.37 33.74 -32.10
N TYR J 270 5.50 33.67 -30.78
CA TYR J 270 4.38 33.34 -29.91
C TYR J 270 3.49 34.56 -29.71
N TRP J 271 2.18 34.31 -29.63
CA TRP J 271 1.19 35.36 -29.42
C TRP J 271 0.23 34.95 -28.33
N HIS J 272 0.02 35.84 -27.36
CA HIS J 272 -0.93 35.59 -26.29
C HIS J 272 -2.35 35.93 -26.73
N GLY J 273 -3.34 35.12 -26.35
CA GLY J 273 -4.74 35.44 -26.65
C GLY J 273 -5.26 36.43 -25.64
N LYS J 274 -4.83 36.31 -24.39
CA LYS J 274 -5.29 37.19 -23.30
C LYS J 274 -4.40 38.42 -23.22
N SER J 275 -3.35 38.51 -24.01
CA SER J 275 -2.49 39.73 -24.06
C SER J 275 -1.82 39.86 -25.43
N ASN J 276 -1.20 40.99 -25.71
CA ASN J 276 -0.51 41.01 -27.01
C ASN J 276 0.83 40.36 -26.74
N ARG J 277 1.40 40.57 -25.53
CA ARG J 277 2.74 40.04 -25.14
C ARG J 277 3.27 38.99 -26.10
N THR J 278 4.43 39.25 -26.72
CA THR J 278 5.00 38.29 -27.67
C THR J 278 6.44 38.02 -27.29
N ILE J 279 6.94 36.88 -27.77
CA ILE J 279 8.37 36.54 -27.68
C ILE J 279 8.78 35.95 -29.03
N ILE J 280 9.89 36.44 -29.58
CA ILE J 280 10.31 36.14 -30.93
C ILE J 280 11.48 35.17 -30.88
N SER J 281 11.36 34.06 -31.60
CA SER J 281 12.45 33.10 -31.76
C SER J 281 13.31 33.52 -32.94
N LEU J 282 14.62 33.33 -32.81
CA LEU J 282 15.60 33.74 -33.81
C LEU J 282 16.25 32.51 -34.44
N ASN J 283 16.36 32.53 -35.77
CA ASN J 283 16.94 31.41 -36.49
C ASN J 283 18.45 31.33 -36.23
N LYS J 284 18.97 30.10 -36.34
CA LYS J 284 20.39 29.87 -36.11
C LYS J 284 21.26 30.21 -37.31
N TYR J 285 20.67 30.47 -38.48
CA TYR J 285 21.48 30.76 -39.65
C TYR J 285 22.21 32.10 -39.52
N TYR J 286 21.56 33.10 -38.90
CA TYR J 286 22.21 34.40 -38.75
C TYR J 286 23.31 34.34 -37.70
N ASN J 287 23.02 33.70 -36.57
CA ASN J 287 23.95 33.46 -35.46
C ASN J 287 24.23 34.74 -34.67
N LEU J 288 23.87 35.91 -35.24
CA LEU J 288 23.92 37.23 -34.60
C LEU J 288 25.09 37.34 -33.62
N THR J 289 26.31 37.21 -34.15
CA THR J 289 27.50 37.14 -33.33
C THR J 289 27.62 38.36 -32.42
N MET J 290 27.94 38.11 -31.15
CA MET J 290 28.12 39.15 -30.15
C MET J 290 29.42 38.91 -29.40
N ARG J 291 30.14 39.99 -29.13
CA ARG J 291 31.38 39.93 -28.34
C ARG J 291 31.36 41.07 -27.33
N CYS J 292 31.60 40.74 -26.06
CA CYS J 292 31.58 41.71 -24.98
C CYS J 292 32.87 41.60 -24.18
N ARG J 293 33.42 42.75 -23.81
CA ARG J 293 34.66 42.82 -23.03
C ARG J 293 34.53 43.82 -21.89
N ARG J 294 35.64 44.05 -21.19
CA ARG J 294 35.66 44.99 -20.07
C ARG J 294 34.67 44.58 -18.98
N CYS J 325 29.35 47.10 -25.23
CA CYS J 325 29.81 45.99 -26.07
C CYS J 325 29.97 46.45 -27.52
N TRP J 326 31.10 46.11 -28.12
CA TRP J 326 31.39 46.46 -29.50
C TRP J 326 30.89 45.36 -30.43
N PHE J 327 29.98 45.71 -31.34
CA PHE J 327 29.41 44.71 -32.24
C PHE J 327 28.65 45.38 -33.38
N GLY J 328 28.90 44.92 -34.61
CA GLY J 328 28.03 45.28 -35.71
C GLY J 328 26.70 44.57 -35.56
N GLY J 329 26.73 43.25 -35.68
CA GLY J 329 25.60 42.39 -35.37
C GLY J 329 24.24 42.88 -35.82
N SER J 330 24.19 43.47 -37.02
CA SER J 330 22.93 43.95 -37.57
C SER J 330 22.24 42.92 -38.44
N TRP J 331 22.96 42.32 -39.39
CA TRP J 331 22.40 41.35 -40.32
C TRP J 331 21.17 41.94 -41.02
N LYS J 332 21.42 43.00 -41.78
CA LYS J 332 20.33 43.75 -42.40
C LYS J 332 19.46 42.84 -43.27
N GLU J 333 20.04 41.85 -43.94
CA GLU J 333 19.23 40.91 -44.72
C GLU J 333 18.38 40.03 -43.81
N ALA J 334 18.87 39.74 -42.60
CA ALA J 334 18.12 38.88 -41.69
C ALA J 334 16.86 39.57 -41.17
N ILE J 335 16.99 40.83 -40.74
CA ILE J 335 15.87 41.53 -40.14
C ILE J 335 14.78 41.79 -41.18
N GLN J 336 15.16 41.97 -42.44
CA GLN J 336 14.17 42.25 -43.48
C GLN J 336 13.19 41.09 -43.64
N GLU J 337 13.70 39.86 -43.61
CA GLU J 337 12.83 38.70 -43.84
C GLU J 337 11.96 38.41 -42.63
N VAL J 338 12.52 38.50 -41.42
CA VAL J 338 11.79 38.09 -40.23
C VAL J 338 10.61 39.02 -39.97
N LYS J 339 10.81 40.34 -40.12
CA LYS J 339 9.71 41.26 -39.86
C LYS J 339 8.58 41.11 -40.86
N GLU J 340 8.90 40.77 -42.12
CA GLU J 340 7.86 40.45 -43.09
C GLU J 340 7.01 39.24 -42.73
N THR J 341 7.53 38.30 -41.93
CA THR J 341 6.74 37.20 -41.43
C THR J 341 5.92 37.56 -40.19
N LEU J 342 6.37 38.56 -39.42
CA LEU J 342 5.54 39.08 -38.34
C LEU J 342 4.25 39.68 -38.88
N VAL J 343 4.29 40.20 -40.12
CA VAL J 343 3.07 40.59 -40.80
C VAL J 343 2.27 39.35 -41.20
N LYS J 344 2.96 38.33 -41.70
CA LYS J 344 2.33 37.06 -42.06
C LYS J 344 2.07 36.17 -40.84
N HIS J 345 2.48 36.61 -39.66
CA HIS J 345 2.18 35.89 -38.44
C HIS J 345 0.65 35.73 -38.33
N PRO J 346 0.16 34.58 -37.77
CA PRO J 346 -1.28 34.26 -37.84
C PRO J 346 -2.26 35.42 -37.63
N ARG J 347 -1.90 36.39 -36.80
CA ARG J 347 -2.69 37.62 -36.68
C ARG J 347 -1.76 38.82 -36.68
N TYR J 348 -2.14 39.85 -37.45
CA TYR J 348 -1.45 41.12 -37.46
C TYR J 348 -2.44 42.18 -37.91
N THR J 349 -2.93 42.98 -36.97
CA THR J 349 -4.05 43.88 -37.19
C THR J 349 -3.54 45.25 -37.61
N GLY J 350 -3.97 45.73 -38.77
CA GLY J 350 -3.57 47.02 -39.27
C GLY J 350 -2.07 47.16 -39.35
N THR J 351 -1.61 48.40 -39.47
CA THR J 351 -0.18 48.72 -39.49
C THR J 351 0.52 47.92 -40.60
N ASN J 352 0.17 48.25 -41.85
CA ASN J 352 0.53 47.45 -43.00
C ASN J 352 2.03 47.13 -43.08
N ASP J 353 2.88 47.90 -42.39
CA ASP J 353 4.31 47.62 -42.30
C ASP J 353 4.99 47.79 -43.66
N THR J 354 4.61 48.83 -44.39
CA THR J 354 5.16 49.10 -45.71
C THR J 354 6.41 49.97 -45.57
N ARG J 355 7.54 49.33 -45.24
CA ARG J 355 8.84 49.99 -45.24
C ARG J 355 8.94 51.10 -44.19
N LYS J 356 8.25 50.96 -43.07
CA LYS J 356 8.29 51.96 -42.00
C LYS J 356 8.09 51.27 -40.67
N ILE J 357 9.15 51.16 -39.89
CA ILE J 357 9.09 50.57 -38.55
C ILE J 357 10.30 51.08 -37.77
N ASN J 358 10.06 51.47 -36.51
CA ASN J 358 11.10 51.96 -35.64
C ASN J 358 10.99 51.28 -34.28
N LEU J 359 12.13 50.88 -33.73
CA LEU J 359 12.19 50.23 -32.42
C LEU J 359 12.33 51.32 -31.36
N THR J 360 11.20 51.94 -31.04
CA THR J 360 11.20 53.01 -30.04
C THR J 360 11.46 52.42 -28.65
N ALA J 361 12.47 52.96 -27.98
CA ALA J 361 12.79 52.52 -26.64
C ALA J 361 11.78 53.05 -25.64
N PRO J 362 11.68 52.45 -24.45
CA PRO J 362 10.76 52.96 -23.45
C PRO J 362 11.09 54.41 -23.07
N ALA J 363 10.04 55.17 -22.79
CA ALA J 363 10.22 56.57 -22.41
C ALA J 363 11.09 56.69 -21.16
N GLY J 364 11.66 57.87 -20.97
CA GLY J 364 12.53 58.13 -19.83
C GLY J 364 11.83 57.93 -18.50
N GLY J 365 12.57 58.14 -17.41
CA GLY J 365 12.03 57.95 -16.07
C GLY J 365 12.84 56.97 -15.25
N ASP J 366 12.25 55.80 -14.97
CA ASP J 366 12.89 54.85 -14.07
C ASP J 366 14.23 54.39 -14.66
N PRO J 367 15.27 54.24 -13.84
CA PRO J 367 16.56 53.80 -14.41
C PRO J 367 16.52 52.44 -15.06
N GLU J 368 15.70 51.51 -14.54
CA GLU J 368 15.73 50.13 -15.03
C GLU J 368 15.34 50.05 -16.50
N VAL J 369 14.29 50.76 -16.89
CA VAL J 369 13.86 50.72 -18.29
C VAL J 369 14.88 51.40 -19.19
N THR J 370 15.55 52.44 -18.69
CA THR J 370 16.47 53.20 -19.53
C THR J 370 17.66 52.36 -20.00
N PHE J 371 18.21 51.55 -19.11
CA PHE J 371 19.41 50.75 -19.39
C PHE J 371 19.13 49.28 -19.19
N MET J 372 19.78 48.45 -20.00
CA MET J 372 19.57 47.01 -19.95
C MET J 372 20.30 46.42 -18.73
N TRP J 373 20.27 45.09 -18.64
CA TRP J 373 20.98 44.36 -17.61
C TRP J 373 21.51 43.06 -18.20
N THR J 374 22.82 42.88 -18.15
CA THR J 374 23.47 41.68 -18.66
C THR J 374 24.55 41.24 -17.69
N ASN J 375 24.69 39.94 -17.51
CA ASN J 375 25.65 39.35 -16.57
C ASN J 375 26.73 38.60 -17.33
N CYS J 376 27.98 38.88 -17.00
CA CYS J 376 29.14 38.20 -17.59
C CYS J 376 30.10 37.89 -16.43
N ARG J 377 29.97 36.69 -15.87
CA ARG J 377 30.75 36.29 -14.70
C ARG J 377 30.55 37.26 -13.54
N GLY J 378 29.29 37.62 -13.31
CA GLY J 378 28.95 38.50 -12.21
C GLY J 378 29.33 39.94 -12.44
N GLU J 379 28.72 40.57 -13.45
CA GLU J 379 28.96 41.97 -13.76
C GLU J 379 27.62 42.65 -14.04
N PHE J 380 27.34 43.74 -13.33
CA PHE J 380 26.11 44.50 -13.49
C PHE J 380 26.36 45.54 -14.59
N LEU J 381 26.16 45.12 -15.84
CA LEU J 381 26.46 45.98 -16.99
C LEU J 381 25.30 46.92 -17.26
N TYR J 382 25.61 48.21 -17.38
CA TYR J 382 24.62 49.24 -17.69
C TYR J 382 25.25 50.17 -18.73
N CYS J 383 24.91 49.96 -20.00
CA CYS J 383 25.47 50.71 -21.12
C CYS J 383 24.35 51.34 -21.93
N LYS J 384 24.73 51.99 -23.03
CA LYS J 384 23.81 52.69 -23.91
C LYS J 384 23.70 51.96 -25.24
N MET J 385 22.47 51.80 -25.73
CA MET J 385 22.18 51.16 -27.00
C MET J 385 21.68 52.15 -28.05
N ASN J 386 21.92 53.44 -27.84
CA ASN J 386 21.33 54.45 -28.71
C ASN J 386 22.02 54.51 -30.08
N TRP J 387 23.27 54.06 -30.17
CA TRP J 387 24.04 54.23 -31.40
C TRP J 387 23.42 53.48 -32.57
N PHE J 388 23.16 52.18 -32.38
CA PHE J 388 22.74 51.35 -33.50
C PHE J 388 21.35 51.76 -34.00
N LEU J 389 20.38 51.88 -33.09
CA LEU J 389 19.02 52.18 -33.50
C LEU J 389 18.91 53.55 -34.13
N ASN J 390 19.55 54.54 -33.53
CA ASN J 390 19.51 55.91 -34.04
C ASN J 390 20.81 56.64 -33.73
N GLY J 441 43.94 38.62 -17.15
CA GLY J 441 43.76 39.98 -16.68
C GLY J 441 42.30 40.40 -16.64
N ASP J 442 41.78 40.78 -17.81
CA ASP J 442 40.39 41.22 -17.95
C ASP J 442 39.57 40.05 -18.49
N LEU J 443 38.52 39.68 -17.76
CA LEU J 443 37.67 38.57 -18.17
C LEU J 443 36.90 38.96 -19.44
N THR J 444 36.73 37.97 -20.32
CA THR J 444 36.02 38.16 -21.58
C THR J 444 34.99 37.05 -21.77
N CYS J 445 33.91 37.38 -22.46
CA CYS J 445 32.83 36.43 -22.70
C CYS J 445 32.15 36.78 -24.01
N ASN J 446 31.44 35.80 -24.56
CA ASN J 446 30.68 35.96 -25.80
C ASN J 446 29.20 35.74 -25.50
N SER J 447 28.40 35.74 -26.55
CA SER J 447 26.99 35.44 -26.45
C SER J 447 26.49 35.01 -27.83
N THR J 448 25.56 34.06 -27.83
CA THR J 448 24.92 33.59 -29.05
C THR J 448 23.42 33.83 -28.90
N VAL J 449 22.94 34.94 -29.48
CA VAL J 449 21.55 35.33 -29.28
C VAL J 449 20.63 34.33 -29.95
N THR J 450 19.52 34.00 -29.28
CA THR J 450 18.53 33.09 -29.84
C THR J 450 17.09 33.52 -29.65
N SER J 451 16.81 34.56 -28.85
CA SER J 451 15.44 35.00 -28.63
C SER J 451 15.45 36.48 -28.28
N LEU J 452 14.25 37.05 -28.14
CA LEU J 452 14.13 38.46 -27.77
C LEU J 452 12.72 38.71 -27.27
N ILE J 453 12.61 39.33 -26.09
CA ILE J 453 11.33 39.66 -25.49
C ILE J 453 10.84 40.99 -26.05
N ALA J 454 9.53 41.11 -26.22
CA ALA J 454 8.95 42.35 -26.74
C ALA J 454 7.48 42.40 -26.39
N GLU J 455 6.98 43.61 -26.16
CA GLU J 455 5.57 43.88 -25.94
C GLU J 455 5.09 44.78 -27.08
N ILE J 456 4.31 44.21 -27.99
CA ILE J 456 3.88 44.92 -29.19
C ILE J 456 2.62 45.71 -28.86
N ASP J 457 2.65 47.01 -29.13
CA ASP J 457 1.50 47.88 -28.90
C ASP J 457 1.43 48.90 -30.02
N TRP J 458 0.20 49.31 -30.35
CA TRP J 458 -0.02 50.32 -31.37
C TRP J 458 -1.22 51.18 -30.97
N THR J 459 -1.14 52.47 -31.30
CA THR J 459 -2.21 53.42 -31.02
C THR J 459 -2.87 53.98 -32.26
N ASN J 460 -2.24 53.84 -33.43
CA ASN J 460 -2.81 54.34 -34.67
C ASN J 460 -2.34 53.44 -35.81
N ASN J 461 -3.11 53.44 -36.90
CA ASN J 461 -2.76 52.64 -38.06
C ASN J 461 -1.58 53.20 -38.82
N ASN J 462 -1.32 54.51 -38.72
CA ASN J 462 -0.23 55.11 -39.48
C ASN J 462 1.12 54.73 -38.90
N GLU J 463 1.26 54.75 -37.57
CA GLU J 463 2.54 54.53 -36.91
C GLU J 463 2.35 53.56 -35.75
N THR J 464 3.42 52.83 -35.43
CA THR J 464 3.43 51.87 -34.34
C THR J 464 4.69 52.04 -33.52
N ASN J 465 4.54 51.95 -32.20
CA ASN J 465 5.65 52.07 -31.25
C ASN J 465 5.77 50.76 -30.48
N ILE J 466 6.97 50.19 -30.48
CA ILE J 466 7.25 48.92 -29.82
C ILE J 466 7.83 49.24 -28.44
N THR J 467 6.97 49.22 -27.42
CA THR J 467 7.42 49.40 -26.03
C THR J 467 7.87 48.05 -25.50
N MET J 468 9.10 47.68 -25.86
CA MET J 468 9.62 46.36 -25.51
C MET J 468 9.73 46.22 -23.99
N SER J 469 9.39 45.03 -23.51
CA SER J 469 9.46 44.72 -22.08
C SER J 469 10.85 44.25 -21.71
N ALA J 470 11.06 44.05 -20.39
CA ALA J 470 12.35 43.63 -19.86
C ALA J 470 12.19 42.59 -18.76
N GLU J 471 11.17 41.76 -18.85
CA GLU J 471 10.94 40.73 -17.85
C GLU J 471 11.79 39.50 -18.14
N VAL J 472 12.44 38.98 -17.09
CA VAL J 472 13.31 37.82 -17.25
C VAL J 472 12.57 36.50 -17.21
N ALA J 473 11.40 36.45 -16.56
CA ALA J 473 10.68 35.19 -16.42
C ALA J 473 10.28 34.61 -17.76
N GLU J 474 9.94 35.46 -18.74
CA GLU J 474 9.48 34.97 -20.03
C GLU J 474 10.55 34.18 -20.78
N LEU J 475 11.83 34.43 -20.50
CA LEU J 475 12.89 33.74 -21.22
C LEU J 475 12.84 32.24 -20.98
N TYR J 476 12.64 31.83 -19.73
CA TYR J 476 12.56 30.40 -19.43
C TYR J 476 11.29 29.79 -19.96
N ARG J 477 10.21 30.57 -20.06
CA ARG J 477 8.95 30.04 -20.55
C ARG J 477 9.06 29.58 -21.99
N LEU J 478 9.87 30.26 -22.80
CA LEU J 478 10.07 29.83 -24.18
C LEU J 478 10.77 28.48 -24.25
N GLU J 479 11.71 28.21 -23.33
CA GLU J 479 12.44 26.96 -23.36
C GLU J 479 11.51 25.76 -23.17
N LEU J 480 10.59 25.87 -22.22
CA LEU J 480 9.65 24.79 -21.90
C LEU J 480 8.23 25.11 -22.38
N GLY J 481 8.09 25.98 -23.36
CA GLY J 481 6.77 26.42 -23.80
C GLY J 481 5.98 25.39 -24.58
N ASP J 482 6.62 24.29 -24.99
CA ASP J 482 5.96 23.22 -25.73
C ASP J 482 5.87 21.95 -24.90
N TYR J 483 5.57 22.11 -23.60
CA TYR J 483 5.45 20.98 -22.70
C TYR J 483 4.30 21.20 -21.74
N LYS J 484 3.69 20.09 -21.31
CA LYS J 484 2.66 20.13 -20.28
C LYS J 484 2.71 18.83 -19.51
N LEU J 485 2.31 18.89 -18.24
CA LEU J 485 2.29 17.73 -17.36
C LEU J 485 0.87 17.20 -17.24
N VAL J 486 0.71 15.89 -17.44
CA VAL J 486 -0.59 15.24 -17.42
C VAL J 486 -0.53 14.07 -16.45
N GLU J 487 -1.52 13.97 -15.58
CA GLU J 487 -1.64 12.86 -14.65
C GLU J 487 -2.43 11.73 -15.31
N ILE J 488 -1.84 10.54 -15.36
CA ILE J 488 -2.44 9.40 -16.02
C ILE J 488 -3.35 8.69 -15.02
N THR J 489 -4.63 8.54 -15.39
CA THR J 489 -5.59 7.80 -14.59
C THR J 489 -5.77 6.42 -15.20
N PRO J 490 -5.28 5.34 -14.59
CA PRO J 490 -5.40 4.02 -15.21
C PRO J 490 -6.74 3.34 -15.00
N ILE J 491 -7.75 4.06 -14.51
CA ILE J 491 -9.06 3.49 -14.26
C ILE J 491 -9.91 3.63 -15.52
N GLY J 492 -10.60 2.56 -15.89
CA GLY J 492 -11.47 2.58 -17.05
C GLY J 492 -12.66 1.68 -16.86
N LEU J 493 -13.85 2.16 -17.22
CA LEU J 493 -15.10 1.43 -17.03
C LEU J 493 -15.74 1.20 -18.40
N ALA J 494 -16.06 -0.06 -18.68
CA ALA J 494 -16.67 -0.44 -19.95
C ALA J 494 -17.78 -1.45 -19.69
N PRO J 495 -18.82 -1.49 -20.55
CA PRO J 495 -19.87 -2.49 -20.36
C PRO J 495 -19.56 -3.81 -21.05
N THR J 496 -19.80 -4.92 -20.36
CA THR J 496 -19.60 -6.25 -20.92
C THR J 496 -20.74 -7.16 -20.47
N SER J 497 -21.02 -8.19 -21.27
CA SER J 497 -22.08 -9.13 -20.95
C SER J 497 -21.72 -10.06 -19.80
N CYS J 498 -20.47 -10.06 -19.36
CA CYS J 498 -20.04 -10.97 -18.31
C CYS J 498 -20.68 -10.59 -16.98
N ARG J 499 -20.66 -11.55 -16.05
CA ARG J 499 -21.19 -11.34 -14.71
C ARG J 499 -20.35 -12.15 -13.73
N ARG J 500 -20.34 -11.70 -12.48
CA ARG J 500 -19.57 -12.36 -11.44
C ARG J 500 -20.36 -13.52 -10.84
N TYR J 501 -19.64 -14.57 -10.48
CA TYR J 501 -20.27 -15.77 -9.92
C TYR J 501 -20.81 -15.47 -8.53
N THR J 502 -22.12 -15.60 -8.36
CA THR J 502 -22.79 -15.33 -7.09
C THR J 502 -22.45 -13.92 -6.57
N GLN K 1 -37.34 15.71 -14.36
CA GLN K 1 -36.52 15.60 -15.59
C GLN K 1 -37.40 15.65 -16.84
N VAL K 2 -38.48 14.87 -16.83
CA VAL K 2 -39.36 14.74 -17.98
C VAL K 2 -40.80 14.81 -17.51
N GLN K 3 -41.67 15.36 -18.36
CA GLN K 3 -43.05 15.71 -18.03
C GLN K 3 -44.01 15.14 -19.05
N LEU K 4 -43.92 13.83 -19.31
CA LEU K 4 -44.78 13.15 -20.28
C LEU K 4 -46.24 13.54 -20.14
N GLN K 5 -46.87 13.87 -21.27
CA GLN K 5 -48.29 14.16 -21.33
C GLN K 5 -48.85 13.56 -22.62
N GLU K 6 -50.14 13.26 -22.60
CA GLU K 6 -50.80 12.64 -23.74
C GLU K 6 -52.26 13.04 -23.75
N SER K 7 -52.93 12.74 -24.87
CA SER K 7 -54.36 13.00 -25.02
C SER K 7 -54.89 12.07 -26.09
N GLY K 8 -56.22 11.89 -26.08
CA GLY K 8 -56.88 11.03 -27.04
C GLY K 8 -58.36 11.31 -27.13
N PRO K 9 -59.03 10.69 -28.12
CA PRO K 9 -60.48 10.93 -28.25
C PRO K 9 -61.29 10.45 -27.07
N GLY K 10 -61.11 9.20 -26.65
CA GLY K 10 -61.87 8.64 -25.56
C GLY K 10 -63.24 8.10 -25.92
N LEU K 11 -63.62 8.17 -27.20
CA LEU K 11 -64.93 7.68 -27.63
C LEU K 11 -64.76 7.19 -29.06
N VAL K 12 -64.66 5.87 -29.23
CA VAL K 12 -64.48 5.23 -30.54
C VAL K 12 -65.51 4.14 -30.69
N LYS K 13 -66.31 4.24 -31.75
CA LYS K 13 -67.29 3.20 -32.06
C LYS K 13 -66.58 1.97 -32.60
N PRO K 14 -67.19 0.79 -32.51
CA PRO K 14 -66.57 -0.40 -33.11
C PRO K 14 -66.46 -0.29 -34.62
N SER K 15 -65.35 -0.80 -35.15
CA SER K 15 -65.07 -0.81 -36.59
C SER K 15 -64.77 0.60 -37.11
N GLU K 16 -63.97 1.36 -36.35
CA GLU K 16 -63.39 2.61 -36.82
C GLU K 16 -61.91 2.64 -36.49
N THR K 17 -61.19 3.53 -37.17
CA THR K 17 -59.76 3.66 -36.97
C THR K 17 -59.46 4.10 -35.54
N LEU K 18 -58.40 3.54 -34.97
CA LEU K 18 -57.97 3.85 -33.61
C LEU K 18 -56.78 4.80 -33.68
N SER K 19 -56.94 5.99 -33.09
CA SER K 19 -55.91 7.02 -33.09
C SER K 19 -55.64 7.44 -31.65
N LEU K 20 -54.38 7.33 -31.23
CA LEU K 20 -53.96 7.78 -29.91
C LEU K 20 -52.56 8.38 -30.04
N THR K 21 -52.37 9.54 -29.41
CA THR K 21 -51.12 10.29 -29.51
C THR K 21 -50.52 10.48 -28.12
N CYS K 22 -49.22 10.23 -28.02
CA CYS K 22 -48.46 10.47 -26.79
C CYS K 22 -47.32 11.43 -27.10
N ALA K 23 -47.24 12.51 -26.35
CA ALA K 23 -46.26 13.56 -26.61
C ALA K 23 -44.96 13.28 -25.88
N VAL K 24 -43.85 13.62 -26.53
CA VAL K 24 -42.51 13.46 -25.97
C VAL K 24 -41.91 14.86 -25.83
N SER K 25 -41.48 15.19 -24.62
CA SER K 25 -40.89 16.48 -24.31
C SER K 25 -39.58 16.28 -23.56
N GLY K 26 -38.56 17.05 -23.94
CA GLY K 26 -37.26 16.96 -23.30
C GLY K 26 -36.41 15.80 -23.74
N GLY K 27 -36.84 15.04 -24.75
CA GLY K 27 -36.06 13.92 -25.24
C GLY K 27 -36.31 13.70 -26.72
N SER K 28 -35.40 12.95 -27.34
CA SER K 28 -35.46 12.65 -28.76
C SER K 28 -36.10 11.28 -28.96
N VAL K 29 -37.11 11.22 -29.83
CA VAL K 29 -37.75 9.94 -30.11
C VAL K 29 -36.76 8.97 -30.76
N SER K 30 -35.93 9.47 -31.67
CA SER K 30 -34.88 8.65 -32.25
C SER K 30 -33.79 8.38 -31.22
N GLY K 31 -33.19 7.20 -31.32
CA GLY K 31 -32.20 6.77 -30.35
C GLY K 31 -32.76 6.20 -29.07
N ASN K 32 -34.09 6.07 -28.96
CA ASN K 32 -34.74 5.49 -27.79
C ASN K 32 -35.74 4.44 -28.26
N TRP K 33 -35.80 3.32 -27.55
CA TRP K 33 -36.67 2.22 -27.91
C TRP K 33 -38.03 2.43 -27.24
N TRP K 34 -39.07 2.57 -28.06
CA TRP K 34 -40.42 2.84 -27.60
C TRP K 34 -41.33 1.66 -27.88
N SER K 35 -42.42 1.59 -27.12
CA SER K 35 -43.39 0.50 -27.27
C SER K 35 -44.73 0.98 -26.73
N TRP K 36 -45.79 0.26 -27.11
CA TRP K 36 -47.15 0.58 -26.71
C TRP K 36 -47.72 -0.62 -25.96
N ILE K 37 -48.31 -0.37 -24.79
CA ILE K 37 -48.93 -1.40 -23.97
C ILE K 37 -50.28 -0.87 -23.49
N ARG K 38 -51.27 -1.76 -23.48
CA ARG K 38 -52.61 -1.43 -23.00
C ARG K 38 -52.95 -2.29 -21.79
N GLN K 39 -53.72 -1.71 -20.87
CA GLN K 39 -54.14 -2.39 -19.64
C GLN K 39 -55.63 -2.69 -19.73
N PRO K 40 -56.05 -3.93 -20.01
CA PRO K 40 -57.46 -4.26 -19.94
C PRO K 40 -57.98 -4.08 -18.53
N PRO K 41 -59.25 -3.72 -18.37
CA PRO K 41 -59.77 -3.48 -17.01
C PRO K 41 -59.69 -4.70 -16.12
N GLY K 42 -59.84 -5.90 -16.67
CA GLY K 42 -59.84 -7.12 -15.89
C GLY K 42 -58.57 -7.93 -16.03
N LYS K 43 -58.03 -8.00 -17.24
CA LYS K 43 -56.84 -8.79 -17.50
C LYS K 43 -55.58 -8.00 -17.18
N GLY K 44 -54.44 -8.69 -17.21
CA GLY K 44 -53.16 -8.08 -16.93
C GLY K 44 -52.52 -7.49 -18.17
N LEU K 45 -51.24 -7.11 -18.02
CA LEU K 45 -50.50 -6.53 -19.12
C LEU K 45 -50.27 -7.55 -20.21
N GLU K 46 -50.35 -7.10 -21.47
CA GLU K 46 -50.09 -7.94 -22.63
C GLU K 46 -49.22 -7.18 -23.61
N TYR K 47 -48.20 -7.85 -24.13
CA TYR K 47 -47.31 -7.25 -25.13
C TYR K 47 -47.97 -7.30 -26.50
N ILE K 48 -47.89 -6.17 -27.23
CA ILE K 48 -48.60 -6.03 -28.49
C ILE K 48 -47.69 -5.54 -29.61
N GLY K 49 -46.50 -5.08 -29.27
CA GLY K 49 -45.56 -4.66 -30.30
C GLY K 49 -44.37 -3.91 -29.73
N ARG K 50 -43.37 -3.74 -30.58
CA ARG K 50 -42.16 -3.01 -30.25
C ARG K 50 -41.71 -2.23 -31.49
N ILE K 51 -41.03 -1.11 -31.26
CA ILE K 51 -40.49 -0.31 -32.34
C ILE K 51 -39.27 0.44 -31.82
N SER K 52 -38.26 0.60 -32.67
CA SER K 52 -37.01 1.26 -32.33
C SER K 52 -36.91 2.56 -33.11
N GLY K 53 -36.55 3.64 -32.41
CA GLY K 53 -36.40 4.94 -33.07
C GLY K 53 -35.17 5.04 -33.94
N SER K 54 -34.16 4.20 -33.70
CA SER K 54 -32.95 4.24 -34.51
C SER K 54 -33.19 3.79 -35.95
N ASP K 55 -34.29 3.08 -36.21
CA ASP K 55 -34.70 2.57 -37.51
C ASP K 55 -33.88 1.34 -37.92
N GLY K 56 -32.89 0.94 -37.13
CA GLY K 56 -32.09 -0.22 -37.50
C GLY K 56 -32.75 -1.54 -37.17
N THR K 57 -33.72 -1.55 -36.27
CA THR K 57 -34.41 -2.76 -35.85
C THR K 57 -35.91 -2.55 -35.93
N THR K 58 -36.64 -3.60 -36.33
CA THR K 58 -38.09 -3.59 -36.41
C THR K 58 -38.59 -4.97 -36.01
N TYR K 59 -39.17 -5.07 -34.83
CA TYR K 59 -39.64 -6.34 -34.28
C TYR K 59 -41.09 -6.17 -33.80
N TYR K 60 -42.01 -6.86 -34.46
CA TYR K 60 -43.41 -6.90 -34.07
C TYR K 60 -43.82 -8.32 -33.71
N ARG K 61 -44.94 -8.42 -33.02
CA ARG K 61 -45.54 -9.71 -32.68
C ARG K 61 -46.40 -10.16 -33.86
N SER K 62 -46.18 -11.41 -34.30
CA SER K 62 -46.88 -11.93 -35.48
C SER K 62 -48.20 -12.61 -35.08
N SER K 63 -48.98 -11.88 -34.28
CA SER K 63 -50.31 -12.33 -33.89
C SER K 63 -51.38 -11.26 -33.99
N LEU K 64 -51.02 -9.97 -34.12
CA LEU K 64 -51.98 -8.89 -34.16
C LEU K 64 -52.00 -8.13 -35.47
N LYS K 65 -51.08 -8.40 -36.39
CA LYS K 65 -50.97 -7.74 -37.69
C LYS K 65 -51.17 -6.22 -37.57
N VAL K 66 -50.32 -5.61 -36.73
CA VAL K 66 -50.39 -4.19 -36.45
C VAL K 66 -49.01 -3.58 -36.66
N THR K 67 -49.01 -2.34 -37.16
CA THR K 67 -47.78 -1.59 -37.40
C THR K 67 -47.91 -0.20 -36.78
N ILE K 68 -46.78 0.35 -36.34
CA ILE K 68 -46.72 1.65 -35.71
C ILE K 68 -45.65 2.47 -36.39
N SER K 69 -45.98 3.71 -36.74
CA SER K 69 -45.03 4.59 -37.40
C SER K 69 -44.12 5.25 -36.37
N ARG K 70 -43.05 5.89 -36.88
CA ARG K 70 -42.08 6.59 -36.05
C ARG K 70 -41.76 7.96 -36.62
N ASP K 71 -42.75 8.61 -37.23
CA ASP K 71 -42.53 9.93 -37.83
C ASP K 71 -42.10 10.92 -36.75
N THR K 72 -40.95 11.57 -36.98
CA THR K 72 -40.44 12.52 -35.99
C THR K 72 -41.28 13.79 -35.98
N SER K 73 -41.31 14.50 -37.10
CA SER K 73 -42.07 15.75 -37.20
C SER K 73 -41.60 16.73 -36.13
N LYS K 74 -42.28 16.76 -34.99
CA LYS K 74 -41.94 17.62 -33.86
C LYS K 74 -41.81 16.78 -32.60
N ASN K 75 -41.12 15.65 -32.71
CA ASN K 75 -40.89 14.74 -31.58
C ASN K 75 -42.21 14.22 -31.02
N GLN K 76 -42.94 13.50 -31.87
CA GLN K 76 -44.20 12.88 -31.48
C GLN K 76 -44.36 11.58 -32.23
N PHE K 77 -45.16 10.68 -31.64
CA PHE K 77 -45.44 9.39 -32.26
C PHE K 77 -46.84 8.96 -31.84
N SER K 78 -47.43 8.08 -32.64
CA SER K 78 -48.82 7.67 -32.44
C SER K 78 -48.99 6.23 -32.89
N LEU K 79 -50.17 5.68 -32.59
CA LEU K 79 -50.54 4.31 -32.94
C LEU K 79 -51.50 4.32 -34.11
N ARG K 80 -51.39 3.31 -34.98
CA ARG K 80 -52.24 3.19 -36.16
C ARG K 80 -52.76 1.76 -36.25
N LEU K 81 -54.08 1.62 -36.22
CA LEU K 81 -54.72 0.33 -36.44
C LEU K 81 -56.15 0.58 -36.89
N ASN K 82 -56.68 -0.36 -37.67
CA ASN K 82 -58.02 -0.25 -38.25
C ASN K 82 -58.86 -1.44 -37.84
N SER K 83 -60.19 -1.24 -37.89
CA SER K 83 -61.15 -2.29 -37.56
C SER K 83 -60.94 -2.79 -36.13
N VAL K 84 -61.15 -1.87 -35.17
CA VAL K 84 -60.95 -2.20 -33.78
C VAL K 84 -61.93 -3.30 -33.37
N THR K 85 -61.43 -4.31 -32.67
CA THR K 85 -62.22 -5.42 -32.18
C THR K 85 -62.69 -5.13 -30.77
N ALA K 86 -63.82 -5.77 -30.40
CA ALA K 86 -64.38 -5.54 -29.07
C ALA K 86 -63.41 -5.98 -27.98
N ALA K 87 -62.75 -7.12 -28.16
CA ALA K 87 -61.80 -7.61 -27.17
C ALA K 87 -60.54 -6.77 -27.08
N ASP K 88 -60.25 -5.94 -28.09
CA ASP K 88 -59.05 -5.13 -28.09
C ASP K 88 -59.19 -3.82 -27.33
N THR K 89 -60.41 -3.48 -26.88
CA THR K 89 -60.61 -2.23 -26.16
C THR K 89 -60.00 -2.33 -24.76
N ALA K 90 -59.21 -1.34 -24.39
CA ALA K 90 -58.52 -1.34 -23.11
C ALA K 90 -57.96 0.06 -22.86
N VAL K 91 -57.39 0.23 -21.67
CA VAL K 91 -56.74 1.48 -21.29
C VAL K 91 -55.34 1.47 -21.89
N TYR K 92 -55.07 2.41 -22.79
CA TYR K 92 -53.81 2.44 -23.53
C TYR K 92 -52.80 3.29 -22.79
N TYR K 93 -51.58 2.77 -22.65
CA TYR K 93 -50.48 3.45 -21.97
C TYR K 93 -49.33 3.63 -22.94
N CYS K 94 -48.70 4.81 -22.90
CA CYS K 94 -47.53 5.11 -23.71
C CYS K 94 -46.31 5.18 -22.80
N ALA K 95 -45.25 4.49 -23.20
CA ALA K 95 -44.03 4.42 -22.40
C ALA K 95 -42.93 3.79 -23.22
N ARG K 96 -41.70 4.02 -22.81
CA ARG K 96 -40.57 3.33 -23.43
C ARG K 96 -40.59 1.86 -23.02
N LYS K 97 -40.08 1.01 -23.89
CA LYS K 97 -40.06 -0.41 -23.59
C LYS K 97 -39.16 -0.68 -22.38
N PRO K 98 -39.47 -1.70 -21.58
CA PRO K 98 -38.63 -1.99 -20.41
C PRO K 98 -37.29 -2.55 -20.85
N THR K 99 -36.21 -1.98 -20.29
CA THR K 99 -34.86 -2.40 -20.60
C THR K 99 -34.06 -2.44 -19.31
N TRP K 100 -32.77 -2.74 -19.44
CA TRP K 100 -31.86 -2.82 -18.29
C TRP K 100 -31.10 -1.50 -18.12
N ASP K 101 -31.87 -0.42 -17.96
CA ASP K 101 -31.33 0.91 -17.74
C ASP K 101 -32.10 1.58 -16.62
N TRP K 102 -31.45 2.53 -15.97
CA TRP K 102 -32.05 3.20 -14.82
C TRP K 102 -33.25 4.07 -15.20
N PHE K 103 -33.36 4.46 -16.46
CA PHE K 103 -34.37 5.42 -16.90
C PHE K 103 -35.56 4.69 -17.51
N ASP K 104 -36.75 5.00 -17.01
CA ASP K 104 -37.99 4.49 -17.59
C ASP K 104 -39.18 5.28 -17.03
N VAL K 105 -40.03 5.78 -17.92
CA VAL K 105 -41.18 6.59 -17.53
C VAL K 105 -42.41 6.10 -18.27
N TRP K 106 -43.57 6.33 -17.65
CA TRP K 106 -44.85 5.91 -18.20
C TRP K 106 -45.85 7.05 -18.14
N GLY K 107 -46.80 7.03 -19.07
CA GLY K 107 -47.86 8.02 -19.10
C GLY K 107 -49.12 7.51 -18.44
N PRO K 108 -49.93 8.40 -17.84
CA PRO K 108 -51.19 7.93 -17.23
C PRO K 108 -52.11 7.23 -18.22
N GLY K 109 -52.15 7.68 -19.47
CA GLY K 109 -53.02 7.08 -20.46
C GLY K 109 -54.46 7.53 -20.31
N LEU K 110 -55.29 7.05 -21.24
CA LEU K 110 -56.72 7.33 -21.23
C LEU K 110 -57.48 6.09 -21.68
N LEU K 111 -58.74 6.03 -21.29
CA LEU K 111 -59.58 4.87 -21.58
C LEU K 111 -60.21 4.99 -22.96
N VAL K 112 -60.21 3.88 -23.69
CA VAL K 112 -60.95 3.74 -24.93
C VAL K 112 -62.19 2.89 -24.65
N THR K 113 -63.31 3.24 -25.24
CA THR K 113 -64.58 2.56 -24.98
C THR K 113 -65.32 2.35 -26.30
N VAL K 114 -66.07 1.25 -26.36
CA VAL K 114 -66.89 0.90 -27.51
C VAL K 114 -68.29 0.56 -27.02
N SER K 115 -69.26 0.64 -27.93
CA SER K 115 -70.64 0.35 -27.60
C SER K 115 -70.81 -1.12 -27.23
N ASP L 1 -43.28 -20.97 -26.74
CA ASP L 1 -44.03 -20.26 -25.67
C ASP L 1 -43.89 -20.98 -24.33
N ILE L 2 -43.95 -20.22 -23.24
CA ILE L 2 -43.81 -20.76 -21.89
C ILE L 2 -44.91 -20.17 -21.02
N GLN L 3 -45.16 -20.85 -19.90
CA GLN L 3 -46.18 -20.45 -18.94
C GLN L 3 -45.53 -20.06 -17.62
N MET L 4 -46.00 -18.95 -17.04
CA MET L 4 -45.50 -18.44 -15.78
C MET L 4 -46.54 -18.65 -14.70
N THR L 5 -46.12 -19.24 -13.58
CA THR L 5 -46.99 -19.48 -12.44
C THR L 5 -46.69 -18.42 -11.38
N GLN L 6 -47.71 -17.63 -11.05
CA GLN L 6 -47.58 -16.52 -10.12
C GLN L 6 -48.14 -16.91 -8.75
N SER L 7 -47.84 -16.10 -7.75
CA SER L 7 -48.35 -16.32 -6.41
C SER L 7 -49.84 -15.98 -6.38
N PRO L 8 -50.56 -16.44 -5.34
CA PRO L 8 -52.00 -16.18 -5.28
C PRO L 8 -52.31 -14.69 -5.28
N SER L 9 -53.39 -14.31 -5.96
CA SER L 9 -53.80 -12.92 -6.05
C SER L 9 -54.46 -12.40 -4.78
N SER L 10 -54.94 -13.29 -3.91
CA SER L 10 -55.54 -12.91 -2.65
C SER L 10 -54.50 -13.01 -1.54
N LEU L 11 -54.43 -11.98 -0.71
CA LEU L 11 -53.45 -11.94 0.37
C LEU L 11 -54.04 -11.22 1.58
N SER L 12 -53.92 -11.86 2.74
CA SER L 12 -54.24 -11.26 4.02
C SER L 12 -53.00 -11.29 4.90
N ALA L 13 -52.58 -10.12 5.38
CA ALA L 13 -51.34 -10.02 6.13
C ALA L 13 -51.50 -9.01 7.26
N SER L 14 -50.66 -9.15 8.27
CA SER L 14 -50.61 -8.25 9.41
C SER L 14 -49.29 -7.47 9.39
N VAL L 15 -49.30 -6.32 10.07
CA VAL L 15 -48.11 -5.48 10.12
C VAL L 15 -46.98 -6.22 10.82
N GLY L 16 -45.75 -5.98 10.37
CA GLY L 16 -44.58 -6.59 10.94
C GLY L 16 -44.25 -7.98 10.42
N ASP L 17 -44.99 -8.48 9.45
CA ASP L 17 -44.75 -9.79 8.87
C ASP L 17 -44.00 -9.67 7.54
N ARG L 18 -43.44 -10.79 7.10
CA ARG L 18 -42.70 -10.86 5.86
C ARG L 18 -43.61 -11.37 4.75
N VAL L 19 -43.58 -10.70 3.61
CA VAL L 19 -44.41 -11.05 2.45
C VAL L 19 -43.48 -11.48 1.32
N THR L 20 -43.73 -12.67 0.78
CA THR L 20 -42.95 -13.24 -0.30
C THR L 20 -43.85 -13.42 -1.52
N ILE L 21 -43.42 -12.88 -2.65
CA ILE L 21 -44.13 -12.98 -3.92
C ILE L 21 -43.18 -13.61 -4.94
N THR L 22 -43.66 -14.63 -5.64
CA THR L 22 -42.83 -15.37 -6.58
C THR L 22 -43.59 -15.63 -7.87
N CYS L 23 -42.87 -15.54 -8.99
CA CYS L 23 -43.36 -16.01 -10.28
C CYS L 23 -42.28 -16.87 -10.90
N ARG L 24 -42.58 -18.15 -11.09
CA ARG L 24 -41.57 -19.13 -11.47
C ARG L 24 -41.26 -19.08 -12.95
N ALA L 25 -40.01 -19.34 -13.29
CA ALA L 25 -39.56 -19.37 -14.68
C ALA L 25 -39.59 -20.79 -15.22
N SER L 26 -39.95 -20.91 -16.50
CA SER L 26 -40.06 -22.23 -17.11
C SER L 26 -38.69 -22.83 -17.44
N GLN L 27 -37.70 -22.00 -17.74
CA GLN L 27 -36.36 -22.49 -18.05
C GLN L 27 -35.34 -21.46 -17.56
N GLY L 28 -34.11 -21.60 -18.02
CA GLY L 28 -33.04 -20.70 -17.63
C GLY L 28 -33.05 -19.39 -18.39
N ILE L 29 -33.97 -18.49 -18.04
CA ILE L 29 -34.07 -17.20 -18.69
C ILE L 29 -32.85 -16.32 -18.47
N ASP L 30 -31.99 -16.67 -17.50
CA ASP L 30 -30.77 -15.92 -17.22
C ASP L 30 -31.09 -14.49 -16.78
N ASN L 31 -31.83 -14.41 -15.67
CA ASN L 31 -32.13 -13.19 -14.92
C ASN L 31 -32.30 -11.95 -15.80
N TYR L 32 -33.21 -12.08 -16.78
CA TYR L 32 -33.70 -10.94 -17.56
C TYR L 32 -35.04 -10.47 -17.03
N LEU L 33 -35.28 -10.61 -15.73
CA LEU L 33 -36.56 -10.25 -15.13
C LEU L 33 -36.64 -8.77 -14.82
N ASN L 34 -37.87 -8.30 -14.62
CA ASN L 34 -38.13 -6.93 -14.20
C ASN L 34 -39.42 -6.92 -13.40
N TRP L 35 -39.59 -5.87 -12.61
CA TRP L 35 -40.72 -5.75 -11.70
C TRP L 35 -41.34 -4.36 -11.82
N TYR L 36 -42.62 -4.28 -11.49
CA TYR L 36 -43.35 -3.01 -11.53
C TYR L 36 -44.47 -3.07 -10.49
N GLN L 37 -44.95 -1.88 -10.13
CA GLN L 37 -46.05 -1.74 -9.16
C GLN L 37 -46.93 -0.59 -9.63
N GLN L 38 -48.16 -0.90 -10.03
CA GLN L 38 -49.10 0.09 -10.52
C GLN L 38 -50.16 0.37 -9.46
N LYS L 39 -50.34 1.64 -9.13
CA LYS L 39 -51.39 2.06 -8.22
C LYS L 39 -52.72 2.11 -8.96
N PRO L 40 -53.84 2.09 -8.22
CA PRO L 40 -55.15 2.16 -8.88
C PRO L 40 -55.31 3.47 -9.65
N GLY L 41 -55.55 3.35 -10.95
CA GLY L 41 -55.71 4.52 -11.79
C GLY L 41 -54.48 5.40 -11.88
N LYS L 42 -53.28 4.80 -11.83
CA LYS L 42 -52.05 5.54 -11.97
C LYS L 42 -51.02 4.65 -12.65
N ALA L 43 -49.97 5.28 -13.17
CA ALA L 43 -48.98 4.56 -13.94
C ALA L 43 -48.05 3.77 -13.03
N PRO L 44 -47.46 2.68 -13.53
CA PRO L 44 -46.50 1.93 -12.72
C PRO L 44 -45.16 2.63 -12.63
N LYS L 45 -44.39 2.25 -11.60
CA LYS L 45 -43.04 2.76 -11.40
C LYS L 45 -42.12 1.62 -11.05
N ARG L 46 -40.92 1.63 -11.62
CA ARG L 46 -39.96 0.57 -11.39
C ARG L 46 -39.48 0.58 -9.94
N LEU L 47 -39.30 -0.63 -9.39
CA LEU L 47 -38.75 -0.81 -8.05
C LEU L 47 -37.46 -1.62 -8.06
N ILE L 48 -37.46 -2.77 -8.74
CA ILE L 48 -36.27 -3.61 -8.87
C ILE L 48 -36.25 -4.16 -10.29
N PHE L 49 -35.07 -4.14 -10.91
CA PHE L 49 -34.91 -4.59 -12.29
C PHE L 49 -33.67 -5.47 -12.38
N ALA L 50 -33.65 -6.31 -13.42
CA ALA L 50 -32.55 -7.24 -13.64
C ALA L 50 -32.32 -8.12 -12.41
N ALA L 51 -33.43 -8.65 -11.88
CA ALA L 51 -33.41 -9.52 -10.71
C ALA L 51 -32.91 -8.78 -9.48
N SER L 52 -31.63 -8.43 -9.45
CA SER L 52 -31.00 -7.77 -8.31
C SER L 52 -30.26 -6.52 -8.80
N SER L 53 -30.98 -5.40 -8.87
CA SER L 53 -30.37 -4.11 -9.16
C SER L 53 -31.28 -3.04 -8.54
N LEU L 54 -30.85 -2.50 -7.41
CA LEU L 54 -31.69 -1.58 -6.66
C LEU L 54 -31.95 -0.31 -7.47
N HIS L 55 -33.19 0.17 -7.42
CA HIS L 55 -33.59 1.43 -8.03
C HIS L 55 -33.98 2.42 -6.95
N ASN L 56 -33.65 3.69 -7.20
CA ASN L 56 -33.89 4.73 -6.20
C ASN L 56 -35.37 4.83 -5.86
N GLY L 57 -35.67 4.95 -4.57
CA GLY L 57 -37.03 5.09 -4.10
C GLY L 57 -37.35 4.31 -2.84
N VAL L 58 -36.66 3.18 -2.64
CA VAL L 58 -36.86 2.36 -1.44
C VAL L 58 -35.51 1.87 -0.95
N PRO L 59 -35.13 2.07 0.32
CA PRO L 59 -33.77 1.71 0.74
C PRO L 59 -33.47 0.22 0.67
N SER L 60 -34.25 -0.59 1.40
CA SER L 60 -33.97 -2.01 1.51
C SER L 60 -35.19 -2.92 1.48
N ARG L 61 -36.41 -2.40 1.61
CA ARG L 61 -37.56 -3.28 1.77
C ARG L 61 -37.79 -4.14 0.54
N PHE L 62 -37.59 -3.58 -0.66
CA PHE L 62 -37.70 -4.34 -1.90
C PHE L 62 -36.33 -4.85 -2.29
N SER L 63 -36.21 -6.18 -2.43
CA SER L 63 -34.94 -6.79 -2.82
C SER L 63 -35.22 -8.18 -3.36
N GLY L 64 -35.04 -8.36 -4.67
CA GLY L 64 -35.18 -9.64 -5.31
C GLY L 64 -33.84 -10.35 -5.48
N SER L 65 -33.92 -11.60 -5.92
CA SER L 65 -32.73 -12.41 -6.17
C SER L 65 -33.17 -13.65 -6.94
N GLY L 66 -32.23 -14.56 -7.16
CA GLY L 66 -32.48 -15.79 -7.88
C GLY L 66 -31.92 -15.76 -9.29
N SER L 67 -31.52 -16.93 -9.77
CA SER L 67 -30.96 -17.07 -11.11
C SER L 67 -31.23 -18.47 -11.61
N GLY L 68 -31.16 -18.64 -12.93
CA GLY L 68 -31.39 -19.94 -13.53
C GLY L 68 -32.86 -20.30 -13.56
N THR L 69 -33.25 -21.27 -12.72
CA THR L 69 -34.64 -21.73 -12.64
C THR L 69 -35.39 -21.19 -11.43
N LYS L 70 -34.69 -20.86 -10.35
CA LYS L 70 -35.31 -20.42 -9.11
C LYS L 70 -35.25 -18.90 -9.03
N PHE L 71 -36.41 -18.29 -8.77
CA PHE L 71 -36.50 -16.85 -8.59
C PHE L 71 -37.49 -16.53 -7.49
N THR L 72 -37.13 -15.57 -6.63
CA THR L 72 -37.98 -15.18 -5.51
C THR L 72 -37.86 -13.68 -5.27
N LEU L 73 -38.89 -13.13 -4.64
CA LEU L 73 -38.89 -11.74 -4.18
C LEU L 73 -39.22 -11.74 -2.69
N THR L 74 -38.35 -11.12 -1.89
CA THR L 74 -38.49 -11.09 -0.44
C THR L 74 -38.64 -9.64 0.02
N ILE L 75 -39.62 -9.41 0.89
CA ILE L 75 -39.85 -8.10 1.48
C ILE L 75 -39.74 -8.27 2.99
N SER L 76 -38.83 -7.50 3.60
CA SER L 76 -38.60 -7.63 5.04
C SER L 76 -39.81 -7.19 5.85
N SER L 77 -40.46 -6.11 5.45
CA SER L 77 -41.56 -5.53 6.21
C SER L 77 -42.62 -5.00 5.26
N LEU L 78 -43.85 -4.92 5.78
CA LEU L 78 -44.99 -4.35 5.06
C LEU L 78 -45.29 -2.97 5.62
N GLN L 79 -45.60 -2.04 4.73
CA GLN L 79 -45.87 -0.65 5.08
C GLN L 79 -47.11 -0.17 4.34
N PRO L 80 -47.74 0.91 4.82
CA PRO L 80 -48.96 1.39 4.15
C PRO L 80 -48.75 1.75 2.69
N GLU L 81 -47.58 2.25 2.32
CA GLU L 81 -47.35 2.64 0.94
C GLU L 81 -47.46 1.45 -0.01
N ASP L 82 -46.92 0.30 0.39
CA ASP L 82 -46.97 -0.89 -0.45
C ASP L 82 -48.41 -1.35 -0.58
N LEU L 83 -49.00 -1.15 -1.77
CA LEU L 83 -50.37 -1.51 -2.03
C LEU L 83 -50.65 -1.34 -3.51
N GLY L 84 -51.54 -2.18 -4.03
CA GLY L 84 -51.92 -2.12 -5.42
C GLY L 84 -51.84 -3.46 -6.12
N THR L 85 -51.07 -3.51 -7.21
CA THR L 85 -50.90 -4.73 -7.99
C THR L 85 -49.43 -4.87 -8.35
N TYR L 86 -48.99 -6.12 -8.47
CA TYR L 86 -47.59 -6.44 -8.75
C TYR L 86 -47.50 -7.33 -9.99
N TYR L 87 -46.49 -7.08 -10.81
CA TYR L 87 -46.24 -7.86 -12.00
C TYR L 87 -44.73 -8.09 -12.16
N CYS L 88 -44.39 -9.20 -12.80
CA CYS L 88 -43.01 -9.51 -13.16
C CYS L 88 -42.95 -9.76 -14.66
N LEU L 89 -41.94 -9.19 -15.31
CA LEU L 89 -41.82 -9.18 -16.76
C LEU L 89 -40.53 -9.86 -17.19
N GLN L 90 -40.62 -10.66 -18.26
CA GLN L 90 -39.47 -11.33 -18.85
C GLN L 90 -39.44 -11.03 -20.34
N TYR L 91 -38.23 -10.82 -20.87
CA TYR L 91 -38.06 -10.46 -22.28
C TYR L 91 -36.89 -11.19 -22.92
N TYR L 92 -36.60 -12.42 -22.45
CA TYR L 92 -35.54 -13.20 -23.07
C TYR L 92 -35.89 -13.58 -24.51
N SER L 93 -37.14 -13.98 -24.75
CA SER L 93 -37.61 -14.42 -26.05
C SER L 93 -38.67 -13.48 -26.59
N ASP L 94 -38.95 -13.62 -27.88
CA ASP L 94 -39.93 -12.74 -28.53
C ASP L 94 -41.33 -12.86 -27.90
N PRO L 95 -41.91 -14.06 -27.71
CA PRO L 95 -43.27 -14.12 -27.15
C PRO L 95 -43.25 -13.94 -25.64
N TYR L 96 -43.70 -12.78 -25.18
CA TYR L 96 -43.71 -12.50 -23.75
C TYR L 96 -44.87 -13.20 -23.06
N THR L 97 -44.64 -13.62 -21.82
CA THR L 97 -45.66 -14.20 -20.96
C THR L 97 -45.70 -13.40 -19.67
N PHE L 98 -46.90 -12.99 -19.26
CA PHE L 98 -47.09 -12.10 -18.13
C PHE L 98 -47.82 -12.83 -17.01
N GLY L 99 -47.79 -12.21 -15.83
CA GLY L 99 -48.46 -12.75 -14.66
C GLY L 99 -49.93 -12.36 -14.60
N GLN L 100 -50.61 -12.88 -13.58
CA GLN L 100 -52.03 -12.64 -13.37
C GLN L 100 -52.32 -11.42 -12.50
N GLY L 101 -51.30 -10.81 -11.90
CA GLY L 101 -51.53 -9.66 -11.05
C GLY L 101 -52.04 -10.05 -9.68
N THR L 102 -51.64 -9.32 -8.65
CA THR L 102 -52.01 -9.60 -7.26
C THR L 102 -52.86 -8.45 -6.73
N LYS L 103 -54.16 -8.69 -6.56
CA LYS L 103 -55.08 -7.70 -6.00
C LYS L 103 -54.87 -7.69 -4.49
N VAL L 104 -53.80 -7.03 -4.07
CA VAL L 104 -53.41 -7.01 -2.67
C VAL L 104 -54.34 -6.08 -1.90
N GLU L 105 -54.92 -6.60 -0.81
CA GLU L 105 -55.75 -5.82 0.09
C GLU L 105 -55.28 -6.08 1.52
N ILE L 106 -54.78 -5.04 2.18
CA ILE L 106 -54.21 -5.18 3.50
C ILE L 106 -55.31 -5.04 4.55
N LYS L 107 -55.03 -5.54 5.75
CA LYS L 107 -55.96 -5.44 6.87
C LYS L 107 -55.19 -5.42 8.18
C1 NAG M . -0.53 -13.67 27.07
C2 NAG M . -0.77 -14.67 28.21
C3 NAG M . 0.16 -14.35 29.38
C4 NAG M . 1.61 -14.29 28.91
C5 NAG M . 1.74 -13.36 27.70
C6 NAG M . 3.13 -13.40 27.08
C7 NAG M . -3.13 -15.46 28.24
C8 NAG M . -2.74 -16.53 27.26
N2 NAG M . -2.16 -14.63 28.65
O3 NAG M . 0.02 -15.36 30.37
O4 NAG M . 2.43 -13.78 29.95
O5 NAG M . 0.83 -13.74 26.67
O6 NAG M . 3.26 -14.46 26.15
O7 NAG M . -4.28 -15.36 28.66
C1 NAG M . 3.06 -14.84 30.70
C2 NAG M . 3.70 -14.22 31.93
C3 NAG M . 4.34 -15.30 32.80
C4 NAG M . 3.31 -16.37 33.14
C5 NAG M . 2.71 -16.93 31.85
C6 NAG M . 1.61 -17.94 32.10
C7 NAG M . 5.73 -13.47 30.77
C8 NAG M . 6.63 -12.30 30.49
N2 NAG M . 4.68 -13.21 31.56
O3 NAG M . 4.83 -14.71 34.00
O4 NAG M . 3.93 -17.42 33.86
O5 NAG M . 2.11 -15.85 31.10
O6 NAG M . 1.55 -18.90 31.04
O7 NAG M . 5.94 -14.58 30.29
C1 BMA M . 3.72 -17.18 35.27
C2 BMA M . 4.04 -18.48 36.05
C3 BMA M . 3.97 -18.22 37.55
C4 BMA M . 4.80 -16.99 37.94
C5 BMA M . 4.36 -15.78 37.10
C6 BMA M . 5.16 -14.52 37.40
O2 BMA M . 5.36 -18.93 35.77
O3 BMA M . 4.40 -19.35 38.30
O4 BMA M . 4.62 -16.70 39.32
O5 BMA M . 4.55 -16.10 35.72
O6 BMA M . 5.85 -14.73 38.63
C1 NAG N . -13.45 -14.54 32.27
C2 NAG N . -12.50 -13.73 33.14
C3 NAG N . -13.03 -13.63 34.58
C4 NAG N . -14.48 -13.17 34.59
C5 NAG N . -15.32 -14.00 33.64
C6 NAG N . -16.74 -13.51 33.51
C7 NAG N . -10.67 -15.46 33.31
C8 NAG N . -11.69 -16.54 33.57
N2 NAG N . -11.12 -14.21 33.12
O3 NAG N . -12.22 -12.70 35.30
O4 NAG N . -15.03 -13.33 35.90
O5 NAG N . -14.75 -13.97 32.32
O6 NAG N . -16.84 -12.41 32.61
O7 NAG N . -9.47 -15.72 33.26
C1 NAG N . -14.66 -12.25 36.78
C2 NAG N . -15.81 -12.05 37.77
C3 NAG N . -15.45 -10.99 38.80
C4 NAG N . -14.13 -11.34 39.48
C5 NAG N . -13.05 -11.53 38.42
C6 NAG N . -11.73 -11.97 39.00
C7 NAG N . -18.23 -12.20 37.36
C8 NAG N . -19.39 -11.70 36.54
N2 NAG N . -17.04 -11.68 37.06
O3 NAG N . -16.48 -10.89 39.77
O4 NAG N . -13.75 -10.32 40.39
O5 NAG N . -13.46 -12.55 37.49
O6 NAG N . -11.05 -10.89 39.63
O7 NAG N . -18.39 -13.02 38.26
C1 BMA N . -13.91 -10.85 41.73
C2 BMA N . -12.77 -10.29 42.61
C3 BMA N . -12.97 -10.77 44.06
C4 BMA N . -14.40 -10.47 44.54
C5 BMA N . -15.42 -11.10 43.57
C6 BMA N . -16.86 -10.84 43.96
O2 BMA N . -12.81 -8.87 42.65
O3 BMA N . -12.01 -10.22 44.95
O4 BMA N . -14.59 -11.01 45.84
O5 BMA N . -15.19 -10.54 42.27
O6 BMA N . -17.34 -9.73 43.23
C1 MAN N . -11.14 -11.27 45.40
C2 MAN N . -11.38 -11.50 46.92
C3 MAN N . -10.75 -10.38 47.74
C4 MAN N . -9.30 -10.15 47.33
C5 MAN N . -9.24 -9.84 45.84
C6 MAN N . -7.83 -9.60 45.34
O2 MAN N . -10.78 -12.70 47.37
O3 MAN N . -10.84 -10.64 49.14
O4 MAN N . -8.74 -9.08 48.07
O5 MAN N . -9.77 -10.95 45.11
O6 MAN N . -7.90 -9.35 43.93
C1 MAN N . -18.78 -9.72 43.26
C2 MAN N . -19.26 -8.27 42.99
C3 MAN N . -20.56 -8.00 43.73
C4 MAN N . -21.41 -9.27 43.79
C5 MAN N . -20.70 -10.32 44.67
C6 MAN N . -21.10 -11.75 44.33
O2 MAN N . -19.54 -8.07 41.61
O3 MAN N . -21.29 -6.93 43.14
O4 MAN N . -22.67 -8.97 44.35
O5 MAN N . -19.26 -10.22 44.50
O6 MAN N . -22.51 -11.78 44.19
C1 NAG O . -22.89 22.20 20.79
C2 NAG O . -24.12 21.31 20.59
C3 NAG O . -25.36 22.16 20.39
C4 NAG O . -25.52 23.15 21.53
C5 NAG O . -24.24 23.96 21.72
C6 NAG O . -24.28 24.86 22.94
C7 NAG O . -24.59 19.27 19.31
C8 NAG O . -24.27 18.48 18.07
N2 NAG O . -23.93 20.42 19.45
O3 NAG O . -26.49 21.29 20.31
O4 NAG O . -26.58 24.08 21.25
O5 NAG O . -23.12 23.08 21.91
O6 NAG O . -23.30 25.89 22.85
O7 NAG O . -25.42 18.89 20.13
C1 NAG O . -27.87 23.47 21.38
C2 NAG O . -28.89 24.53 21.80
C3 NAG O . -30.30 23.91 21.87
C4 NAG O . -30.63 23.22 20.56
C5 NAG O . -29.55 22.22 20.19
C6 NAG O . -29.76 21.57 18.84
C7 NAG O . -27.76 26.20 23.19
C8 NAG O . -27.50 26.69 24.58
N2 NAG O . -28.54 25.12 23.08
O3 NAG O . -31.24 24.93 22.14
O4 NAG O . -31.87 22.54 20.68
O5 NAG O . -28.27 22.88 20.14
O6 NAG O . -30.15 20.22 18.96
O7 NAG O . -27.30 26.78 22.21
C1 BMA O . -32.93 23.39 20.20
C2 BMA O . -33.64 22.67 19.02
C3 BMA O . -34.90 23.42 18.61
C4 BMA O . -35.77 23.77 19.82
C5 BMA O . -34.94 24.54 20.86
C6 BMA O . -35.72 24.89 22.10
O2 BMA O . -34.06 21.36 19.42
O3 BMA O . -35.66 22.70 17.65
O4 BMA O . -36.87 24.58 19.42
O5 BMA O . -33.85 23.68 21.25
O6 BMA O . -37.11 24.84 21.79
C1 NAG P . -8.67 42.18 16.00
C2 NAG P . -7.43 42.94 16.50
C3 NAG P . -6.94 43.94 15.45
C4 NAG P . -6.69 43.21 14.14
C5 NAG P . -7.98 42.57 13.67
C6 NAG P . -7.82 41.80 12.39
C7 NAG P . -6.98 43.37 18.87
C8 NAG P . -5.90 42.34 18.73
N2 NAG P . -7.69 43.61 17.76
O3 NAG P . -5.74 44.56 15.91
O4 NAG P . -6.14 44.08 13.15
O5 NAG P . -8.42 41.64 14.67
O6 NAG P . -8.99 41.04 12.09
O7 NAG P . -7.21 43.94 19.93
C1 NAG P . -6.97 45.23 12.89
C2 NAG P . -6.05 46.29 12.29
C3 NAG P . -6.85 47.53 11.90
C4 NAG P . -7.97 47.14 10.95
C5 NAG P . -8.84 46.07 11.61
C6 NAG P . -9.94 45.56 10.71
C7 NAG P . -5.23 47.14 14.45
C8 NAG P . -4.01 47.44 15.28
N2 NAG P . -4.99 46.64 13.23
O3 NAG P . -5.99 48.47 11.27
O4 NAG P . -8.75 48.26 10.60
O5 NAG P . -8.03 44.94 11.96
O6 NAG P . -11.10 45.21 11.44
O7 NAG P . -6.36 47.32 14.87
C1 BMA P . -8.35 48.64 9.26
C2 BMA P . -9.61 48.86 8.40
C3 BMA P . -9.19 49.32 7.00
C4 BMA P . -8.24 50.51 7.07
C5 BMA P . -7.03 50.16 7.97
C6 BMA P . -6.06 51.32 8.13
O2 BMA P . -10.42 49.89 8.94
O3 BMA P . -10.31 49.63 6.19
O4 BMA P . -7.77 50.85 5.77
O5 BMA P . -7.53 49.81 9.27
O6 BMA P . -6.67 52.32 8.94
C1 MAN P . -10.38 48.67 5.11
C2 MAN P . -11.13 49.34 3.92
C3 MAN P . -12.62 49.45 4.22
C4 MAN P . -13.19 48.11 4.69
C5 MAN P . -12.40 47.64 5.92
C6 MAN P . -12.89 46.30 6.46
O2 MAN P . -11.03 48.55 2.74
O3 MAN P . -13.35 49.92 3.09
O4 MAN P . -14.56 48.26 5.03
O5 MAN P . -11.03 47.49 5.55
O6 MAN P . -12.33 46.11 7.75
C1 NAG Q . -5.35 10.64 27.04
C2 NAG Q . -4.63 10.01 28.24
C3 NAG Q . -5.34 10.37 29.54
C4 NAG Q . -5.49 11.88 29.65
C5 NAG Q . -6.20 12.43 28.42
C6 NAG Q . -6.30 13.94 28.42
C7 NAG Q . -3.65 7.82 28.71
C8 NAG Q . -3.71 6.34 28.44
N2 NAG Q . -4.55 8.57 28.08
O3 NAG Q . -4.60 9.88 30.64
O4 NAG Q . -6.25 12.20 30.81
O5 NAG Q . -5.46 12.07 27.25
O6 NAG Q . -6.21 14.46 27.10
O7 NAG Q . -2.82 8.30 29.48
C1 NAG Q . -5.38 12.62 31.89
C2 NAG Q . -6.16 12.54 33.21
C3 NAG Q . -5.28 12.93 34.40
C4 NAG Q . -4.00 12.11 34.39
C5 NAG Q . -3.31 12.23 33.04
C6 NAG Q . -2.07 11.37 32.92
C7 NAG Q . -7.59 14.60 32.85
C8 NAG Q . -6.38 15.38 32.38
N2 NAG Q . -7.41 13.32 33.20
O3 NAG Q . -6.00 12.68 35.60
O4 NAG Q . -3.11 12.56 35.41
O5 NAG Q . -4.20 11.82 31.99
O6 NAG Q . -2.39 9.99 32.98
O7 NAG Q . -8.70 15.12 32.89
C1 BMA Q . -3.39 11.82 36.62
C2 BMA Q . -2.06 11.39 37.26
C3 BMA Q . -2.36 10.71 38.60
C4 BMA Q . -3.21 11.64 39.49
C5 BMA Q . -4.51 11.97 38.76
C6 BMA Q . -5.43 12.89 39.54
O2 BMA Q . -1.24 12.51 37.51
O3 BMA Q . -1.17 10.22 39.27
O4 BMA Q . -3.50 11.02 40.73
O5 BMA Q . -4.17 12.63 37.52
O6 BMA Q . -6.60 12.17 39.88
C1 MAN Q . -0.45 11.24 39.99
C2 MAN Q . 1.00 11.28 39.44
C3 MAN Q . 1.77 10.03 39.88
C4 MAN Q . 1.66 9.82 41.39
C5 MAN Q . 0.17 9.74 41.78
C6 MAN Q . -0.02 9.58 43.28
O2 MAN Q . 1.73 12.38 39.97
O3 MAN Q . 3.13 10.09 39.49
O4 MAN Q . 2.30 8.62 41.76
O5 MAN Q . -0.47 10.97 41.39
O6 MAN Q . 0.52 10.73 43.94
C1 MAN Q . -6.63 11.98 41.31
C2 MAN Q . -6.97 10.49 41.57
C3 MAN Q . -8.42 10.20 41.20
C4 MAN Q . -9.37 11.22 41.86
C5 MAN Q . -8.95 12.63 41.46
C6 MAN Q . -9.80 13.71 42.12
O2 MAN Q . -6.86 10.18 42.96
O3 MAN Q . -8.80 8.88 41.55
O4 MAN Q . -10.70 10.98 41.43
O5 MAN Q . -7.59 12.86 41.89
O6 MAN Q . -9.36 14.98 41.64
C1 NAG R . 17.14 -13.43 -21.22
C2 NAG R . 17.70 -14.38 -22.27
C3 NAG R . 18.79 -13.68 -23.08
C4 NAG R . 18.27 -12.36 -23.65
C5 NAG R . 17.63 -11.51 -22.55
C6 NAG R . 16.95 -10.28 -23.08
C7 NAG R . 17.58 -16.75 -21.51
C8 NAG R . 16.17 -16.81 -22.04
N2 NAG R . 18.23 -15.59 -21.65
O3 NAG R . 19.21 -14.53 -24.14
O4 NAG R . 19.36 -11.62 -24.20
O5 NAG R . 16.63 -12.27 -21.86
O6 NAG R . 15.62 -10.54 -23.49
O7 NAG R . 18.09 -17.73 -20.97
C1 NAG R . 19.46 -11.83 -25.62
C2 NAG R . 20.77 -11.20 -26.09
C3 NAG R . 20.97 -11.43 -27.58
C4 NAG R . 20.86 -12.91 -27.91
C5 NAG R . 19.52 -13.46 -27.39
C6 NAG R . 19.38 -14.95 -27.59
C7 NAG R . 19.91 -8.90 -26.19
C8 NAG R . 20.12 -7.48 -25.77
N2 NAG R . 20.82 -9.79 -25.77
O3 NAG R . 22.24 -10.95 -27.96
O4 NAG R . 20.94 -13.12 -29.32
O5 NAG R . 19.43 -13.22 -25.98
O6 NAG R . 18.01 -15.31 -27.76
O7 NAG R . 18.96 -9.23 -26.89
C1 BMA R . 22.31 -13.43 -29.64
C2 BMA R . 22.34 -14.03 -31.06
C3 BMA R . 23.79 -14.24 -31.51
C4 BMA R . 24.63 -12.97 -31.29
C5 BMA R . 24.51 -12.52 -29.83
C6 BMA R . 25.29 -11.24 -29.55
O2 BMA R . 21.75 -13.14 -32.00
O3 BMA R . 23.87 -14.65 -32.87
O4 BMA R . 25.99 -13.23 -31.60
O5 BMA R . 23.13 -12.27 -29.55
O6 BMA R . 26.19 -11.03 -30.61
C1 NAG S . 22.60 -25.51 -16.79
C2 NAG S . 23.66 -24.46 -17.14
C3 NAG S . 25.01 -25.11 -17.43
C4 NAG S . 25.40 -26.06 -16.30
C5 NAG S . 24.26 -27.02 -15.97
C6 NAG S . 24.54 -27.88 -14.77
C7 NAG S . 22.78 -23.90 -19.45
C8 NAG S . 22.59 -25.37 -19.76
N2 NAG S . 23.26 -23.57 -18.23
O3 NAG S . 26.00 -24.09 -17.56
O4 NAG S . 26.53 -26.84 -16.69
O5 NAG S . 23.05 -26.28 -15.69
O6 NAG S . 24.33 -27.17 -13.56
O7 NAG S . 22.49 -23.04 -20.27
C1 NAG S . 27.77 -26.14 -16.51
C2 NAG S . 28.84 -27.16 -16.14
C3 NAG S . 30.21 -26.49 -16.05
C4 NAG S . 30.52 -25.75 -17.34
C5 NAG S . 29.40 -24.75 -17.63
C6 NAG S . 29.59 -24.02 -18.94
C7 NAG S . 28.73 -29.12 -14.66
C8 NAG S . 28.33 -29.63 -13.31
N2 NAG S . 28.52 -27.82 -14.88
O3 NAG S . 31.20 -27.48 -15.81
O4 NAG S . 31.76 -25.07 -17.24
O5 NAG S . 28.15 -25.45 -17.72
O6 NAG S . 30.58 -23.02 -18.85
O7 NAG S . 29.23 -29.85 -15.51
C1 BMA S . 32.69 -25.74 -18.12
C2 BMA S . 33.64 -24.68 -18.75
C3 BMA S . 34.69 -25.39 -19.61
C4 BMA S . 35.39 -26.50 -18.81
C5 BMA S . 34.35 -27.47 -18.25
C6 BMA S . 34.95 -28.59 -17.42
O2 BMA S . 34.34 -23.96 -17.75
O3 BMA S . 35.64 -24.49 -20.16
O4 BMA S . 36.30 -27.20 -19.65
O5 BMA S . 33.45 -26.73 -17.40
O6 BMA S . 34.85 -28.26 -16.04
C1 MAN S . 35.45 -24.43 -21.59
C2 MAN S . 36.70 -25.05 -22.27
C3 MAN S . 37.89 -24.09 -22.21
C4 MAN S . 37.49 -22.69 -22.70
C5 MAN S . 36.33 -22.18 -21.85
C6 MAN S . 35.85 -20.80 -22.26
O2 MAN S . 36.47 -25.28 -23.66
O3 MAN S . 39.00 -24.57 -22.96
O4 MAN S . 38.59 -21.80 -22.58
O5 MAN S . 35.21 -23.09 -22.01
O6 MAN S . 34.75 -20.44 -21.43
C1 MAN S . 35.04 -29.45 -15.25
C2 MAN S . 35.53 -28.99 -13.84
C3 MAN S . 36.45 -30.04 -13.25
C4 MAN S . 36.00 -31.45 -13.68
C5 MAN S . 36.20 -31.59 -15.20
C6 MAN S . 35.29 -32.63 -15.82
O2 MAN S . 34.44 -28.86 -12.93
O3 MAN S . 36.50 -29.96 -11.83
O4 MAN S . 36.78 -32.42 -13.01
O5 MAN S . 35.95 -30.33 -15.87
O6 MAN S . 35.29 -33.79 -14.98
C1 NAG T . 30.91 -11.14 19.24
C2 NAG T . 30.42 -12.58 19.40
C3 NAG T . 30.77 -13.10 20.79
C4 NAG T . 32.27 -12.93 21.06
C5 NAG T . 32.69 -11.49 20.80
C6 NAG T . 34.18 -11.28 20.91
C7 NAG T . 28.38 -13.82 18.82
C8 NAG T . 26.89 -13.74 18.64
N2 NAG T . 28.99 -12.68 19.17
O3 NAG T . 30.40 -14.48 20.87
O4 NAG T . 32.56 -13.23 22.42
O5 NAG T . 32.31 -11.08 19.47
O6 NAG T . 34.51 -9.91 21.10
O7 NAG T . 29.00 -14.87 18.66
C1 NAG T . 32.53 -14.65 22.69
C2 NAG T . 33.49 -15.00 23.82
C3 NAG T . 33.40 -16.48 24.15
C4 NAG T . 31.96 -16.87 24.44
C5 NAG T . 31.05 -16.45 23.28
C6 NAG T . 29.58 -16.70 23.55
C7 NAG T . 35.38 -13.44 23.74
C8 NAG T . 36.80 -13.24 23.31
N2 NAG T . 34.85 -14.63 23.46
O3 NAG T . 34.22 -16.76 25.28
O4 NAG T . 31.86 -18.29 24.61
O5 NAG T . 31.19 -15.05 23.04
O6 NAG T . 29.09 -17.80 22.79
O7 NAG T . 34.75 -12.56 24.31
C1 BMA T . 31.95 -18.60 26.02
C2 BMA T . 30.65 -19.34 26.42
C3 BMA T . 30.77 -19.87 27.85
C4 BMA T . 32.08 -20.64 28.05
C5 BMA T . 33.26 -19.75 27.65
C6 BMA T . 34.61 -20.44 27.80
O2 BMA T . 30.42 -20.46 25.58
O3 BMA T . 29.66 -20.71 28.19
O4 BMA T . 32.21 -21.03 29.41
O5 BMA T . 33.10 -19.39 26.27
O6 BMA T . 34.44 -21.54 28.69
C1 NAG U . 34.73 12.23 27.24
C2 NAG U . 35.40 13.56 26.85
C3 NAG U . 34.91 14.70 27.73
C4 NAG U . 33.39 14.79 27.65
C5 NAG U . 32.80 13.46 28.13
C6 NAG U . 31.29 13.43 28.06
C7 NAG U . 37.65 13.72 25.89
C8 NAG U . 36.96 14.13 24.63
N2 NAG U . 36.85 13.46 26.93
O3 NAG U . 35.49 15.93 27.29
O4 NAG U . 32.88 15.89 28.39
O5 NAG U . 33.28 12.41 27.29
O6 NAG U . 30.79 12.14 28.38
O7 NAG U . 38.87 13.63 25.96
C1 NAG U . 33.26 15.88 29.77
C2 NAG U . 33.14 17.33 30.25
C3 NAG U . 33.45 17.42 31.75
C4 NAG U . 32.56 16.47 32.52
C5 NAG U . 32.72 15.05 31.98
C6 NAG U . 31.81 14.05 32.64
C7 NAG U . 35.35 18.07 29.47
C8 NAG U . 36.09 19.06 28.63
N2 NAG U . 34.02 18.21 29.49
O3 NAG U . 33.24 18.76 32.19
O4 NAG U . 32.85 16.51 33.91
O5 NAG U . 32.42 15.04 30.57
O6 NAG U . 32.42 12.77 32.74
O7 NAG U . 35.92 17.18 30.09
C1 BMA U . 31.82 17.30 34.53
C2 BMA U . 31.30 16.56 35.78
C3 BMA U . 30.25 17.42 36.49
C4 BMA U . 30.80 18.84 36.74
C5 BMA U . 31.29 19.46 35.43
C6 BMA U . 31.89 20.85 35.61
O2 BMA U . 32.35 16.33 36.71
O3 BMA U . 29.81 16.83 37.70
O4 BMA U . 29.77 19.66 37.29
O5 BMA U . 32.31 18.60 34.89
O6 BMA U . 33.11 20.72 36.33
C1 MAN U . 28.42 16.47 37.55
C2 MAN U . 27.77 16.46 38.95
C3 MAN U . 28.22 15.23 39.75
C4 MAN U . 28.06 13.95 38.92
C5 MAN U . 28.84 14.10 37.62
C6 MAN U . 28.73 12.88 36.73
O2 MAN U . 26.34 16.36 38.87
O3 MAN U . 27.52 15.11 40.98
O4 MAN U . 28.55 12.84 39.65
O5 MAN U . 28.31 15.22 36.89
O6 MAN U . 29.72 12.98 35.70
C1 NAG V . 29.14 -4.29 -1.50
C2 NAG V . 29.81 -4.28 -2.88
C3 NAG V . 31.19 -4.93 -2.80
C4 NAG V . 32.02 -4.26 -1.72
C5 NAG V . 31.27 -4.30 -0.39
C6 NAG V . 31.99 -3.57 0.72
C7 NAG V . 29.09 -4.74 -5.18
C8 NAG V . 28.16 -5.53 -6.06
N2 NAG V . 28.98 -4.96 -3.87
O3 NAG V . 31.84 -4.82 -4.05
O4 NAG V . 33.27 -4.94 -1.58
O5 NAG V . 30.00 -3.66 -0.54
O6 NAG V . 31.08 -2.97 1.62
O7 NAG V . 29.89 -3.94 -5.64
C1 NAG V . 34.31 -4.21 -2.25
C2 NAG V . 35.51 -5.14 -2.44
C3 NAG V . 36.65 -4.45 -3.20
C4 NAG V . 36.12 -3.84 -4.50
C5 NAG V . 34.92 -2.94 -4.20
C6 NAG V . 34.29 -2.36 -5.44
C7 NAG V . 36.32 -5.13 -0.05
C8 NAG V . 36.14 -3.64 0.02
N2 NAG V . 35.99 -5.75 -1.20
O3 NAG V . 37.65 -5.41 -3.50
O4 NAG V . 37.13 -3.08 -5.12
O5 NAG V . 33.90 -3.70 -3.53
O6 NAG V . 33.73 -3.37 -6.27
O7 NAG V . 36.72 -5.77 0.93
C1 BMA V . 37.88 -3.93 -6.01
C2 BMA V . 38.11 -3.18 -7.35
C3 BMA V . 39.00 -4.04 -8.24
C4 BMA V . 40.30 -4.41 -7.50
C5 BMA V . 39.95 -5.17 -6.22
C6 BMA V . 41.16 -5.56 -5.40
O2 BMA V . 38.78 -1.96 -7.14
O3 BMA V . 39.24 -3.46 -9.55
O4 BMA V . 41.13 -5.23 -8.32
O5 BMA V . 39.13 -4.30 -5.41
O6 BMA V . 41.23 -6.99 -5.38
C1 MAN V . 40.28 -2.46 -9.56
C2 MAN V . 39.66 -1.15 -10.11
C3 MAN V . 39.38 -1.28 -11.60
C4 MAN V . 40.62 -1.78 -12.35
C5 MAN V . 41.09 -3.10 -11.74
C6 MAN V . 42.35 -3.65 -12.39
O2 MAN V . 40.57 -0.06 -9.97
O3 MAN V . 38.93 -0.05 -12.15
O4 MAN V . 40.32 -1.96 -13.72
O5 MAN V . 41.38 -2.90 -10.34
O6 MAN V . 43.39 -2.70 -12.18
C1 MAN V . 42.39 -7.39 -6.12
C2 MAN V . 41.96 -8.52 -7.10
C3 MAN V . 41.64 -9.80 -6.32
C4 MAN V . 42.80 -10.15 -5.37
C5 MAN V . 43.09 -8.97 -4.44
C6 MAN V . 44.25 -9.23 -3.51
O2 MAN V . 43.01 -8.87 -7.99
O3 MAN V . 41.36 -10.90 -7.18
O4 MAN V . 42.45 -11.29 -4.59
O5 MAN V . 43.42 -7.83 -5.24
O6 MAN V . 44.40 -8.09 -2.66
C1 NAG W . -26.70 11.17 -9.75
C2 NAG W . -28.13 11.32 -10.26
C3 NAG W . -28.62 12.75 -10.05
C4 NAG W . -28.44 13.16 -8.59
C5 NAG W . -27.01 12.88 -8.11
C6 NAG W . -26.84 13.12 -6.62
C7 NAG W . -28.57 9.78 -12.16
C8 NAG W . -28.93 8.71 -11.16
N2 NAG W . -28.21 10.97 -11.68
O3 NAG W . -29.99 12.85 -10.41
O4 NAG W . -28.69 14.56 -8.46
O5 NAG W . -26.67 11.52 -8.36
O6 NAG W . -27.20 11.96 -5.88
O7 NAG W . -28.60 9.56 -13.38
C1 NAG W . -30.04 14.81 -8.03
C2 NAG W . -30.28 16.31 -8.15
C3 NAG W . -31.71 16.66 -7.78
C4 NAG W . -32.69 15.83 -8.60
C5 NAG W . -32.37 14.35 -8.43
C6 NAG W . -33.23 13.45 -9.30
C7 NAG W . -29.21 16.89 -6.02
C8 NAG W . -28.18 17.75 -5.34
N2 NAG W . -29.34 17.06 -7.34
O3 NAG W . -31.95 18.05 -8.00
O4 NAG W . -34.02 16.07 -8.17
O5 NAG W . -31.00 14.10 -8.83
O6 NAG W . -33.43 12.18 -8.69
O7 NAG W . -29.88 16.07 -5.40
C1 BMA W . -34.59 17.08 -9.04
C2 BMA W . -36.13 17.08 -8.85
C3 BMA W . -36.75 18.23 -9.65
C4 BMA W . -36.03 19.56 -9.34
C5 BMA W . -34.52 19.41 -9.60
C6 BMA W . -33.74 20.67 -9.29
O2 BMA W . -36.47 17.28 -7.50
O3 BMA W . -38.13 18.36 -9.38
O4 BMA W . -36.55 20.58 -10.18
O5 BMA W . -34.04 18.36 -8.75
O6 BMA W . -34.67 21.76 -9.19
C1 NAG X . -29.06 8.09 -23.16
C2 NAG X . -28.98 9.59 -22.88
C3 NAG X . -29.66 10.39 -24.00
C4 NAG X . -29.13 9.96 -25.36
C5 NAG X . -29.19 8.43 -25.50
C6 NAG X . -28.56 7.93 -26.79
C7 NAG X . -30.68 9.66 -21.01
C8 NAG X . -31.60 8.77 -21.80
N2 NAG X . -29.49 9.97 -21.57
O3 NAG X . -29.38 11.77 -23.80
O4 NAG X . -29.94 10.51 -26.40
O5 NAG X . -28.48 7.80 -24.42
O6 NAG X . -27.15 7.86 -26.68
O7 NAG X . -30.97 10.05 -19.89
C1 NAG X . -29.58 11.87 -26.69
C2 NAG X . -29.84 12.11 -28.18
C3 NAG X . -29.57 13.57 -28.55
C4 NAG X . -30.38 14.48 -27.64
C5 NAG X . -30.06 14.17 -26.18
C6 NAG X . -30.89 14.99 -25.22
C7 NAG X . -29.47 10.60 -30.09
C8 NAG X . -28.48 9.73 -30.81
N2 NAG X . -29.01 11.22 -29.00
O3 NAG X . -29.92 13.79 -29.90
O4 NAG X . -30.09 15.85 -27.93
O5 NAG X . -30.35 12.79 -25.92
O6 NAG X . -30.42 16.33 -25.13
O7 NAG X . -30.62 10.75 -30.49
C1 BMA X . -31.26 16.42 -28.56
C2 BMA X . -31.40 17.90 -28.09
C3 BMA X . -32.58 18.53 -28.82
C4 BMA X . -32.47 18.34 -30.34
C5 BMA X . -32.34 16.84 -30.66
C6 BMA X . -32.20 16.55 -32.14
O2 BMA X . -30.25 18.65 -28.43
O3 BMA X . -32.72 19.92 -28.50
O4 BMA X . -33.62 18.87 -30.98
O5 BMA X . -31.17 16.34 -29.98
O6 BMA X . -30.82 16.37 -32.44
C1 MAN X . -33.93 20.09 -27.73
C2 MAN X . -34.94 20.91 -28.58
C3 MAN X . -34.54 22.38 -28.62
C4 MAN X . -34.27 22.92 -27.21
C5 MAN X . -33.18 22.08 -26.56
C6 MAN X . -32.85 22.53 -25.15
O2 MAN X . -36.25 20.89 -28.01
O3 MAN X . -35.54 23.18 -29.28
O4 MAN X . -33.86 24.27 -27.28
O5 MAN X . -33.64 20.72 -26.48
O6 MAN X . -31.85 21.67 -24.63
C1 MAN X . -30.69 15.71 -33.72
C2 MAN X . -29.31 16.08 -34.30
C3 MAN X . -29.37 16.12 -35.82
C4 MAN X . -30.36 15.07 -36.33
C5 MAN X . -31.78 15.47 -35.91
C6 MAN X . -32.74 14.28 -35.83
O2 MAN X . -28.33 15.09 -33.98
O3 MAN X . -28.09 15.92 -36.41
O4 MAN X . -30.30 15.02 -37.75
O5 MAN X . -31.76 16.10 -34.59
O6 MAN X . -32.54 13.48 -36.98
C1 NAG Y . 8.53 15.15 -33.64
C2 NAG Y . 8.04 13.93 -34.42
C3 NAG Y . 8.99 13.66 -35.59
C4 NAG Y . 9.17 14.90 -36.45
C5 NAG Y . 9.57 16.09 -35.58
C6 NAG Y . 9.61 17.40 -36.35
C7 NAG Y . 7.15 11.72 -33.85
C8 NAG Y . 7.17 10.60 -32.86
N2 NAG Y . 7.93 12.77 -33.57
O3 NAG Y . 8.44 12.58 -36.36
O4 NAG Y . 10.19 14.70 -37.42
O5 NAG Y . 8.63 16.28 -34.51
O6 NAG Y . 10.41 18.37 -35.68
O7 NAG Y . 6.46 11.68 -34.86
C1 NAG Y . 9.76 13.84 -38.49
C2 NAG Y . 10.50 14.20 -39.78
C3 NAG Y . 10.10 13.25 -40.90
C4 NAG Y . 10.30 11.80 -40.47
C5 NAG Y . 9.57 11.53 -39.15
C6 NAG Y . 9.82 10.15 -38.60
C7 NAG Y . 11.00 16.61 -39.75
C8 NAG Y . 10.57 17.96 -40.25
N2 NAG Y . 10.24 15.57 -40.16
O3 NAG Y . 10.89 13.52 -42.05
O4 NAG Y . 9.80 10.92 -41.46
O5 NAG Y . 10.00 12.47 -38.15
O6 NAG Y . 8.68 9.32 -38.72
O7 NAG Y . 11.96 16.45 -39.02
C1 BMA Y . 10.87 10.53 -42.34
C2 BMA Y . 11.00 8.99 -42.27
C3 BMA Y . 11.98 8.49 -43.34
C4 BMA Y . 11.68 9.10 -44.72
C5 BMA Y . 11.64 10.63 -44.60
C6 BMA Y . 11.32 11.31 -45.92
O2 BMA Y . 9.75 8.37 -42.55
O3 BMA Y . 11.99 7.07 -43.43
O4 BMA Y . 12.66 8.71 -45.65
O5 BMA Y . 10.62 10.99 -43.66
O6 BMA Y . 11.60 10.40 -46.97
C1 NAG Z . 26.26 29.33 -23.17
C2 NAG Z . 26.49 30.68 -22.48
C3 NAG Z . 27.84 30.71 -21.77
C4 NAG Z . 27.94 29.54 -20.80
C5 NAG Z . 27.80 28.25 -21.58
C6 NAG Z . 27.85 27.02 -20.70
C7 NAG Z . 25.54 32.80 -23.23
C8 NAG Z . 24.70 32.74 -21.99
N2 NAG Z . 26.38 31.78 -23.41
O3 NAG Z . 27.99 31.94 -21.07
O4 NAG Z . 29.15 29.57 -20.05
O5 NAG Z . 26.52 28.23 -22.23
O6 NAG Z . 27.53 25.84 -21.43
O7 NAG Z . 25.45 33.73 -24.03
C1 NAG Z . 30.33 29.59 -20.87
C2 NAG Z . 31.44 30.20 -20.01
C3 NAG Z . 32.77 30.20 -20.76
C4 NAG Z . 33.08 28.79 -21.23
C5 NAG Z . 31.93 28.25 -22.08
C6 NAG Z . 32.13 26.83 -22.52
C7 NAG Z . 30.89 32.56 -20.44
C8 NAG Z . 30.53 33.88 -19.83
N2 NAG Z . 31.10 31.56 -19.59
O3 NAG Z . 33.80 30.68 -19.92
O4 NAG Z . 34.29 28.76 -21.97
O5 NAG Z . 30.72 28.29 -21.31
O6 NAG Z . 31.54 26.58 -23.79
O7 NAG Z . 30.96 32.40 -21.66
C1 BMA Z . 35.31 28.24 -21.09
C2 BMA Z . 36.10 27.14 -21.84
C3 BMA Z . 37.22 26.62 -20.95
C4 BMA Z . 38.07 27.78 -20.39
C5 BMA Z . 37.16 28.80 -19.68
C6 BMA Z . 37.91 30.00 -19.13
O2 BMA Z . 36.72 27.67 -23.01
O3 BMA Z . 38.05 25.69 -21.63
O4 BMA Z . 39.02 27.28 -19.47
O5 BMA Z . 36.19 29.26 -20.63
O6 BMA Z . 38.35 30.78 -20.23
C1 MAN Z . 37.87 24.39 -21.01
C2 MAN Z . 39.16 23.56 -21.25
C3 MAN Z . 39.23 23.10 -22.71
C4 MAN Z . 37.92 22.45 -23.16
C5 MAN Z . 36.77 23.44 -22.94
C6 MAN Z . 35.42 22.86 -23.33
O2 MAN Z . 39.16 22.36 -20.48
O3 MAN Z . 40.32 22.21 -22.93
O4 MAN Z . 37.99 22.10 -24.53
O5 MAN Z . 36.71 23.76 -21.54
O6 MAN Z . 34.48 23.94 -23.39
C1 NAG AA . -6.23 21.78 -18.88
C2 NAG AA . -7.49 22.62 -18.66
C3 NAG AA . -7.86 23.37 -19.94
C4 NAG AA . -6.67 24.18 -20.43
C5 NAG AA . -5.45 23.27 -20.60
C6 NAG AA . -4.20 24.03 -21.00
C7 NAG AA . -9.65 22.26 -17.56
C8 NAG AA . -10.70 21.26 -17.18
N2 NAG AA . -8.59 21.79 -18.22
O3 NAG AA . -8.96 24.23 -19.68
O4 NAG AA . -6.99 24.80 -21.68
O5 NAG AA . -5.16 22.62 -19.36
O6 NAG AA . -3.04 23.41 -20.47
O7 NAG AA . -9.76 23.45 -17.28
C1 NAG AA . -7.32 26.19 -21.47
C2 NAG AA . -8.05 26.69 -22.73
C3 NAG AA . -8.50 28.15 -22.57
C4 NAG AA . -9.28 28.32 -21.28
C5 NAG AA . -8.48 27.78 -20.09
C6 NAG AA . -9.24 27.83 -18.79
C7 NAG AA . -6.02 26.86 -24.23
C8 NAG AA . -5.24 27.52 -23.13
N2 NAG AA . -7.30 26.50 -23.97
O3 NAG AA . -9.30 28.51 -23.68
O4 NAG AA . -9.57 29.69 -21.05
O5 NAG AA . -8.16 26.39 -20.33
O6 NAG AA . -10.38 26.99 -18.81
O7 NAG AA . -5.51 26.63 -25.32
C1 BMA AA . -10.82 30.01 -21.69
C2 BMA AA . -11.66 30.89 -20.73
C3 BMA AA . -12.94 31.31 -21.45
C4 BMA AA . -12.58 32.02 -22.78
C5 BMA AA . -11.78 31.05 -23.65
C6 BMA AA . -11.36 31.65 -24.98
O2 BMA AA . -10.95 32.05 -20.35
O3 BMA AA . -13.83 32.09 -20.62
O4 BMA AA . -13.76 32.42 -23.46
O5 BMA AA . -10.58 30.70 -22.92
O6 BMA AA . -12.02 30.94 -26.01
C1 MAN AA . -13.47 33.49 -20.51
C2 MAN AA . -13.27 33.82 -19.02
C3 MAN AA . -14.60 33.83 -18.30
C4 MAN AA . -15.62 34.72 -19.03
C5 MAN AA . -15.75 34.24 -20.48
C6 MAN AA . -16.70 35.10 -21.30
O2 MAN AA . -12.72 35.13 -18.84
O3 MAN AA . -14.48 34.26 -16.94
O4 MAN AA . -16.88 34.66 -18.39
O5 MAN AA . -14.46 34.30 -21.11
O6 MAN AA . -16.18 36.43 -21.34
C1 MAN AA . -12.98 31.81 -26.64
C2 MAN AA . -14.32 31.04 -26.75
C3 MAN AA . -14.21 29.92 -27.79
C4 MAN AA . -13.66 30.46 -29.12
C5 MAN AA . -12.31 31.16 -28.87
C6 MAN AA . -11.72 31.77 -30.13
O2 MAN AA . -15.37 31.89 -27.21
O3 MAN AA . -15.46 29.28 -28.00
O4 MAN AA . -13.48 29.40 -30.04
O5 MAN AA . -12.50 32.22 -27.91
O6 MAN AA . -10.46 32.33 -29.79
C1 NAG BA . -27.77 -1.25 29.46
C2 NAG BA . -29.07 -2.06 29.48
C3 NAG BA . -29.12 -2.97 30.72
C4 NAG BA . -27.85 -3.81 30.80
C5 NAG BA . -26.62 -2.91 30.74
C6 NAG BA . -25.32 -3.69 30.73
C7 NAG BA . -30.63 -0.17 30.08
C8 NAG BA . -29.66 0.33 31.12
N2 NAG BA . -30.29 -1.26 29.37
O3 NAG BA . -30.26 -3.83 30.61
O4 NAG BA . -27.83 -4.54 32.03
O5 NAG BA . -26.65 -2.13 29.54
O6 NAG BA . -24.72 -3.71 32.01
O7 NAG BA . -31.68 0.42 29.88
C1 NAG CA . -21.41 44.73 23.52
C2 NAG CA . -22.74 45.49 23.66
C3 NAG CA . -23.86 44.68 22.99
C4 NAG CA . -23.49 44.36 21.54
C5 NAG CA . -22.13 43.67 21.50
C6 NAG CA . -21.64 43.42 20.08
C7 NAG CA . -23.64 46.83 25.55
C8 NAG CA . -23.97 47.92 24.57
N2 NAG CA . -23.06 45.72 25.06
O3 NAG CA . -25.08 45.42 23.02
O4 NAG CA . -24.48 43.51 20.96
O5 NAG CA . -21.14 44.48 22.14
O6 NAG CA . -21.66 42.04 19.76
O7 NAG CA . -23.86 46.96 26.75
C1 NAG DA . -27.29 36.88 28.56
C2 NAG DA . -28.74 36.47 28.30
C3 NAG DA . -29.69 37.45 28.98
C4 NAG DA . -29.35 37.57 30.46
C5 NAG DA . -27.87 37.92 30.64
C6 NAG DA . -27.44 37.93 32.09
C7 NAG DA . -29.83 35.53 26.31
C8 NAG DA . -30.00 35.62 24.82
N2 NAG DA . -29.01 36.42 26.87
O3 NAG DA . -31.03 36.99 28.83
O4 NAG DA . -30.15 38.58 31.07
O5 NAG DA . -27.06 36.95 29.97
O6 NAG DA . -27.77 36.71 32.74
O7 NAG DA . -30.42 34.68 26.97
C1 NAG EA . -11.27 52.25 16.29
C2 NAG EA . -11.95 51.75 15.01
C3 NAG EA . -12.42 52.93 14.17
C4 NAG EA . -13.28 53.86 15.00
C5 NAG EA . -12.53 54.29 16.26
C6 NAG EA . -13.37 55.13 17.19
C7 NAG EA . -11.00 49.56 14.42
C8 NAG EA . -10.04 48.83 13.54
N2 NAG EA . -11.07 50.88 14.24
O3 NAG EA . -13.16 52.44 13.05
O4 NAG EA . -13.60 55.03 14.24
O5 NAG EA . -12.14 53.12 17.00
O6 NAG EA . -14.70 54.63 17.32
O7 NAG EA . -11.69 48.99 15.26
C1 NAG FA . -17.50 32.80 55.51
C2 NAG FA . -17.98 33.16 56.91
C3 NAG FA . -18.60 31.95 57.58
C4 NAG FA . -19.71 31.36 56.70
C5 NAG FA . -19.17 31.08 55.31
C6 NAG FA . -20.23 30.61 54.34
C7 NAG FA . -16.59 34.98 57.83
C8 NAG FA . -15.43 35.32 58.70
N2 NAG FA . -16.87 33.68 57.72
O3 NAG FA . -19.15 32.33 58.84
O4 NAG FA . -20.19 30.15 57.28
O5 NAG FA . -18.60 32.28 54.75
O6 NAG FA . -21.28 29.93 55.02
O7 NAG FA . -17.24 35.84 57.24
C1 NAG GA . -27.15 8.49 20.85
C2 NAG GA . -28.30 7.49 20.99
C3 NAG GA . -29.06 7.38 19.67
C4 NAG GA . -29.50 8.74 19.19
C5 NAG GA . -28.31 9.70 19.13
C6 NAG GA . -28.71 11.11 18.78
C7 NAG GA . -28.46 5.42 22.30
C8 NAG GA . -29.75 5.97 22.83
N2 NAG GA . -27.81 6.19 21.42
O3 NAG GA . -30.20 6.53 19.86
O4 NAG GA . -30.08 8.64 17.90
O5 NAG GA . -27.67 9.75 20.41
O6 NAG GA . -30.00 11.43 19.26
O7 NAG GA . -28.03 4.33 22.65
C1 NAG HA . -0.27 14.30 29.51
C2 NAG HA . 0.79 14.30 30.61
C3 NAG HA . 1.75 13.12 30.42
C4 NAG HA . 0.97 11.82 30.32
C5 NAG HA . -0.10 11.92 29.23
C6 NAG HA . -0.99 10.71 29.15
C7 NAG HA . 1.90 16.16 31.77
C8 NAG HA . 2.65 17.44 31.61
N2 NAG HA . 1.53 15.55 30.63
O3 NAG HA . 2.65 13.06 31.52
O4 NAG HA . 1.86 10.75 30.00
O5 NAG HA . -0.95 13.04 29.49
O6 NAG HA . -0.29 9.52 29.55
O7 NAG HA . 1.64 15.69 32.87
C1 NAG IA . -20.02 10.11 34.65
C2 NAG IA . -19.73 9.22 35.85
C3 NAG IA . -20.71 8.05 35.88
C4 NAG IA . -22.15 8.56 35.82
C5 NAG IA . -22.33 9.49 34.63
C6 NAG IA . -23.70 10.13 34.58
C7 NAG IA . -17.86 7.98 34.83
C8 NAG IA . -16.42 7.57 34.98
N2 NAG IA . -18.36 8.73 35.83
O3 NAG IA . -20.52 7.29 37.07
O4 NAG IA . -23.05 7.47 35.71
O5 NAG IA . -21.37 10.56 34.69
O6 NAG IA . -24.70 9.24 35.02
O7 NAG IA . -18.54 7.66 33.86
C1 NAG JA . -3.81 25.49 44.73
C2 NAG JA . -2.73 24.40 44.72
C3 NAG JA . -1.80 24.54 45.92
C4 NAG JA . -1.30 25.97 46.07
C5 NAG JA . -2.49 26.92 46.04
C6 NAG JA . -2.06 28.36 46.21
C7 NAG JA . -4.07 22.60 43.71
C8 NAG JA . -4.74 21.28 43.94
N2 NAG JA . -3.33 23.07 44.72
O3 NAG JA . -0.71 23.61 45.79
O4 NAG JA . -0.70 26.19 47.35
O5 NAG JA . -3.20 26.77 44.82
O6 NAG JA . -0.69 28.36 46.58
O7 NAG JA . -4.18 23.19 42.65
C1 NAG KA . 27.89 -29.48 1.83
C2 NAG KA . 27.66 -30.99 1.99
C3 NAG KA . 28.31 -31.76 0.84
C4 NAG KA . 27.87 -31.19 -0.50
C5 NAG KA . 28.12 -29.69 -0.55
C6 NAG KA . 27.61 -29.05 -1.81
C7 NAG KA . 29.24 -31.35 3.93
C8 NAG KA . 30.28 -30.51 3.26
N2 NAG KA . 28.06 -31.52 3.29
O3 NAG KA . 27.94 -33.13 0.92
O4 NAG KA . 28.59 -31.82 -1.56
O5 NAG KA . 27.43 -29.05 0.54
O6 NAG KA . 28.66 -28.82 -2.74
O7 NAG KA . 29.44 -31.87 5.02
C1 NAG LA . 43.80 1.68 32.94
C2 NAG LA . 44.40 0.96 34.15
C3 NAG LA . 43.54 -0.24 34.51
C4 NAG LA . 42.09 0.17 34.72
C5 NAG LA . 41.59 0.92 33.49
C6 NAG LA . 40.19 1.47 33.66
C7 NAG LA . 46.78 0.57 34.77
C8 NAG LA . 46.47 1.08 36.15
N2 NAG LA . 45.77 0.54 33.89
O3 NAG LA . 44.03 -0.86 35.70
O4 NAG LA . 41.28 -0.98 34.94
O5 NAG LA . 42.44 2.04 33.22
O6 NAG LA . 39.26 0.78 32.83
O7 NAG LA . 47.91 0.19 34.46
C1 NAG MA . 45.08 -8.35 28.54
C2 NAG MA . 44.80 -9.71 29.20
C3 NAG MA . 45.96 -10.10 30.11
C4 NAG MA . 47.27 -10.04 29.35
C5 NAG MA . 47.45 -8.68 28.68
C6 NAG MA . 48.68 -8.61 27.80
C7 NAG MA . 42.72 -10.72 30.03
C8 NAG MA . 41.48 -10.50 30.85
N2 NAG MA . 43.55 -9.67 29.95
O3 NAG MA . 45.74 -11.41 30.62
O4 NAG MA . 48.36 -10.27 30.24
O5 NAG MA . 46.32 -8.41 27.83
O6 NAG MA . 48.70 -9.66 26.85
O7 NAG MA . 42.97 -11.79 29.48
C1 NAG NA . 52.88 1.82 -0.36
C2 NAG NA . 54.32 1.36 -0.10
C3 NAG NA . 54.98 0.87 -1.39
C4 NAG NA . 54.14 -0.26 -1.94
C5 NAG NA . 52.72 0.24 -2.15
C6 NAG NA . 51.89 -0.92 -2.69
C7 NAG NA . 56.45 2.15 0.77
C8 NAG NA . 57.21 3.26 1.42
N2 NAG NA . 55.15 2.38 0.50
O3 NAG NA . 56.29 0.39 -1.13
O4 NAG NA . 54.69 -0.73 -3.18
O5 NAG NA . 52.17 0.71 -0.92
O6 NAG NA . 52.74 -1.75 -3.48
O7 NAG NA . 56.98 1.09 0.49
C1 NAG OA . 40.00 15.47 35.59
C2 NAG OA . 38.71 14.88 36.18
C3 NAG OA . 38.56 15.31 37.64
C4 NAG OA . 39.82 14.95 38.43
C5 NAG OA . 41.05 15.54 37.75
C6 NAG OA . 42.34 15.13 38.41
C7 NAG OA . 37.10 14.60 34.36
C8 NAG OA . 35.89 15.16 33.68
N2 NAG OA . 37.55 15.28 35.41
O3 NAG OA . 37.44 14.66 38.20
O4 NAG OA . 39.73 15.47 39.75
O5 NAG OA . 41.12 15.08 36.38
O6 NAG OA . 42.35 13.76 38.76
O7 NAG OA . 37.64 13.57 33.97
C1 NAG PA . 65.78 -7.87 8.29
C2 NAG PA . 67.23 -8.34 8.18
C3 NAG PA . 67.31 -9.64 7.40
C4 NAG PA . 66.37 -10.68 8.00
C5 NAG PA . 64.96 -10.12 8.10
C6 NAG PA . 63.99 -11.06 8.80
C7 NAG PA . 68.74 -6.41 8.27
C8 NAG PA . 69.55 -5.42 7.47
N2 NAG PA . 68.06 -7.32 7.57
O3 NAG PA . 68.64 -10.13 7.41
O4 NAG PA . 66.34 -11.85 7.17
O5 NAG PA . 64.98 -8.90 8.87
O6 NAG PA . 64.38 -12.42 8.62
O7 NAG PA . 68.70 -6.37 9.50
C1 NAG QA . 24.89 -22.01 12.07
C2 NAG QA . 24.66 -23.53 11.95
C3 NAG QA . 23.53 -23.96 12.88
C4 NAG QA . 23.79 -23.48 14.31
C5 NAG QA . 24.07 -21.98 14.32
C6 NAG QA . 24.48 -21.46 15.68
C7 NAG QA . 24.85 -25.03 10.03
C8 NAG QA . 25.70 -25.89 10.90
N2 NAG QA . 24.38 -23.91 10.58
O3 NAG QA . 23.40 -25.37 12.86
O4 NAG QA . 22.68 -23.75 15.13
O5 NAG QA . 25.16 -21.67 13.43
O6 NAG QA . 25.17 -22.44 16.42
O7 NAG QA . 24.59 -25.34 8.87
C1 NAG RA . 32.54 1.38 -2.93
C2 NAG RA . 33.41 2.02 -4.01
C3 NAG RA . 32.59 2.21 -5.29
C4 NAG RA . 31.95 0.89 -5.71
C5 NAG RA . 31.16 0.30 -4.56
C6 NAG RA . 30.60 -1.08 -4.87
C7 NAG RA . 35.20 3.69 -3.82
C8 NAG RA . 35.59 5.03 -3.28
N2 NAG RA . 33.95 3.29 -3.56
O3 NAG RA . 33.43 2.71 -6.33
O4 NAG RA . 31.08 1.11 -6.82
O5 NAG RA . 32.00 0.14 -3.41
O6 NAG RA . 30.32 -1.22 -6.25
O7 NAG RA . 35.97 3.00 -4.48
C1 NAG SA . 37.02 -18.05 3.05
C2 NAG SA . 37.62 -18.55 1.74
C3 NAG SA . 37.20 -19.98 1.47
C4 NAG SA . 37.54 -20.86 2.67
C5 NAG SA . 36.94 -20.28 3.94
C6 NAG SA . 37.35 -21.03 5.19
C7 NAG SA . 35.96 -17.48 0.26
C8 NAG SA . 35.75 -16.57 -0.90
N2 NAG SA . 37.24 -17.68 0.63
O3 NAG SA . 37.87 -20.47 0.31
O4 NAG SA . 37.02 -22.17 2.47
O5 NAG SA . 37.40 -18.93 4.12
O6 NAG SA . 37.40 -22.43 4.95
O7 NAG SA . 35.03 -18.02 0.85
C1 NAG TA . -15.09 6.33 -37.04
C2 NAG TA . -15.65 5.28 -38.02
C3 NAG TA . -17.08 5.63 -38.44
C4 NAG TA . -17.95 5.86 -37.20
C5 NAG TA . -17.29 6.89 -36.28
C6 NAG TA . -18.05 7.09 -35.00
C7 NAG TA . -14.26 5.96 -40.03
C8 NAG TA . -14.54 7.41 -39.75
N2 NAG TA . -14.80 5.05 -39.18
O3 NAG TA . -17.62 4.56 -39.21
O4 NAG TA . -19.23 6.33 -37.59
O5 NAG TA . -15.97 6.45 -35.91
O6 NAG TA . -18.86 8.27 -35.05
O7 NAG TA . -13.57 5.61 -40.97
C1 NAG UA . 25.43 29.76 -38.15
C2 NAG UA . 26.09 29.60 -39.52
C3 NAG UA . 25.92 28.16 -40.01
C4 NAG UA . 26.42 27.18 -38.96
C5 NAG UA . 25.75 27.44 -37.62
C6 NAG UA . 26.29 26.58 -36.51
C7 NAG UA . 26.23 31.18 -41.44
C8 NAG UA . 27.70 30.91 -41.51
N2 NAG UA . 25.53 30.54 -40.48
O3 NAG UA . 26.61 27.97 -41.24
O4 NAG UA . 26.15 25.85 -39.37
O5 NAG UA . 25.97 28.80 -37.23
O6 NAG UA . 25.33 25.62 -36.09
O7 NAG UA . 25.67 31.95 -42.22
C1 NAG VA . 16.70 26.26 -43.91
C2 NAG VA . 16.67 25.17 -44.97
C3 NAG VA . 17.18 25.70 -46.30
C4 NAG VA . 16.41 26.95 -46.70
C5 NAG VA . 16.45 27.97 -45.56
C6 NAG VA . 15.60 29.20 -45.84
C7 NAG VA . 17.12 22.74 -44.82
C8 NAG VA . 18.05 21.69 -44.31
N2 NAG VA . 17.46 24.01 -44.55
O3 NAG VA . 17.03 24.71 -47.30
O4 NAG VA . 16.98 27.52 -47.86
O5 NAG VA . 15.94 27.38 -44.35
O6 NAG VA . 14.27 28.84 -46.16
O7 NAG VA . 16.09 22.47 -45.45
C1 NAG WA . 34.61 33.63 -27.53
C2 NAG WA . 34.98 32.15 -27.46
C3 NAG WA . 36.48 31.97 -27.70
C4 NAG WA . 36.88 32.63 -29.01
C5 NAG WA . 36.43 34.10 -29.02
C6 NAG WA . 36.70 34.79 -30.34
C7 NAG WA . 33.39 31.03 -25.95
C8 NAG WA . 33.17 30.49 -24.56
N2 NAG WA . 34.60 31.58 -26.18
O3 NAG WA . 36.78 30.58 -27.75
O4 NAG WA . 38.29 32.58 -29.16
O5 NAG WA . 35.02 34.17 -28.79
O6 NAG WA . 36.35 33.97 -31.44
O7 NAG WA . 32.53 30.98 -26.81
C1 NAG XA . -2.74 47.53 -46.69
C2 NAG XA . -3.19 48.47 -47.81
C3 NAG XA . -4.51 48.00 -48.41
C4 NAG XA . -4.38 46.55 -48.86
C5 NAG XA . -3.88 45.68 -47.70
C6 NAG XA . -3.62 44.25 -48.10
C7 NAG XA . -2.34 50.74 -47.38
C8 NAG XA . -2.66 52.10 -46.82
N2 NAG XA . -3.33 49.84 -47.32
O3 NAG XA . -4.84 48.81 -49.53
O4 NAG XA . -5.65 46.06 -49.29
O5 NAG XA . -2.64 46.21 -47.20
O6 NAG XA . -4.46 43.85 -49.18
O7 NAG XA . -1.24 50.48 -47.85
C1 NAG YA . -2.32 5.84 -34.59
C2 NAG YA . -3.10 4.85 -35.45
C3 NAG YA . -2.38 3.50 -35.49
C4 NAG YA . -0.94 3.68 -35.95
C5 NAG YA . -0.25 4.73 -35.06
C6 NAG YA . 1.15 5.04 -35.53
C7 NAG YA . -5.52 4.58 -35.77
C8 NAG YA . -5.24 4.62 -37.24
N2 NAG YA . -4.46 4.69 -34.96
O3 NAG YA . -3.07 2.63 -36.39
O4 NAG YA . -0.25 2.45 -35.84
O5 NAG YA . -0.98 5.96 -35.09
O6 NAG YA . 1.28 4.92 -36.94
O7 NAG YA . -6.66 4.44 -35.32
C1 NAG ZA . -5.12 27.91 -16.29
C2 NAG ZA . -5.84 29.19 -15.86
C3 NAG ZA . -6.79 28.89 -14.71
C4 NAG ZA . -7.73 27.75 -15.07
C5 NAG ZA . -6.93 26.54 -15.53
C6 NAG ZA . -7.80 25.41 -16.03
C7 NAG ZA . -5.06 31.52 -15.80
C8 NAG ZA . -3.98 32.45 -15.34
N2 NAG ZA . -4.89 30.23 -15.49
O3 NAG ZA . -7.54 30.06 -14.39
O4 NAG ZA . -8.51 27.39 -13.94
O5 NAG ZA . -6.08 26.91 -16.63
O6 NAG ZA . -9.06 25.40 -15.36
O7 NAG ZA . -6.04 31.91 -16.42
C1 NAG AB . -9.48 19.72 -34.92
C2 NAG AB . -10.92 20.21 -35.05
C3 NAG AB . -11.79 19.14 -35.69
C4 NAG AB . -11.19 18.67 -37.00
C5 NAG AB . -9.73 18.25 -36.81
C6 NAG AB . -9.04 17.90 -38.10
C7 NAG AB . -11.56 19.76 -32.72
C8 NAG AB . -12.13 20.33 -31.46
N2 NAG AB . -11.45 20.60 -33.74
O3 NAG AB . -13.09 19.66 -35.90
O4 NAG AB . -11.93 17.58 -37.52
O5 NAG AB . -8.99 19.32 -36.21
O6 NAG AB . -9.92 17.25 -39.00
O7 NAG AB . -11.22 18.58 -32.80
C1 NAG BB . -3.74 44.03 -28.88
C2 NAG BB . -4.69 44.36 -27.74
C3 NAG BB . -6.11 44.06 -28.16
C4 NAG BB . -6.41 44.84 -29.42
C5 NAG BB . -5.39 44.50 -30.50
C6 NAG BB . -5.75 45.31 -31.73
C7 NAG BB . -3.77 44.26 -25.52
C8 NAG BB . -2.89 43.42 -24.64
N2 NAG BB . -4.37 43.64 -26.53
O3 NAG BB . -7.02 44.45 -27.13
O4 NAG BB . -7.71 44.51 -29.91
O5 NAG BB . -4.06 44.78 -30.05
O6 NAG BB . -7.16 45.52 -31.74
O7 NAG BB . -3.92 45.46 -25.33
#